data_3STH
#
_entry.id   3STH
#
_cell.length_a   103.367
_cell.length_b   104.322
_cell.length_c   146.625
_cell.angle_alpha   90.00
_cell.angle_beta   90.00
_cell.angle_gamma   90.00
#
_symmetry.space_group_name_H-M   'P 21 21 21'
#
loop_
_entity.id
_entity.type
_entity.pdbx_description
1 polymer 'Glyceraldehyde-3-phosphate dehydrogenase'
2 non-polymer 'SODIUM ION'
3 non-polymer NICOTINAMIDE-ADENINE-DINUCLEOTIDE
4 non-polymer 1,2-ETHANEDIOL
5 non-polymer 'UNKNOWN ATOM OR ION'
6 water water
#
_entity_poly.entity_id   1
_entity_poly.type   'polypeptide(L)'
_entity_poly.pdbx_seq_one_letter_code
;MAHHHHHHMGTLEAQTQGPGSMVCKLGINGFGRIGRLVFRAAMERGDVEVLAINDPFMSLDYMVYLLRYDSVHGHYPGEV
SHKDGKLIVGGKAVTVFNEKEPTAIPWGQAGVHYICESTGIFLTKEKAQAHLTNGAKKVIMSAPPKDDTPMFVMGVNNDQ
YKSSDVIVSNASCTTNCLAPLAKIVHDKFGIVEGLMTTVHAMTANQLTVDGPSKGGKDWRAGRSAGVNIIPASTGAAKAV
GKIIPSLNGKLTGMAFRVPVPDVSVVDLTCKLAKPAKYEDIVAAVKEAATSGPMKGIISYTDEEVVSSDFVHCKFSSVFD
INAGIMLNDTFVKLVSWYDNEWGYSNRLVELAHYMSVQDGA
;
_entity_poly.pdbx_strand_id   A,B,C,D
#
# COMPACT_ATOMS: atom_id res chain seq x y z
N MET A 22 12.03 -39.26 -21.92
CA MET A 22 10.72 -38.83 -21.34
C MET A 22 10.79 -37.56 -20.42
N VAL A 23 11.96 -36.92 -20.35
CA VAL A 23 12.13 -35.69 -19.56
C VAL A 23 12.21 -34.43 -20.44
N CYS A 24 11.47 -33.40 -20.05
CA CYS A 24 11.55 -32.12 -20.71
C CYS A 24 12.78 -31.34 -20.20
N LYS A 25 13.75 -31.15 -21.10
CA LYS A 25 15.00 -30.45 -20.78
C LYS A 25 14.82 -28.96 -21.04
N LEU A 26 14.65 -28.20 -19.96
CA LEU A 26 14.25 -26.80 -20.01
C LEU A 26 15.42 -25.85 -19.73
N GLY A 27 15.44 -24.75 -20.49
CA GLY A 27 16.28 -23.60 -20.19
C GLY A 27 15.41 -22.39 -19.92
N ILE A 28 15.90 -21.47 -19.10
CA ILE A 28 15.14 -20.28 -18.75
C ILE A 28 15.95 -19.05 -19.15
N ASN A 29 15.38 -18.24 -20.06
CA ASN A 29 15.95 -16.96 -20.41
C ASN A 29 15.19 -15.84 -19.71
N GLY A 30 15.88 -15.13 -18.82
CA GLY A 30 15.23 -14.11 -17.99
C GLY A 30 14.72 -14.72 -16.71
N PHE A 31 15.48 -14.55 -15.64
CA PHE A 31 15.22 -15.20 -14.38
C PHE A 31 14.42 -14.25 -13.47
N GLY A 32 13.24 -13.85 -13.94
CA GLY A 32 12.39 -12.85 -13.27
C GLY A 32 11.30 -13.45 -12.41
N ARG A 33 10.19 -12.73 -12.28
CA ARG A 33 9.02 -13.27 -11.60
C ARG A 33 8.63 -14.59 -12.25
N ILE A 34 8.43 -14.58 -13.57
CA ILE A 34 8.04 -15.81 -14.27
C ILE A 34 9.21 -16.80 -14.33
N GLY A 35 10.40 -16.31 -14.64
CA GLY A 35 11.60 -17.19 -14.73
C GLY A 35 11.82 -18.02 -13.48
N ARG A 36 11.81 -17.36 -12.33
CA ARG A 36 12.07 -18.03 -11.06
C ARG A 36 10.93 -18.94 -10.61
N LEU A 37 9.70 -18.58 -10.95
CA LEU A 37 8.55 -19.42 -10.57
C LEU A 37 8.38 -20.61 -11.55
N VAL A 38 8.71 -20.40 -12.81
CA VAL A 38 8.86 -21.52 -13.75
C VAL A 38 9.94 -22.47 -13.21
N PHE A 39 11.02 -21.90 -12.68
CA PHE A 39 12.07 -22.73 -12.09
C PHE A 39 11.53 -23.57 -10.90
N ARG A 40 10.80 -22.95 -9.97
CA ARG A 40 10.21 -23.68 -8.84
C ARG A 40 9.29 -24.77 -9.34
N ALA A 41 8.44 -24.44 -10.30
CA ALA A 41 7.45 -25.41 -10.81
C ALA A 41 8.19 -26.58 -11.44
N ALA A 42 9.22 -26.30 -12.23
CA ALA A 42 9.99 -27.38 -12.86
C ALA A 42 10.65 -28.27 -11.81
N MET A 43 11.11 -27.69 -10.71
CA MET A 43 11.69 -28.52 -9.65
C MET A 43 10.69 -29.45 -8.92
N GLU A 44 9.39 -29.13 -8.92
CA GLU A 44 8.38 -30.00 -8.25
C GLU A 44 7.94 -31.23 -9.10
N ARG A 45 8.47 -31.38 -10.32
CA ARG A 45 8.10 -32.51 -11.20
C ARG A 45 9.35 -33.23 -11.59
N GLY A 46 9.31 -34.55 -11.63
CA GLY A 46 10.46 -35.33 -12.08
C GLY A 46 10.63 -35.41 -13.59
N ASP A 47 9.63 -34.97 -14.34
CA ASP A 47 9.64 -35.11 -15.81
C ASP A 47 10.01 -33.82 -16.52
N VAL A 48 10.47 -32.84 -15.74
CA VAL A 48 11.06 -31.60 -16.25
C VAL A 48 12.33 -31.30 -15.45
N GLU A 49 13.41 -30.95 -16.15
CA GLU A 49 14.67 -30.55 -15.52
C GLU A 49 15.07 -29.20 -16.08
N VAL A 50 15.51 -28.30 -15.20
CA VAL A 50 16.13 -27.06 -15.65
C VAL A 50 17.62 -27.26 -15.77
N LEU A 51 18.12 -27.17 -16.99
CA LEU A 51 19.52 -27.46 -17.28
C LEU A 51 20.38 -26.20 -17.31
N ALA A 52 19.78 -25.07 -17.71
CA ALA A 52 20.48 -23.80 -17.76
C ALA A 52 19.56 -22.59 -17.56
N ILE A 53 20.14 -21.51 -17.04
CA ILE A 53 19.48 -20.23 -16.81
C ILE A 53 20.36 -19.14 -17.39
N ASN A 54 19.75 -18.18 -18.09
CA ASN A 54 20.47 -17.00 -18.55
C ASN A 54 19.81 -15.71 -18.05
N ASP A 55 20.59 -14.85 -17.41
CA ASP A 55 20.15 -13.50 -17.05
C ASP A 55 21.39 -12.63 -16.88
N PRO A 56 21.55 -11.62 -17.74
CA PRO A 56 22.78 -10.84 -17.63
C PRO A 56 22.76 -9.78 -16.53
N PHE A 57 21.66 -9.63 -15.80
CA PHE A 57 21.55 -8.57 -14.79
C PHE A 57 21.65 -9.07 -13.35
N MET A 58 22.19 -10.28 -13.19
CA MET A 58 22.42 -10.83 -11.87
C MET A 58 23.57 -11.82 -11.89
N SER A 59 24.53 -11.61 -10.99
CA SER A 59 25.57 -12.61 -10.71
C SER A 59 24.96 -13.89 -10.12
N LEU A 60 25.78 -14.94 -10.10
CA LEU A 60 25.45 -16.20 -9.44
C LEU A 60 24.98 -16.01 -7.97
N ASP A 61 25.69 -15.19 -7.20
CA ASP A 61 25.30 -14.89 -5.81
C ASP A 61 23.94 -14.21 -5.75
N TYR A 62 23.73 -13.24 -6.64
CA TYR A 62 22.47 -12.54 -6.72
C TYR A 62 21.34 -13.49 -7.12
N MET A 63 21.61 -14.39 -8.06
CA MET A 63 20.65 -15.45 -8.43
C MET A 63 20.24 -16.31 -7.25
N VAL A 64 21.21 -16.71 -6.45
CA VAL A 64 20.92 -17.53 -5.29
C VAL A 64 19.98 -16.76 -4.36
N TYR A 65 20.29 -15.48 -4.14
CA TYR A 65 19.48 -14.64 -3.27
C TYR A 65 18.04 -14.47 -3.75
N LEU A 66 17.86 -14.12 -5.01
CA LEU A 66 16.52 -13.89 -5.57
C LEU A 66 15.66 -15.17 -5.60
N LEU A 67 16.33 -16.30 -5.76
CA LEU A 67 15.65 -17.59 -5.72
C LEU A 67 15.30 -17.98 -4.27
N ARG A 68 16.23 -17.74 -3.35
CA ARG A 68 16.01 -18.04 -1.93
C ARG A 68 14.79 -17.33 -1.37
N TYR A 69 14.65 -16.03 -1.67
CA TYR A 69 13.65 -15.21 -0.97
C TYR A 69 12.66 -14.64 -1.95
N ASP A 70 11.41 -14.53 -1.53
CA ASP A 70 10.37 -14.01 -2.40
C ASP A 70 9.31 -13.27 -1.57
N SER A 71 8.96 -12.06 -1.99
CA SER A 71 8.06 -11.21 -1.24
C SER A 71 6.62 -11.69 -1.25
N VAL A 72 6.27 -12.55 -2.21
CA VAL A 72 4.93 -13.09 -2.34
C VAL A 72 4.86 -14.60 -2.09
N HIS A 73 5.79 -15.36 -2.64
CA HIS A 73 5.68 -16.83 -2.60
C HIS A 73 6.53 -17.51 -1.51
N GLY A 74 7.06 -16.73 -0.58
CA GLY A 74 7.82 -17.28 0.53
C GLY A 74 9.19 -17.76 0.12
N HIS A 75 9.89 -18.36 1.08
CA HIS A 75 11.26 -18.82 0.88
C HIS A 75 11.23 -19.96 -0.16
N TYR A 76 12.29 -20.10 -0.96
CA TYR A 76 12.40 -21.30 -1.78
C TYR A 76 12.32 -22.53 -0.86
N PRO A 77 11.51 -23.55 -1.26
CA PRO A 77 11.33 -24.70 -0.36
C PRO A 77 12.44 -25.75 -0.56
N GLY A 78 13.61 -25.49 0.02
CA GLY A 78 14.82 -26.27 -0.25
C GLY A 78 16.07 -25.41 -0.19
N GLU A 79 17.23 -26.05 -0.15
CA GLU A 79 18.51 -25.35 -0.08
C GLU A 79 18.90 -24.85 -1.45
N VAL A 80 19.29 -23.59 -1.52
CA VAL A 80 19.86 -23.01 -2.71
C VAL A 80 21.28 -22.57 -2.38
N SER A 81 22.23 -22.95 -3.24
CA SER A 81 23.61 -22.50 -3.13
C SER A 81 24.21 -22.44 -4.53
N HIS A 82 25.52 -22.20 -4.60
CA HIS A 82 26.22 -22.31 -5.84
C HIS A 82 27.58 -22.92 -5.60
N LYS A 83 28.13 -23.58 -6.62
CA LYS A 83 29.40 -24.30 -6.51
C LYS A 83 30.01 -24.48 -7.90
N ASP A 84 31.30 -24.22 -8.00
CA ASP A 84 32.04 -24.33 -9.27
C ASP A 84 31.33 -23.67 -10.44
N GLY A 85 30.71 -22.52 -10.16
CA GLY A 85 30.09 -21.68 -11.18
C GLY A 85 28.66 -22.02 -11.54
N LYS A 86 28.09 -23.00 -10.82
CA LYS A 86 26.76 -23.52 -11.11
C LYS A 86 25.79 -23.27 -9.95
N LEU A 87 24.53 -23.03 -10.29
CA LEU A 87 23.48 -22.92 -9.29
C LEU A 87 23.18 -24.34 -8.81
N ILE A 88 23.19 -24.56 -7.50
CA ILE A 88 22.94 -25.89 -6.92
C ILE A 88 21.60 -25.87 -6.18
N VAL A 89 20.63 -26.67 -6.66
CA VAL A 89 19.31 -26.78 -6.02
C VAL A 89 18.81 -28.21 -5.96
N GLY A 90 18.27 -28.61 -4.82
CA GLY A 90 17.73 -29.96 -4.69
C GLY A 90 18.70 -31.01 -5.21
N GLY A 91 19.97 -30.85 -4.87
CA GLY A 91 20.98 -31.81 -5.29
C GLY A 91 21.47 -31.68 -6.73
N LYS A 92 20.70 -30.99 -7.57
CA LYS A 92 21.02 -30.84 -9.00
C LYS A 92 21.79 -29.55 -9.29
N ALA A 93 22.67 -29.64 -10.29
CA ALA A 93 23.48 -28.52 -10.71
C ALA A 93 22.89 -27.88 -11.95
N VAL A 94 22.82 -26.57 -11.97
CA VAL A 94 22.22 -25.85 -13.09
C VAL A 94 23.24 -24.89 -13.66
N THR A 95 23.42 -24.94 -14.98
CA THR A 95 24.40 -24.09 -15.63
C THR A 95 23.88 -22.68 -15.72
N VAL A 96 24.75 -21.70 -15.52
CA VAL A 96 24.37 -20.30 -15.48
C VAL A 96 25.14 -19.47 -16.51
N PHE A 97 24.38 -18.70 -17.29
CA PHE A 97 24.93 -17.74 -18.24
C PHE A 97 24.44 -16.33 -17.94
N ASN A 98 25.19 -15.35 -18.44
CA ASN A 98 24.91 -13.92 -18.23
C ASN A 98 25.01 -13.12 -19.55
N GLU A 99 24.35 -13.62 -20.59
CA GLU A 99 24.41 -13.03 -21.94
C GLU A 99 23.20 -12.19 -22.25
N LYS A 100 23.44 -11.02 -22.85
CA LYS A 100 22.36 -10.15 -23.34
C LYS A 100 21.78 -10.64 -24.67
N GLU A 101 22.64 -11.14 -25.56
CA GLU A 101 22.21 -11.54 -26.90
C GLU A 101 21.89 -13.02 -26.88
N PRO A 102 20.68 -13.40 -27.28
CA PRO A 102 20.32 -14.81 -27.29
C PRO A 102 21.26 -15.74 -28.08
N THR A 103 21.78 -15.27 -29.21
CA THR A 103 22.66 -16.09 -30.02
C THR A 103 23.97 -16.40 -29.30
N ALA A 104 24.32 -15.64 -28.26
CA ALA A 104 25.52 -15.97 -27.47
C ALA A 104 25.30 -17.06 -26.41
N ILE A 105 24.05 -17.48 -26.20
CA ILE A 105 23.77 -18.46 -25.13
C ILE A 105 23.99 -19.91 -25.62
N PRO A 106 24.97 -20.64 -25.04
CA PRO A 106 25.24 -22.01 -25.54
C PRO A 106 24.26 -23.05 -25.00
N TRP A 107 23.00 -22.91 -25.39
CA TRP A 107 21.97 -23.80 -24.90
C TRP A 107 22.33 -25.24 -25.22
N GLY A 108 22.77 -25.47 -26.46
CA GLY A 108 23.11 -26.79 -26.95
C GLY A 108 24.07 -27.54 -26.04
N GLN A 109 25.16 -26.85 -25.73
CA GLN A 109 26.23 -27.39 -24.92
C GLN A 109 25.79 -27.63 -23.47
N ALA A 110 24.80 -26.86 -23.02
CA ALA A 110 24.23 -27.01 -21.69
C ALA A 110 23.19 -28.14 -21.64
N GLY A 111 22.79 -28.65 -22.80
CA GLY A 111 21.84 -29.75 -22.89
C GLY A 111 20.38 -29.33 -22.93
N VAL A 112 20.10 -28.06 -23.24
CA VAL A 112 18.73 -27.54 -23.21
C VAL A 112 18.01 -27.82 -24.52
N HIS A 113 16.75 -28.21 -24.42
CA HIS A 113 15.90 -28.49 -25.59
C HIS A 113 14.82 -27.42 -25.79
N TYR A 114 14.14 -27.08 -24.70
CA TYR A 114 13.01 -26.16 -24.73
C TYR A 114 13.37 -24.94 -23.91
N ILE A 115 13.16 -23.76 -24.47
CA ILE A 115 13.53 -22.52 -23.78
C ILE A 115 12.28 -21.77 -23.33
N CYS A 116 12.22 -21.46 -22.02
CA CYS A 116 11.23 -20.54 -21.50
C CYS A 116 11.76 -19.12 -21.71
N GLU A 117 11.13 -18.39 -22.63
CA GLU A 117 11.59 -17.07 -23.03
C GLU A 117 10.78 -16.06 -22.23
N SER A 118 11.30 -15.72 -21.06
CA SER A 118 10.58 -14.91 -20.08
C SER A 118 11.30 -13.60 -19.77
N THR A 119 11.90 -13.00 -20.81
CA THR A 119 12.58 -11.71 -20.63
C THR A 119 11.65 -10.54 -20.89
N GLY A 120 10.58 -10.79 -21.65
CA GLY A 120 9.71 -9.74 -22.10
C GLY A 120 10.12 -9.02 -23.39
N ILE A 121 11.32 -9.28 -23.91
CA ILE A 121 11.79 -8.48 -25.06
C ILE A 121 12.00 -9.25 -26.37
N PHE A 122 11.74 -10.56 -26.39
CA PHE A 122 11.95 -11.36 -27.61
C PHE A 122 10.65 -12.05 -28.08
N LEU A 123 9.71 -11.26 -28.56
CA LEU A 123 8.33 -11.71 -28.74
C LEU A 123 7.89 -11.75 -30.20
N THR A 124 8.85 -11.87 -31.11
CA THR A 124 8.58 -12.21 -32.50
C THR A 124 9.30 -13.51 -32.84
N LYS A 125 8.89 -14.16 -33.93
CA LYS A 125 9.59 -15.34 -34.41
C LYS A 125 11.05 -15.02 -34.68
N GLU A 126 11.31 -13.92 -35.37
CA GLU A 126 12.66 -13.58 -35.80
C GLU A 126 13.60 -13.43 -34.60
N LYS A 127 13.10 -12.79 -33.54
CA LYS A 127 13.87 -12.60 -32.33
C LYS A 127 14.00 -13.89 -31.52
N ALA A 128 12.91 -14.65 -31.37
CA ALA A 128 12.96 -15.88 -30.57
C ALA A 128 13.82 -16.96 -31.25
N GLN A 129 13.87 -16.96 -32.58
CA GLN A 129 14.68 -17.91 -33.35
C GLN A 129 16.16 -17.82 -33.03
N ALA A 130 16.59 -16.66 -32.52
CA ALA A 130 17.98 -16.47 -32.11
C ALA A 130 18.41 -17.48 -31.04
N HIS A 131 17.46 -18.05 -30.31
CA HIS A 131 17.73 -19.12 -29.35
C HIS A 131 18.04 -20.48 -30.00
N LEU A 132 17.77 -20.60 -31.29
CA LEU A 132 17.80 -21.91 -31.91
C LEU A 132 18.94 -22.08 -32.87
N THR A 133 20.08 -21.45 -32.61
CA THR A 133 21.20 -21.54 -33.56
C THR A 133 22.25 -22.54 -33.15
N ASN A 134 22.20 -23.05 -31.92
CA ASN A 134 23.25 -23.94 -31.48
C ASN A 134 22.81 -25.19 -30.72
N GLY A 135 21.60 -25.66 -30.98
CA GLY A 135 21.22 -27.00 -30.55
C GLY A 135 19.92 -27.16 -29.80
N ALA A 136 19.36 -26.06 -29.31
CA ALA A 136 18.03 -26.10 -28.69
C ALA A 136 16.99 -26.39 -29.78
N LYS A 137 15.82 -26.88 -29.38
CA LYS A 137 14.79 -27.32 -30.35
C LYS A 137 13.69 -26.29 -30.53
N LYS A 138 13.14 -25.81 -29.42
CA LYS A 138 11.94 -24.96 -29.43
C LYS A 138 11.98 -23.86 -28.38
N VAL A 139 11.24 -22.79 -28.64
CA VAL A 139 11.11 -21.70 -27.71
C VAL A 139 9.67 -21.45 -27.34
N ILE A 140 9.44 -21.24 -26.04
CA ILE A 140 8.11 -20.88 -25.55
C ILE A 140 8.10 -19.45 -25.00
N MET A 141 7.46 -18.54 -25.73
CA MET A 141 7.34 -17.17 -25.26
C MET A 141 6.44 -17.13 -24.04
N SER A 142 6.89 -16.44 -22.99
CA SER A 142 6.10 -16.31 -21.76
C SER A 142 5.18 -15.08 -21.82
N ALA A 143 4.78 -14.71 -23.03
CA ALA A 143 3.84 -13.61 -23.21
C ALA A 143 3.24 -13.76 -24.59
N PRO A 144 2.15 -13.03 -24.86
CA PRO A 144 1.59 -13.04 -26.20
C PRO A 144 2.62 -12.47 -27.17
N PRO A 145 2.67 -12.99 -28.39
CA PRO A 145 3.62 -12.51 -29.36
C PRO A 145 3.20 -11.20 -30.00
N LYS A 146 4.15 -10.52 -30.62
CA LYS A 146 3.87 -9.31 -31.40
C LYS A 146 3.50 -9.66 -32.85
N ASP A 147 3.69 -10.93 -33.22
CA ASP A 147 3.45 -11.37 -34.60
C ASP A 147 2.41 -12.53 -34.62
N ASP A 148 2.44 -13.36 -35.66
CA ASP A 148 1.48 -14.45 -35.79
C ASP A 148 1.98 -15.76 -35.17
N THR A 149 2.94 -15.69 -34.25
CA THR A 149 3.38 -16.88 -33.51
C THR A 149 2.16 -17.55 -32.85
N PRO A 150 2.04 -18.88 -33.00
CA PRO A 150 0.87 -19.55 -32.39
C PRO A 150 0.85 -19.45 -30.87
N MET A 151 -0.32 -19.15 -30.29
CA MET A 151 -0.53 -19.18 -28.84
C MET A 151 -1.26 -20.44 -28.38
N PHE A 152 -0.90 -20.94 -27.21
CA PHE A 152 -1.60 -22.08 -26.64
C PHE A 152 -1.97 -21.86 -25.18
N VAL A 153 -3.20 -22.25 -24.82
CA VAL A 153 -3.66 -22.26 -23.45
C VAL A 153 -3.95 -23.72 -23.14
N MET A 154 -3.21 -24.27 -22.18
CA MET A 154 -3.43 -25.63 -21.69
C MET A 154 -4.88 -25.80 -21.22
N GLY A 155 -5.50 -26.89 -21.68
CA GLY A 155 -6.87 -27.20 -21.32
C GLY A 155 -7.89 -26.64 -22.29
N VAL A 156 -7.44 -25.83 -23.25
CA VAL A 156 -8.32 -25.15 -24.21
C VAL A 156 -7.93 -25.46 -25.68
N ASN A 157 -6.69 -25.25 -26.08
CA ASN A 157 -6.30 -25.53 -27.48
C ASN A 157 -4.91 -26.10 -27.67
N ASN A 158 -4.28 -26.62 -26.60
CA ASN A 158 -2.94 -27.18 -26.71
C ASN A 158 -2.89 -28.38 -27.64
N ASP A 159 -4.01 -29.06 -27.84
CA ASP A 159 -4.08 -30.16 -28.82
C ASP A 159 -3.91 -29.72 -30.27
N GLN A 160 -3.98 -28.40 -30.52
CA GLN A 160 -3.67 -27.83 -31.85
C GLN A 160 -2.17 -27.75 -32.08
N TYR A 161 -1.37 -27.97 -31.03
CA TYR A 161 0.07 -27.87 -31.15
C TYR A 161 0.59 -28.93 -32.13
N LYS A 162 1.47 -28.51 -33.03
CA LYS A 162 2.15 -29.44 -33.95
C LYS A 162 3.64 -29.44 -33.68
N SER A 163 4.28 -30.58 -33.89
CA SER A 163 5.72 -30.69 -33.65
C SER A 163 6.53 -29.79 -34.58
N SER A 164 5.91 -29.29 -35.63
CA SER A 164 6.54 -28.33 -36.52
C SER A 164 6.52 -26.90 -35.96
N ASP A 165 5.78 -26.65 -34.89
CA ASP A 165 5.73 -25.31 -34.29
C ASP A 165 6.96 -25.01 -33.44
N VAL A 166 8.01 -24.54 -34.09
CA VAL A 166 9.31 -24.34 -33.46
C VAL A 166 9.31 -23.21 -32.43
N ILE A 167 8.55 -22.15 -32.73
CA ILE A 167 8.35 -21.03 -31.80
C ILE A 167 6.87 -20.97 -31.46
N VAL A 168 6.56 -20.94 -30.17
CA VAL A 168 5.19 -20.85 -29.67
C VAL A 168 5.08 -19.87 -28.51
N SER A 169 3.85 -19.53 -28.12
CA SER A 169 3.59 -18.66 -26.97
C SER A 169 2.60 -19.31 -26.01
N ASN A 170 2.78 -19.09 -24.72
CA ASN A 170 1.84 -19.55 -23.70
C ASN A 170 0.79 -18.48 -23.38
N ALA A 171 0.65 -17.50 -24.29
CA ALA A 171 -0.27 -16.39 -24.13
C ALA A 171 0.09 -15.57 -22.89
N SER A 172 -0.92 -14.97 -22.25
CA SER A 172 -0.73 -14.20 -21.03
C SER A 172 -1.46 -14.86 -19.86
N CYS A 173 -1.20 -14.35 -18.66
CA CYS A 173 -1.90 -14.76 -17.46
C CYS A 173 -3.41 -14.56 -17.65
N THR A 174 -3.79 -13.38 -18.13
CA THR A 174 -5.18 -13.00 -18.30
C THR A 174 -5.89 -13.89 -19.34
N THR A 175 -5.21 -14.21 -20.43
CA THR A 175 -5.80 -15.11 -21.45
C THR A 175 -5.97 -16.51 -20.88
N ASN A 176 -5.02 -16.96 -20.04
CA ASN A 176 -5.15 -18.27 -19.41
C ASN A 176 -6.29 -18.34 -18.40
N CYS A 177 -6.67 -17.22 -17.80
CA CYS A 177 -7.80 -17.17 -16.88
C CYS A 177 -9.11 -17.12 -17.63
N LEU A 178 -9.14 -16.30 -18.69
CA LEU A 178 -10.36 -16.05 -19.46
C LEU A 178 -10.75 -17.18 -20.41
N ALA A 179 -9.78 -17.69 -21.18
CA ALA A 179 -10.11 -18.67 -22.21
C ALA A 179 -10.87 -19.90 -21.69
N PRO A 180 -10.40 -20.53 -20.59
CA PRO A 180 -11.17 -21.67 -20.06
C PRO A 180 -12.63 -21.32 -19.72
N LEU A 181 -12.84 -20.18 -19.07
CA LEU A 181 -14.19 -19.75 -18.73
C LEU A 181 -15.01 -19.47 -20.01
N ALA A 182 -14.38 -18.79 -20.98
CA ALA A 182 -15.02 -18.44 -22.25
C ALA A 182 -15.41 -19.70 -23.00
N LYS A 183 -14.55 -20.70 -22.99
CA LYS A 183 -14.85 -21.93 -23.68
C LYS A 183 -16.09 -22.61 -23.11
N ILE A 184 -16.17 -22.69 -21.78
CA ILE A 184 -17.27 -23.38 -21.11
C ILE A 184 -18.58 -22.67 -21.40
N VAL A 185 -18.59 -21.35 -21.24
CA VAL A 185 -19.81 -20.58 -21.46
C VAL A 185 -20.21 -20.60 -22.93
N HIS A 186 -19.24 -20.58 -23.83
CA HIS A 186 -19.52 -20.55 -25.27
C HIS A 186 -20.03 -21.91 -25.75
N ASP A 187 -19.46 -22.99 -25.25
CA ASP A 187 -19.87 -24.36 -25.64
C ASP A 187 -21.25 -24.66 -25.10
N LYS A 188 -21.56 -24.17 -23.91
CA LYS A 188 -22.81 -24.54 -23.27
C LYS A 188 -23.97 -23.61 -23.66
N PHE A 189 -23.73 -22.30 -23.68
CA PHE A 189 -24.80 -21.32 -23.95
C PHE A 189 -24.59 -20.47 -25.19
N GLY A 190 -23.34 -20.35 -25.66
CA GLY A 190 -23.02 -19.47 -26.79
C GLY A 190 -22.75 -18.05 -26.34
N ILE A 191 -21.59 -17.51 -26.68
CA ILE A 191 -21.27 -16.11 -26.43
C ILE A 191 -21.52 -15.31 -27.71
N VAL A 192 -22.54 -14.46 -27.67
CA VAL A 192 -22.82 -13.54 -28.78
C VAL A 192 -21.74 -12.47 -28.81
N GLU A 193 -21.50 -11.87 -27.66
CA GLU A 193 -20.45 -10.89 -27.50
C GLU A 193 -20.07 -10.73 -26.03
N GLY A 194 -18.84 -10.30 -25.78
CA GLY A 194 -18.41 -10.05 -24.43
C GLY A 194 -17.30 -9.02 -24.33
N LEU A 195 -17.26 -8.35 -23.19
CA LEU A 195 -16.25 -7.36 -22.87
C LEU A 195 -15.70 -7.64 -21.49
N MET A 196 -14.38 -7.64 -21.41
CA MET A 196 -13.67 -8.08 -20.23
C MET A 196 -12.91 -6.92 -19.60
N THR A 197 -12.93 -6.86 -18.28
CA THR A 197 -11.96 -6.06 -17.54
C THR A 197 -11.18 -7.00 -16.66
N THR A 198 -9.87 -6.82 -16.57
CA THR A 198 -9.09 -7.46 -15.53
C THR A 198 -8.61 -6.40 -14.54
N VAL A 199 -8.91 -6.63 -13.26
CA VAL A 199 -8.35 -5.84 -12.17
C VAL A 199 -7.07 -6.55 -11.76
N HIS A 200 -5.94 -5.94 -12.10
CA HIS A 200 -4.70 -6.69 -12.19
C HIS A 200 -3.65 -6.23 -11.18
N ALA A 201 -2.97 -7.20 -10.60
CA ALA A 201 -1.85 -6.93 -9.72
C ALA A 201 -0.74 -6.18 -10.45
N MET A 202 0.05 -5.48 -9.66
CA MET A 202 1.23 -4.75 -10.12
C MET A 202 2.24 -5.67 -10.76
N THR A 203 2.95 -5.15 -11.77
CA THR A 203 3.99 -5.91 -12.46
C THR A 203 5.32 -5.13 -12.59
N ALA A 204 6.36 -5.81 -13.07
CA ALA A 204 7.72 -5.27 -13.08
C ALA A 204 7.90 -4.07 -14.03
N ASN A 205 7.02 -3.95 -15.02
CA ASN A 205 7.06 -2.84 -15.96
C ASN A 205 6.50 -1.52 -15.39
N GLN A 206 6.01 -1.55 -14.15
CA GLN A 206 5.51 -0.35 -13.49
C GLN A 206 6.62 0.30 -12.64
N LEU A 207 6.40 1.55 -12.24
CA LEU A 207 7.40 2.30 -11.46
C LEU A 207 6.90 2.64 -10.04
N THR A 208 7.84 2.74 -9.11
CA THR A 208 7.50 2.99 -7.70
C THR A 208 7.02 4.41 -7.43
N VAL A 209 7.54 5.36 -8.21
CA VAL A 209 7.16 6.76 -8.16
C VAL A 209 7.00 7.26 -9.61
N ASP A 210 6.27 8.37 -9.81
CA ASP A 210 5.99 8.89 -11.15
C ASP A 210 7.27 9.05 -12.00
N GLY A 211 7.30 8.43 -13.18
CA GLY A 211 8.41 8.62 -14.12
C GLY A 211 8.11 8.15 -15.53
N PRO A 212 9.13 8.17 -16.41
CA PRO A 212 8.94 7.80 -17.81
C PRO A 212 9.01 6.30 -18.01
N SER A 213 7.98 5.71 -18.60
CA SER A 213 8.01 4.28 -18.95
C SER A 213 9.03 4.00 -20.03
N LYS A 214 9.61 2.79 -20.03
CA LYS A 214 10.58 2.41 -21.06
C LYS A 214 9.99 2.57 -22.46
N GLY A 215 10.73 3.23 -23.36
CA GLY A 215 10.28 3.46 -24.74
C GLY A 215 9.18 4.49 -24.89
N GLY A 216 8.84 5.19 -23.80
CA GLY A 216 7.77 6.19 -23.79
C GLY A 216 6.39 5.68 -24.19
N LYS A 217 6.12 4.39 -23.99
CA LYS A 217 4.95 3.72 -24.56
C LYS A 217 3.63 3.86 -23.76
N ASP A 218 3.65 3.41 -22.50
CA ASP A 218 2.45 3.32 -21.66
C ASP A 218 2.61 4.31 -20.50
N TRP A 219 2.23 5.57 -20.75
CA TRP A 219 2.45 6.67 -19.81
C TRP A 219 1.82 6.37 -18.45
N ARG A 220 0.60 5.86 -18.45
CA ARG A 220 -0.10 5.54 -17.20
C ARG A 220 0.66 4.54 -16.35
N ALA A 221 1.33 3.58 -16.99
CA ALA A 221 2.10 2.56 -16.29
C ALA A 221 3.32 3.12 -15.55
N GLY A 222 3.80 4.30 -15.96
CA GLY A 222 4.91 4.95 -15.26
C GLY A 222 4.53 5.86 -14.09
N ARG A 223 3.24 5.90 -13.77
CA ARG A 223 2.76 6.63 -12.59
C ARG A 223 2.84 5.77 -11.34
N SER A 224 3.17 6.39 -10.20
CA SER A 224 3.39 5.68 -8.94
C SER A 224 2.41 4.52 -8.78
N ALA A 225 2.96 3.31 -8.73
CA ALA A 225 2.14 2.09 -8.73
C ALA A 225 1.36 1.88 -7.44
N GLY A 226 1.96 2.26 -6.31
CA GLY A 226 1.39 1.98 -4.99
C GLY A 226 0.24 2.85 -4.52
N VAL A 227 -0.01 3.95 -5.24
CA VAL A 227 -1.07 4.88 -4.84
C VAL A 227 -2.07 5.15 -5.97
N ASN A 228 -2.04 4.37 -7.04
CA ASN A 228 -2.96 4.57 -8.19
C ASN A 228 -3.70 3.32 -8.67
N ILE A 229 -4.98 3.52 -9.01
CA ILE A 229 -5.70 2.68 -9.96
C ILE A 229 -5.29 3.17 -11.36
N ILE A 230 -4.74 2.28 -12.18
CA ILE A 230 -4.12 2.67 -13.44
C ILE A 230 -4.73 1.92 -14.60
N PRO A 231 -5.52 2.60 -15.45
CA PRO A 231 -6.00 1.93 -16.65
C PRO A 231 -4.88 1.50 -17.57
N ALA A 232 -5.09 0.37 -18.23
CA ALA A 232 -4.13 -0.22 -19.14
C ALA A 232 -4.90 -0.93 -20.25
N SER A 233 -4.35 -0.88 -21.44
CA SER A 233 -4.88 -1.62 -22.58
C SER A 233 -4.34 -3.03 -22.49
N THR A 234 -5.01 -3.95 -23.16
CA THR A 234 -4.60 -5.36 -23.16
C THR A 234 -5.29 -6.08 -24.31
N GLY A 235 -4.55 -6.88 -25.06
CA GLY A 235 -5.12 -7.74 -26.09
C GLY A 235 -5.53 -9.12 -25.60
N ALA A 236 -5.51 -9.32 -24.27
CA ALA A 236 -5.79 -10.63 -23.69
C ALA A 236 -7.15 -11.21 -24.05
N ALA A 237 -8.18 -10.37 -24.14
CA ALA A 237 -9.52 -10.84 -24.49
C ALA A 237 -9.63 -11.14 -25.97
N LYS A 238 -9.06 -10.26 -26.80
CA LYS A 238 -9.02 -10.45 -28.25
C LYS A 238 -8.21 -11.71 -28.60
N ALA A 239 -7.18 -11.99 -27.80
CA ALA A 239 -6.36 -13.19 -27.95
C ALA A 239 -7.18 -14.49 -27.74
N VAL A 240 -8.24 -14.41 -26.93
CA VAL A 240 -9.12 -15.56 -26.79
C VAL A 240 -9.75 -15.92 -28.13
N GLY A 241 -9.98 -14.92 -28.97
CA GLY A 241 -10.43 -15.17 -30.35
C GLY A 241 -9.47 -15.96 -31.21
N LYS A 242 -8.19 -15.92 -30.86
CA LYS A 242 -7.18 -16.74 -31.52
C LYS A 242 -7.14 -18.16 -30.94
N ILE A 243 -7.30 -18.27 -29.62
CA ILE A 243 -7.32 -19.57 -28.93
C ILE A 243 -8.60 -20.34 -29.30
N ILE A 244 -9.69 -19.59 -29.41
CA ILE A 244 -11.00 -20.13 -29.75
C ILE A 244 -11.54 -19.34 -30.95
N PRO A 245 -11.21 -19.80 -32.18
CA PRO A 245 -11.45 -19.02 -33.40
C PRO A 245 -12.90 -18.58 -33.65
N SER A 246 -13.89 -19.36 -33.21
CA SER A 246 -15.29 -18.94 -33.39
C SER A 246 -15.63 -17.66 -32.60
N LEU A 247 -14.79 -17.30 -31.62
CA LEU A 247 -14.96 -16.08 -30.83
C LEU A 247 -14.10 -14.90 -31.31
N ASN A 248 -13.36 -15.11 -32.38
CA ASN A 248 -12.63 -14.04 -33.06
C ASN A 248 -13.61 -12.89 -33.42
N GLY A 249 -13.28 -11.67 -33.01
CA GLY A 249 -14.17 -10.52 -33.19
C GLY A 249 -15.30 -10.37 -32.16
N LYS A 250 -15.40 -11.28 -31.19
CA LYS A 250 -16.55 -11.30 -30.27
C LYS A 250 -16.19 -10.95 -28.83
N LEU A 251 -14.90 -10.75 -28.59
CA LEU A 251 -14.37 -10.45 -27.27
C LEU A 251 -13.27 -9.42 -27.36
N THR A 252 -13.32 -8.43 -26.49
CA THR A 252 -12.14 -7.67 -26.17
C THR A 252 -12.28 -7.11 -24.76
N GLY A 253 -11.43 -6.18 -24.39
CA GLY A 253 -11.38 -5.72 -23.01
C GLY A 253 -10.22 -4.80 -22.70
N MET A 254 -9.98 -4.60 -21.40
CA MET A 254 -8.97 -3.67 -20.88
C MET A 254 -8.66 -4.03 -19.45
N ALA A 255 -7.76 -3.28 -18.84
CA ALA A 255 -7.30 -3.58 -17.50
C ALA A 255 -7.21 -2.34 -16.61
N PHE A 256 -7.29 -2.57 -15.30
CA PHE A 256 -6.92 -1.57 -14.30
C PHE A 256 -5.86 -2.21 -13.45
N ARG A 257 -4.67 -1.61 -13.37
CA ARG A 257 -3.61 -2.08 -12.51
C ARG A 257 -3.84 -1.46 -11.15
N VAL A 258 -3.85 -2.27 -10.10
CA VAL A 258 -4.09 -1.79 -8.73
C VAL A 258 -3.00 -2.23 -7.75
N PRO A 259 -2.87 -1.54 -6.60
CA PRO A 259 -1.75 -1.80 -5.69
C PRO A 259 -1.81 -3.08 -4.85
N VAL A 260 -1.79 -4.24 -5.51
CA VAL A 260 -1.47 -5.52 -4.83
C VAL A 260 -0.28 -6.09 -5.59
N PRO A 261 0.59 -6.87 -4.90
CA PRO A 261 1.83 -7.40 -5.46
C PRO A 261 1.65 -8.64 -6.34
N ASP A 262 0.48 -9.28 -6.26
CA ASP A 262 0.20 -10.49 -7.03
C ASP A 262 -1.25 -10.88 -6.80
N VAL A 263 -1.77 -11.62 -7.77
CA VAL A 263 -3.15 -12.07 -7.87
C VAL A 263 -4.02 -11.01 -8.56
N SER A 264 -4.79 -11.48 -9.53
CA SER A 264 -5.65 -10.61 -10.34
C SER A 264 -6.99 -11.30 -10.53
N VAL A 265 -7.95 -10.58 -11.10
CA VAL A 265 -9.27 -11.13 -11.31
C VAL A 265 -9.91 -10.63 -12.61
N VAL A 266 -10.52 -11.58 -13.33
CA VAL A 266 -11.23 -11.32 -14.57
C VAL A 266 -12.70 -11.07 -14.25
N ASP A 267 -13.23 -10.04 -14.92
CA ASP A 267 -14.59 -9.58 -14.85
C ASP A 267 -15.13 -9.56 -16.29
N LEU A 268 -15.86 -10.61 -16.65
CA LEU A 268 -16.35 -10.81 -18.04
C LEU A 268 -17.83 -10.51 -18.12
N THR A 269 -18.18 -9.50 -18.93
CA THR A 269 -19.55 -9.18 -19.19
C THR A 269 -19.94 -9.70 -20.56
N CYS A 270 -20.88 -10.64 -20.61
CA CYS A 270 -21.23 -11.22 -21.88
C CYS A 270 -22.71 -11.44 -22.10
N LYS A 271 -23.03 -11.46 -23.39
CA LYS A 271 -24.35 -11.73 -23.88
C LYS A 271 -24.35 -13.19 -24.35
N LEU A 272 -25.29 -13.98 -23.82
CA LEU A 272 -25.45 -15.39 -24.18
C LEU A 272 -26.38 -15.53 -25.37
N ALA A 273 -26.22 -16.62 -26.12
CA ALA A 273 -27.10 -16.94 -27.25
C ALA A 273 -28.34 -17.67 -26.79
N LYS A 274 -28.21 -18.48 -25.75
CA LYS A 274 -29.33 -19.23 -25.15
C LYS A 274 -29.58 -18.70 -23.76
N PRO A 275 -30.85 -18.61 -23.34
CA PRO A 275 -31.13 -18.20 -21.98
C PRO A 275 -30.63 -19.20 -20.95
N ALA A 276 -30.29 -18.72 -19.77
CA ALA A 276 -29.70 -19.54 -18.74
C ALA A 276 -30.05 -19.01 -17.35
N LYS A 277 -30.20 -19.91 -16.38
CA LYS A 277 -30.24 -19.53 -15.00
C LYS A 277 -28.83 -19.52 -14.53
N TYR A 278 -28.52 -18.69 -13.54
CA TYR A 278 -27.15 -18.60 -13.05
C TYR A 278 -26.65 -19.95 -12.59
N GLU A 279 -27.52 -20.71 -11.93
CA GLU A 279 -27.13 -22.04 -11.46
C GLU A 279 -26.66 -22.98 -12.58
N ASP A 280 -27.14 -22.77 -13.81
CA ASP A 280 -26.70 -23.55 -14.95
C ASP A 280 -25.27 -23.23 -15.35
N ILE A 281 -24.88 -21.97 -15.18
CA ILE A 281 -23.52 -21.54 -15.52
C ILE A 281 -22.58 -22.13 -14.48
N VAL A 282 -22.97 -22.00 -13.21
CA VAL A 282 -22.23 -22.62 -12.11
C VAL A 282 -22.05 -24.11 -12.35
N ALA A 283 -23.14 -24.81 -12.66
CA ALA A 283 -23.08 -26.26 -12.88
C ALA A 283 -22.12 -26.63 -14.00
N ALA A 284 -22.14 -25.85 -15.08
CA ALA A 284 -21.27 -26.05 -16.23
C ALA A 284 -19.79 -25.89 -15.84
N VAL A 285 -19.49 -24.86 -15.04
CA VAL A 285 -18.13 -24.61 -14.62
C VAL A 285 -17.65 -25.76 -13.71
N LYS A 286 -18.48 -26.15 -12.74
CA LYS A 286 -18.14 -27.26 -11.83
C LYS A 286 -17.85 -28.57 -12.59
N GLU A 287 -18.63 -28.85 -13.63
CA GLU A 287 -18.44 -30.07 -14.40
C GLU A 287 -17.07 -30.05 -15.09
N ALA A 288 -16.72 -28.90 -15.69
CA ALA A 288 -15.45 -28.78 -16.39
C ALA A 288 -14.26 -28.83 -15.42
N ALA A 289 -14.45 -28.33 -14.19
CA ALA A 289 -13.41 -28.38 -13.15
C ALA A 289 -13.16 -29.80 -12.65
N THR A 290 -14.19 -30.64 -12.74
CA THR A 290 -14.19 -31.94 -12.08
C THR A 290 -13.55 -33.05 -12.90
N SER A 291 -13.81 -33.07 -14.20
CA SER A 291 -13.17 -34.06 -15.07
C SER A 291 -13.06 -33.51 -16.48
N GLY A 292 -12.19 -34.14 -17.28
CA GLY A 292 -11.90 -33.69 -18.64
C GLY A 292 -10.68 -32.78 -18.73
N PRO A 293 -10.49 -32.14 -19.90
CA PRO A 293 -9.26 -31.38 -20.22
C PRO A 293 -8.98 -30.17 -19.33
N MET A 294 -9.99 -29.63 -18.68
CA MET A 294 -9.82 -28.46 -17.82
C MET A 294 -9.70 -28.84 -16.34
N LYS A 295 -9.63 -30.12 -16.04
CA LYS A 295 -9.35 -30.55 -14.67
C LYS A 295 -7.95 -30.08 -14.33
N GLY A 296 -7.83 -29.34 -13.24
CA GLY A 296 -6.55 -28.77 -12.86
C GLY A 296 -6.29 -27.41 -13.48
N ILE A 297 -7.15 -26.98 -14.41
CA ILE A 297 -6.99 -25.70 -15.12
C ILE A 297 -8.03 -24.71 -14.59
N ILE A 298 -9.30 -25.08 -14.66
CA ILE A 298 -10.36 -24.27 -14.05
C ILE A 298 -10.83 -24.87 -12.73
N SER A 299 -11.12 -23.98 -11.78
CA SER A 299 -11.74 -24.36 -10.53
C SER A 299 -12.82 -23.35 -10.17
N TYR A 300 -13.37 -23.54 -8.97
CA TYR A 300 -14.46 -22.70 -8.49
C TYR A 300 -14.44 -22.58 -6.97
N THR A 301 -15.10 -21.56 -6.45
CA THR A 301 -15.34 -21.41 -5.04
C THR A 301 -16.72 -20.79 -4.81
N ASP A 302 -17.37 -21.11 -3.70
CA ASP A 302 -18.57 -20.41 -3.28
C ASP A 302 -18.34 -19.75 -1.92
N GLU A 303 -17.08 -19.49 -1.58
CA GLU A 303 -16.75 -18.85 -0.32
C GLU A 303 -16.43 -17.37 -0.53
N GLU A 304 -16.35 -16.65 0.58
CA GLU A 304 -16.20 -15.21 0.55
C GLU A 304 -14.72 -14.82 0.41
N VAL A 305 -14.15 -15.19 -0.73
CA VAL A 305 -12.72 -15.09 -0.93
C VAL A 305 -12.34 -13.66 -1.29
N VAL A 306 -11.07 -13.36 -1.07
CA VAL A 306 -10.46 -12.11 -1.53
C VAL A 306 -9.11 -12.48 -2.16
N SER A 307 -8.46 -11.52 -2.81
CA SER A 307 -7.34 -11.84 -3.68
C SER A 307 -6.22 -12.61 -2.98
N SER A 308 -5.95 -12.31 -1.72
CA SER A 308 -4.82 -12.93 -1.03
C SER A 308 -5.05 -14.43 -0.79
N ASP A 309 -6.31 -14.87 -0.83
CA ASP A 309 -6.60 -16.32 -0.76
C ASP A 309 -6.14 -17.12 -1.97
N PHE A 310 -5.72 -16.43 -3.03
CA PHE A 310 -5.21 -17.11 -4.21
C PHE A 310 -3.69 -16.99 -4.38
N VAL A 311 -3.01 -16.43 -3.40
CA VAL A 311 -1.56 -16.41 -3.44
C VAL A 311 -1.07 -17.86 -3.45
N HIS A 312 -0.25 -18.18 -4.45
CA HIS A 312 0.31 -19.53 -4.66
C HIS A 312 -0.76 -20.56 -4.99
N CYS A 313 -1.82 -20.10 -5.67
CA CYS A 313 -2.82 -20.99 -6.24
C CYS A 313 -2.44 -21.37 -7.68
N LYS A 314 -2.40 -22.67 -7.93
CA LYS A 314 -1.91 -23.22 -9.21
C LYS A 314 -2.89 -23.10 -10.39
N PHE A 315 -4.16 -22.79 -10.12
CA PHE A 315 -5.20 -22.82 -11.16
C PHE A 315 -5.05 -21.65 -12.13
N SER A 316 -5.43 -21.87 -13.39
CA SER A 316 -5.44 -20.80 -14.39
C SER A 316 -6.59 -19.83 -14.13
N SER A 317 -7.68 -20.34 -13.53
CA SER A 317 -8.95 -19.64 -13.47
C SER A 317 -9.78 -20.23 -12.33
N VAL A 318 -10.18 -19.41 -11.36
CA VAL A 318 -11.05 -19.88 -10.28
C VAL A 318 -12.34 -19.08 -10.26
N PHE A 319 -13.43 -19.73 -10.63
CA PHE A 319 -14.70 -19.06 -10.85
C PHE A 319 -15.24 -18.68 -9.48
N ASP A 320 -15.57 -17.40 -9.30
CA ASP A 320 -16.11 -16.90 -8.02
C ASP A 320 -17.63 -16.93 -8.07
N ILE A 321 -18.21 -17.98 -7.49
CA ILE A 321 -19.67 -18.22 -7.64
C ILE A 321 -20.50 -17.04 -7.07
N ASN A 322 -20.13 -16.57 -5.87
CA ASN A 322 -20.94 -15.53 -5.20
C ASN A 322 -20.74 -14.10 -5.73
N ALA A 323 -19.61 -13.84 -6.38
CA ALA A 323 -19.32 -12.51 -6.90
C ALA A 323 -20.09 -12.18 -8.20
N GLY A 324 -20.49 -13.21 -8.95
CA GLY A 324 -21.15 -13.01 -10.22
C GLY A 324 -22.53 -12.40 -10.06
N ILE A 325 -23.06 -11.84 -11.14
CA ILE A 325 -24.39 -11.27 -11.13
C ILE A 325 -24.97 -11.30 -12.55
N MET A 326 -26.22 -11.72 -12.65
CA MET A 326 -26.96 -11.70 -13.92
C MET A 326 -28.00 -10.59 -13.86
N LEU A 327 -28.04 -9.74 -14.88
CA LEU A 327 -29.12 -8.76 -15.05
C LEU A 327 -30.39 -9.48 -15.50
N ASN A 328 -30.25 -10.41 -16.45
CA ASN A 328 -31.40 -11.18 -16.96
C ASN A 328 -30.84 -12.47 -17.54
N ASP A 329 -31.67 -13.30 -18.16
CA ASP A 329 -31.24 -14.66 -18.48
C ASP A 329 -30.28 -14.77 -19.67
N THR A 330 -29.94 -13.65 -20.31
CA THR A 330 -28.90 -13.67 -21.37
C THR A 330 -27.75 -12.66 -21.20
N PHE A 331 -27.76 -11.89 -20.11
CA PHE A 331 -26.76 -10.85 -19.92
C PHE A 331 -26.17 -11.00 -18.52
N VAL A 332 -24.89 -11.32 -18.45
CA VAL A 332 -24.31 -11.80 -17.21
C VAL A 332 -22.94 -11.23 -16.99
N LYS A 333 -22.58 -11.01 -15.72
CA LYS A 333 -21.20 -10.64 -15.37
C LYS A 333 -20.58 -11.76 -14.53
N LEU A 334 -19.50 -12.34 -15.03
CA LEU A 334 -18.84 -13.50 -14.44
C LEU A 334 -17.43 -13.12 -13.95
N VAL A 335 -17.05 -13.68 -12.81
CA VAL A 335 -15.83 -13.27 -12.11
C VAL A 335 -14.96 -14.49 -11.85
N SER A 336 -13.67 -14.38 -12.22
CA SER A 336 -12.68 -15.45 -12.05
C SER A 336 -11.28 -14.96 -11.67
N TRP A 337 -10.76 -15.56 -10.60
CA TRP A 337 -9.49 -15.21 -10.02
C TRP A 337 -8.32 -15.96 -10.68
N TYR A 338 -7.14 -15.34 -10.61
CA TYR A 338 -5.92 -16.01 -11.02
C TYR A 338 -4.68 -15.45 -10.34
N ASP A 339 -3.80 -16.38 -9.92
CA ASP A 339 -2.49 -15.98 -9.49
C ASP A 339 -1.67 -15.79 -10.74
N ASN A 340 -1.53 -14.54 -11.15
CA ASN A 340 -0.89 -14.22 -12.43
C ASN A 340 0.55 -14.70 -12.55
N GLU A 341 1.26 -14.82 -11.42
CA GLU A 341 2.64 -15.31 -11.44
C GLU A 341 2.70 -16.84 -11.40
N TRP A 342 2.03 -17.44 -10.41
CA TRP A 342 2.15 -18.88 -10.13
C TRP A 342 1.30 -19.77 -11.06
N GLY A 343 0.06 -19.35 -11.33
CA GLY A 343 -0.79 -20.12 -12.22
C GLY A 343 -0.15 -20.20 -13.59
N TYR A 344 0.14 -19.02 -14.14
CA TYR A 344 0.82 -18.91 -15.43
C TYR A 344 2.11 -19.74 -15.53
N SER A 345 2.95 -19.66 -14.49
CA SER A 345 4.26 -20.30 -14.51
C SER A 345 4.07 -21.81 -14.57
N ASN A 346 3.05 -22.31 -13.86
CA ASN A 346 2.74 -23.73 -13.93
C ASN A 346 2.25 -24.15 -15.31
N ARG A 347 1.38 -23.34 -15.91
CA ARG A 347 0.91 -23.64 -17.25
C ARG A 347 2.07 -23.69 -18.24
N LEU A 348 2.99 -22.74 -18.18
CA LEU A 348 4.12 -22.74 -19.12
C LEU A 348 4.92 -24.03 -19.02
N VAL A 349 5.23 -24.45 -17.80
CA VAL A 349 5.97 -25.70 -17.60
C VAL A 349 5.16 -26.89 -18.12
N GLU A 350 3.86 -26.86 -17.87
CA GLU A 350 2.99 -27.92 -18.38
C GLU A 350 2.99 -27.91 -19.90
N LEU A 351 2.97 -26.72 -20.50
CA LEU A 351 3.03 -26.63 -21.96
C LEU A 351 4.35 -27.18 -22.49
N ALA A 352 5.47 -26.82 -21.84
CA ALA A 352 6.78 -27.28 -22.32
C ALA A 352 6.85 -28.80 -22.30
N HIS A 353 6.32 -29.39 -21.22
CA HIS A 353 6.33 -30.84 -21.07
C HIS A 353 5.47 -31.52 -22.11
N TYR A 354 4.25 -31.00 -22.30
CA TYR A 354 3.32 -31.51 -23.30
C TYR A 354 4.03 -31.49 -24.66
N MET A 355 4.74 -30.40 -24.94
CA MET A 355 5.46 -30.30 -26.22
C MET A 355 6.52 -31.40 -26.34
N SER A 356 7.28 -31.61 -25.26
CA SER A 356 8.34 -32.60 -25.27
C SER A 356 7.78 -34.01 -25.49
N VAL A 357 6.63 -34.31 -24.89
CA VAL A 357 6.00 -35.61 -25.12
C VAL A 357 5.57 -35.79 -26.58
N GLN A 358 4.85 -34.80 -27.12
CA GLN A 358 4.36 -34.89 -28.50
C GLN A 358 5.51 -34.93 -29.50
N ASP A 359 6.60 -34.20 -29.21
CA ASP A 359 7.82 -34.23 -30.02
C ASP A 359 8.57 -35.56 -29.91
N GLY A 360 8.28 -36.36 -28.89
CA GLY A 360 8.94 -37.68 -28.75
C GLY A 360 10.29 -37.57 -28.05
N MET B 22 20.97 39.75 -11.47
CA MET B 22 19.95 39.70 -10.37
C MET B 22 19.03 38.46 -10.42
N VAL B 23 19.10 37.75 -11.54
CA VAL B 23 18.31 36.55 -11.78
C VAL B 23 19.21 35.33 -11.93
N CYS B 24 18.94 34.29 -11.13
CA CYS B 24 19.60 33.01 -11.27
C CYS B 24 19.10 32.29 -12.53
N LYS B 25 20.00 32.10 -13.49
CA LYS B 25 19.67 31.46 -14.76
C LYS B 25 19.96 29.97 -14.70
N LEU B 26 18.90 29.20 -14.53
CA LEU B 26 18.99 27.81 -14.10
C LEU B 26 18.72 26.86 -15.27
N GLY B 27 19.48 25.76 -15.31
CA GLY B 27 19.19 24.63 -16.18
C GLY B 27 18.94 23.38 -15.33
N ILE B 28 18.06 22.50 -15.81
CA ILE B 28 17.80 21.24 -15.11
C ILE B 28 18.23 20.04 -15.96
N ASN B 29 19.17 19.25 -15.44
CA ASN B 29 19.51 17.96 -16.03
C ASN B 29 18.88 16.82 -15.26
N GLY B 30 17.99 16.09 -15.91
CA GLY B 30 17.18 15.04 -15.27
C GLY B 30 15.90 15.60 -14.72
N PHE B 31 14.82 15.41 -15.47
CA PHE B 31 13.52 16.01 -15.16
C PHE B 31 12.65 14.99 -14.39
N GLY B 32 13.17 14.53 -13.25
CA GLY B 32 12.52 13.52 -12.43
C GLY B 32 11.74 14.12 -11.28
N ARG B 33 11.66 13.40 -10.17
CA ARG B 33 10.98 13.90 -8.97
C ARG B 33 11.58 15.23 -8.52
N ILE B 34 12.90 15.25 -8.37
CA ILE B 34 13.59 16.46 -7.95
C ILE B 34 13.61 17.47 -9.08
N GLY B 35 13.95 17.04 -10.28
CA GLY B 35 13.96 17.95 -11.44
C GLY B 35 12.66 18.72 -11.63
N ARG B 36 11.54 18.02 -11.64
CA ARG B 36 10.23 18.66 -11.87
C ARG B 36 9.79 19.54 -10.70
N LEU B 37 10.18 19.14 -9.50
CA LEU B 37 9.82 19.94 -8.33
C LEU B 37 10.75 21.15 -8.19
N VAL B 38 12.01 20.97 -8.57
CA VAL B 38 12.93 22.13 -8.65
C VAL B 38 12.32 23.12 -9.66
N PHE B 39 11.80 22.60 -10.77
CA PHE B 39 11.18 23.43 -11.79
C PHE B 39 9.95 24.19 -11.24
N ARG B 40 9.07 23.52 -10.49
N ARG B 40 9.11 23.49 -10.49
CA ARG B 40 7.92 24.22 -9.90
CA ARG B 40 7.93 24.09 -9.86
C ARG B 40 8.41 25.29 -8.94
C ARG B 40 8.34 25.20 -8.89
N ALA B 41 9.37 24.95 -8.07
CA ALA B 41 9.86 25.93 -7.09
C ALA B 41 10.47 27.16 -7.77
N ALA B 42 11.26 26.95 -8.80
CA ALA B 42 11.80 28.04 -9.63
C ALA B 42 10.70 28.94 -10.22
N MET B 43 9.60 28.35 -10.68
CA MET B 43 8.51 29.15 -11.26
C MET B 43 7.78 30.00 -10.21
N GLU B 44 7.79 29.61 -8.94
CA GLU B 44 7.16 30.43 -7.87
C GLU B 44 7.98 31.67 -7.43
N ARG B 45 9.13 31.91 -8.08
CA ARG B 45 10.08 32.99 -7.70
C ARG B 45 10.44 33.81 -8.92
N GLY B 46 10.44 35.13 -8.81
CA GLY B 46 10.90 35.98 -9.90
C GLY B 46 12.40 36.13 -10.09
N ASP B 47 13.20 35.67 -9.12
CA ASP B 47 14.65 35.84 -9.17
C ASP B 47 15.36 34.57 -9.63
N VAL B 48 14.59 33.58 -10.05
CA VAL B 48 15.12 32.36 -10.65
C VAL B 48 14.33 32.05 -11.90
N GLU B 49 15.02 31.68 -12.98
CA GLU B 49 14.38 31.33 -14.24
C GLU B 49 14.95 30.03 -14.77
N VAL B 50 14.09 29.12 -15.18
CA VAL B 50 14.54 27.90 -15.84
C VAL B 50 14.60 28.18 -17.32
N LEU B 51 15.80 28.19 -17.87
CA LEU B 51 15.98 28.47 -19.29
C LEU B 51 16.04 27.20 -20.14
N ALA B 52 16.45 26.09 -19.53
CA ALA B 52 16.49 24.81 -20.27
C ALA B 52 16.33 23.59 -19.37
N ILE B 53 15.80 22.54 -19.97
CA ILE B 53 15.69 21.23 -19.35
C ILE B 53 16.32 20.20 -20.26
N ASN B 54 17.06 19.24 -19.71
CA ASN B 54 17.54 18.09 -20.48
C ASN B 54 17.12 16.76 -19.85
N ASP B 55 16.51 15.89 -20.66
CA ASP B 55 16.17 14.53 -20.23
C ASP B 55 16.00 13.68 -21.49
N PRO B 56 16.90 12.71 -21.71
CA PRO B 56 16.74 11.96 -22.95
C PRO B 56 15.64 10.90 -22.92
N PHE B 57 14.96 10.72 -21.80
CA PHE B 57 13.98 9.63 -21.69
C PHE B 57 12.53 10.06 -21.78
N MET B 58 12.30 11.30 -22.25
CA MET B 58 10.95 11.81 -22.42
C MET B 58 10.88 12.83 -23.58
N SER B 59 9.97 12.59 -24.51
CA SER B 59 9.64 13.59 -25.53
C SER B 59 9.08 14.85 -24.86
N LEU B 60 8.95 15.90 -25.65
CA LEU B 60 8.32 17.14 -25.20
C LEU B 60 6.87 16.90 -24.75
N ASP B 61 6.09 16.13 -25.52
CA ASP B 61 4.73 15.75 -25.11
C ASP B 61 4.73 15.06 -23.74
N TYR B 62 5.66 14.13 -23.56
CA TYR B 62 5.77 13.37 -22.33
C TYR B 62 6.17 14.28 -21.18
N MET B 63 7.09 15.21 -21.45
CA MET B 63 7.48 16.21 -20.45
C MET B 63 6.28 17.02 -19.98
N VAL B 64 5.46 17.46 -20.92
CA VAL B 64 4.25 18.21 -20.59
C VAL B 64 3.37 17.41 -19.66
N TYR B 65 3.15 16.14 -20.01
CA TYR B 65 2.33 15.24 -19.22
C TYR B 65 2.87 15.05 -17.79
N LEU B 66 4.16 14.75 -17.68
CA LEU B 66 4.74 14.47 -16.36
C LEU B 66 4.75 15.73 -15.49
N LEU B 67 4.85 16.90 -16.11
CA LEU B 67 4.79 18.13 -15.36
C LEU B 67 3.34 18.50 -14.99
N ARG B 68 2.37 18.23 -15.87
CA ARG B 68 0.96 18.55 -15.56
C ARG B 68 0.44 17.76 -14.38
N TYR B 69 0.80 16.49 -14.27
CA TYR B 69 0.21 15.59 -13.28
C TYR B 69 1.25 15.02 -12.33
N ASP B 70 0.86 14.89 -11.06
CA ASP B 70 1.73 14.36 -10.05
C ASP B 70 0.92 13.56 -9.02
N SER B 71 1.38 12.35 -8.70
CA SER B 71 0.69 11.48 -7.75
C SER B 71 0.76 11.95 -6.31
N VAL B 72 1.71 12.82 -6.00
CA VAL B 72 1.87 13.33 -4.66
C VAL B 72 1.54 14.82 -4.57
N HIS B 73 2.06 15.65 -5.47
CA HIS B 73 1.94 17.11 -5.32
C HIS B 73 0.80 17.77 -6.10
N GLY B 74 -0.12 16.95 -6.62
CA GLY B 74 -1.28 17.51 -7.33
C GLY B 74 -0.91 18.04 -8.71
N HIS B 75 -1.89 18.60 -9.40
CA HIS B 75 -1.72 19.10 -10.74
C HIS B 75 -0.70 20.26 -10.70
N TYR B 76 0.07 20.45 -11.78
CA TYR B 76 0.86 21.67 -11.88
C TYR B 76 -0.08 22.86 -11.70
N PRO B 77 0.28 23.84 -10.84
CA PRO B 77 -0.60 25.01 -10.60
C PRO B 77 -0.48 26.08 -11.69
N GLY B 78 -0.99 25.77 -12.88
CA GLY B 78 -0.82 26.62 -14.06
C GLY B 78 -1.00 25.79 -15.33
N GLU B 79 -1.08 26.48 -16.47
CA GLU B 79 -1.20 25.81 -17.75
C GLU B 79 0.18 25.39 -18.21
N VAL B 80 0.28 24.16 -18.69
CA VAL B 80 1.50 23.63 -19.27
C VAL B 80 1.20 23.19 -20.70
N SER B 81 2.07 23.56 -21.63
CA SER B 81 1.92 23.16 -23.02
C SER B 81 3.26 23.25 -23.73
N HIS B 82 3.24 23.00 -25.03
CA HIS B 82 4.43 23.17 -25.81
C HIS B 82 4.11 23.83 -27.14
N LYS B 83 5.09 24.56 -27.66
CA LYS B 83 4.98 25.27 -28.93
C LYS B 83 6.38 25.47 -29.52
N ASP B 84 6.52 25.21 -30.81
CA ASP B 84 7.77 25.41 -31.56
C ASP B 84 8.98 24.73 -30.92
N GLY B 85 8.75 23.55 -30.34
CA GLY B 85 9.83 22.76 -29.76
C GLY B 85 10.21 23.16 -28.34
N LYS B 86 9.46 24.10 -27.76
CA LYS B 86 9.76 24.54 -26.40
C LYS B 86 8.59 24.25 -25.45
N LEU B 87 8.92 24.04 -24.19
CA LEU B 87 7.94 23.87 -23.14
C LEU B 87 7.45 25.25 -22.72
N ILE B 88 6.13 25.42 -22.63
CA ILE B 88 5.52 26.71 -22.31
C ILE B 88 4.84 26.64 -20.96
N VAL B 89 5.36 27.35 -19.96
CA VAL B 89 4.73 27.45 -18.63
C VAL B 89 4.71 28.90 -18.12
N GLY B 90 3.57 29.33 -17.57
CA GLY B 90 3.47 30.64 -16.92
C GLY B 90 4.00 31.76 -17.80
N GLY B 91 3.63 31.71 -19.08
CA GLY B 91 3.99 32.74 -20.05
C GLY B 91 5.44 32.71 -20.52
N LYS B 92 6.17 31.66 -20.16
CA LYS B 92 7.59 31.57 -20.44
C LYS B 92 7.89 30.35 -21.32
N ALA B 93 8.80 30.55 -22.26
CA ALA B 93 9.31 29.47 -23.10
C ALA B 93 10.59 28.90 -22.48
N VAL B 94 10.67 27.58 -22.41
CA VAL B 94 11.82 26.87 -21.87
C VAL B 94 12.38 25.93 -22.94
N THR B 95 13.68 26.04 -23.22
CA THR B 95 14.33 25.19 -24.22
C THR B 95 14.41 23.76 -23.69
N VAL B 96 14.24 22.76 -24.57
CA VAL B 96 14.27 21.34 -24.16
C VAL B 96 15.27 20.55 -24.98
N PHE B 97 16.17 19.86 -24.29
CA PHE B 97 17.12 18.95 -24.91
C PHE B 97 16.86 17.52 -24.44
N ASN B 98 17.39 16.56 -25.22
CA ASN B 98 17.20 15.12 -25.01
C ASN B 98 18.54 14.36 -25.18
N GLU B 99 19.54 14.77 -24.42
CA GLU B 99 20.90 14.26 -24.58
C GLU B 99 21.27 13.38 -23.40
N LYS B 100 21.86 12.21 -23.69
CA LYS B 100 22.42 11.36 -22.63
C LYS B 100 23.72 11.94 -22.07
N GLU B 101 24.53 12.50 -22.96
CA GLU B 101 25.86 12.99 -22.62
C GLU B 101 25.89 14.46 -22.21
N PRO B 102 26.32 14.74 -20.98
CA PRO B 102 26.36 16.15 -20.56
C PRO B 102 27.10 17.09 -21.54
N THR B 103 28.22 16.66 -22.10
CA THR B 103 29.00 17.55 -22.98
C THR B 103 28.23 17.90 -24.23
N ALA B 104 27.18 17.15 -24.56
CA ALA B 104 26.38 17.44 -25.75
C ALA B 104 25.24 18.43 -25.46
N ILE B 105 25.03 18.79 -24.20
CA ILE B 105 23.91 19.68 -23.86
C ILE B 105 24.30 21.16 -24.14
N PRO B 106 23.55 21.85 -25.04
CA PRO B 106 23.94 23.24 -25.34
C PRO B 106 23.43 24.25 -24.30
N TRP B 107 23.89 24.13 -23.06
CA TRP B 107 23.53 25.06 -22.02
C TRP B 107 23.84 26.50 -22.45
N GLY B 108 24.95 26.67 -23.15
CA GLY B 108 25.36 27.99 -23.63
C GLY B 108 24.37 28.69 -24.55
N GLN B 109 23.86 27.95 -25.52
CA GLN B 109 22.92 28.51 -26.48
C GLN B 109 21.63 28.92 -25.77
N ALA B 110 21.27 28.16 -24.73
CA ALA B 110 20.08 28.43 -23.92
C ALA B 110 20.25 29.57 -22.92
N GLY B 111 21.48 29.98 -22.66
CA GLY B 111 21.76 31.04 -21.68
C GLY B 111 21.81 30.57 -20.22
N VAL B 112 21.99 29.28 -20.00
CA VAL B 112 22.02 28.74 -18.64
C VAL B 112 23.36 29.05 -17.98
N HIS B 113 23.30 29.37 -16.69
CA HIS B 113 24.47 29.64 -15.85
C HIS B 113 24.67 28.55 -14.80
N TYR B 114 23.58 28.18 -14.12
CA TYR B 114 23.61 27.24 -12.99
C TYR B 114 22.83 25.98 -13.32
N ILE B 115 23.45 24.82 -13.08
CA ILE B 115 22.87 23.54 -13.45
C ILE B 115 22.43 22.77 -12.22
N CYS B 116 21.15 22.39 -12.20
CA CYS B 116 20.64 21.43 -11.25
C CYS B 116 20.88 20.05 -11.85
N GLU B 117 21.90 19.37 -11.34
CA GLU B 117 22.27 18.03 -11.76
C GLU B 117 21.46 17.02 -10.92
N SER B 118 20.34 16.58 -11.48
CA SER B 118 19.39 15.75 -10.76
C SER B 118 19.06 14.50 -11.57
N THR B 119 20.08 13.85 -12.13
CA THR B 119 19.92 12.60 -12.85
C THR B 119 20.25 11.43 -11.96
N GLY B 120 21.00 11.67 -10.90
CA GLY B 120 21.48 10.60 -10.05
C GLY B 120 22.79 9.95 -10.48
N ILE B 121 23.33 10.28 -11.65
CA ILE B 121 24.49 9.54 -12.17
C ILE B 121 25.76 10.38 -12.41
N PHE B 122 25.73 11.67 -12.11
CA PHE B 122 26.88 12.55 -12.35
C PHE B 122 27.32 13.24 -11.06
N LEU B 123 27.86 12.43 -10.16
CA LEU B 123 28.09 12.83 -8.78
C LEU B 123 29.55 12.84 -8.37
N THR B 124 30.47 12.96 -9.33
CA THR B 124 31.85 13.35 -9.06
C THR B 124 32.13 14.68 -9.77
N LYS B 125 33.19 15.35 -9.36
CA LYS B 125 33.60 16.59 -10.02
C LYS B 125 33.88 16.36 -11.50
N GLU B 126 34.62 15.30 -11.79
N GLU B 126 34.62 15.30 -11.81
CA GLU B 126 35.01 14.97 -13.14
CA GLU B 126 35.00 14.99 -13.19
C GLU B 126 33.79 14.83 -14.05
C GLU B 126 33.77 14.87 -14.06
N LYS B 127 32.75 14.16 -13.56
CA LYS B 127 31.53 13.91 -14.32
C LYS B 127 30.72 15.18 -14.46
N ALA B 128 30.60 15.95 -13.39
CA ALA B 128 29.78 17.16 -13.39
C ALA B 128 30.41 18.28 -14.22
N GLN B 129 31.73 18.30 -14.31
CA GLN B 129 32.45 19.32 -15.10
C GLN B 129 32.12 19.27 -16.60
N ALA B 130 31.62 18.13 -17.07
CA ALA B 130 31.22 17.96 -18.47
C ALA B 130 30.10 18.93 -18.87
N HIS B 131 29.39 19.46 -17.87
CA HIS B 131 28.40 20.51 -18.11
C HIS B 131 29.00 21.88 -18.50
N LEU B 132 30.32 22.05 -18.41
CA LEU B 132 30.88 23.39 -18.38
C LEU B 132 31.80 23.72 -19.56
N THR B 133 31.52 23.13 -20.72
CA THR B 133 32.37 23.31 -21.88
C THR B 133 31.76 24.27 -22.90
N ASN B 134 30.57 24.81 -22.65
CA ASN B 134 29.95 25.69 -23.66
C ASN B 134 29.19 26.91 -23.17
N GLY B 135 29.39 27.31 -21.91
CA GLY B 135 28.81 28.56 -21.42
C GLY B 135 28.30 28.56 -19.99
N ALA B 136 27.90 27.41 -19.49
CA ALA B 136 27.39 27.34 -18.13
C ALA B 136 28.52 27.60 -17.13
N LYS B 137 28.17 28.01 -15.91
CA LYS B 137 29.15 28.45 -14.92
C LYS B 137 29.37 27.48 -13.77
N LYS B 138 28.30 26.95 -13.21
CA LYS B 138 28.41 26.09 -12.04
C LYS B 138 27.35 25.00 -12.01
N VAL B 139 27.66 23.95 -11.25
CA VAL B 139 26.80 22.80 -11.14
C VAL B 139 26.47 22.53 -9.68
N ILE B 140 25.18 22.28 -9.43
CA ILE B 140 24.71 21.86 -8.09
C ILE B 140 24.18 20.44 -8.19
N MET B 141 24.90 19.49 -7.60
CA MET B 141 24.42 18.12 -7.53
C MET B 141 23.25 18.03 -6.56
N SER B 142 22.23 17.24 -6.93
CA SER B 142 21.02 17.09 -6.16
C SER B 142 21.09 15.84 -5.29
N ALA B 143 22.31 15.46 -4.91
CA ALA B 143 22.54 14.34 -4.03
C ALA B 143 23.93 14.53 -3.43
N PRO B 144 24.29 13.74 -2.41
CA PRO B 144 25.65 13.78 -1.93
C PRO B 144 26.61 13.29 -3.01
N PRO B 145 27.83 13.83 -3.06
CA PRO B 145 28.83 13.40 -4.05
C PRO B 145 29.54 12.11 -3.66
N LYS B 146 30.10 11.42 -4.65
CA LYS B 146 30.92 10.24 -4.41
C LYS B 146 32.40 10.63 -4.16
N ASP B 147 32.73 11.91 -4.28
CA ASP B 147 34.10 12.40 -4.07
C ASP B 147 34.08 13.51 -3.00
N ASP B 148 35.06 14.43 -3.02
CA ASP B 148 35.15 15.47 -1.99
C ASP B 148 34.50 16.83 -2.39
N THR B 149 33.59 16.79 -3.34
CA THR B 149 32.81 17.96 -3.73
C THR B 149 32.14 18.56 -2.49
N PRO B 150 32.25 19.89 -2.31
CA PRO B 150 31.68 20.48 -1.10
C PRO B 150 30.15 20.41 -1.08
N MET B 151 29.62 19.99 0.07
CA MET B 151 28.17 19.95 0.32
C MET B 151 27.73 21.17 1.10
N PHE B 152 26.55 21.69 0.79
CA PHE B 152 26.00 22.81 1.54
C PHE B 152 24.57 22.53 1.95
N VAL B 153 24.24 22.92 3.17
CA VAL B 153 22.89 22.83 3.69
C VAL B 153 22.46 24.25 4.06
N MET B 154 21.43 24.75 3.38
CA MET B 154 20.94 26.10 3.64
C MET B 154 20.51 26.21 5.10
N GLY B 155 20.92 27.32 5.73
CA GLY B 155 20.61 27.60 7.14
C GLY B 155 21.63 27.04 8.09
N VAL B 156 22.55 26.22 7.59
CA VAL B 156 23.56 25.59 8.43
C VAL B 156 24.99 26.01 8.03
N ASN B 157 25.38 25.80 6.78
CA ASN B 157 26.76 26.10 6.37
C ASN B 157 26.90 26.71 4.98
N ASN B 158 25.82 27.23 4.39
CA ASN B 158 25.92 27.84 3.06
C ASN B 158 26.76 29.10 3.05
N ASP B 159 26.98 29.71 4.21
CA ASP B 159 27.90 30.85 4.29
C ASP B 159 29.37 30.45 4.10
N GLN B 160 29.68 29.14 4.07
CA GLN B 160 31.03 28.66 3.72
C GLN B 160 31.24 28.58 2.21
N TYR B 161 30.17 28.74 1.43
CA TYR B 161 30.29 28.72 -0.02
C TYR B 161 31.18 29.87 -0.47
N LYS B 162 32.09 29.57 -1.40
CA LYS B 162 32.97 30.56 -2.01
C LYS B 162 32.64 30.60 -3.50
N SER B 163 32.81 31.77 -4.11
CA SER B 163 32.54 31.89 -5.56
C SER B 163 33.49 31.03 -6.40
N SER B 164 34.59 30.60 -5.80
CA SER B 164 35.51 29.68 -6.47
C SER B 164 35.02 28.23 -6.47
N ASP B 165 33.91 27.95 -5.78
CA ASP B 165 33.36 26.61 -5.74
C ASP B 165 32.54 26.34 -6.99
N VAL B 166 33.16 25.78 -8.02
CA VAL B 166 32.49 25.57 -9.30
C VAL B 166 31.49 24.45 -9.26
N ILE B 167 31.86 23.33 -8.65
CA ILE B 167 30.95 22.20 -8.48
C ILE B 167 30.62 22.07 -7.00
N VAL B 168 29.33 22.00 -6.70
CA VAL B 168 28.85 21.84 -5.34
C VAL B 168 27.73 20.81 -5.30
N SER B 169 27.35 20.43 -4.08
CA SER B 169 26.23 19.52 -3.79
C SER B 169 25.33 20.11 -2.72
N ASN B 170 24.03 19.87 -2.86
CA ASN B 170 23.04 20.29 -1.89
C ASN B 170 22.76 19.15 -0.86
N ALA B 171 23.68 18.19 -0.81
CA ALA B 171 23.57 17.02 0.06
C ALA B 171 22.31 16.19 -0.25
N SER B 172 21.77 15.52 0.75
CA SER B 172 20.55 14.71 0.58
C SER B 172 19.37 15.33 1.32
N CYS B 173 18.19 14.80 1.08
CA CYS B 173 17.00 15.17 1.84
C CYS B 173 17.21 14.93 3.36
N THR B 174 17.74 13.75 3.70
CA THR B 174 17.94 13.37 5.10
C THR B 174 18.94 14.28 5.79
N THR B 175 20.02 14.62 5.11
CA THR B 175 21.02 15.54 5.68
C THR B 175 20.45 16.92 5.90
N ASN B 176 19.63 17.40 4.96
CA ASN B 176 18.96 18.68 5.15
C ASN B 176 17.99 18.66 6.34
N CYS B 177 17.44 17.48 6.68
CA CYS B 177 16.54 17.36 7.83
C CYS B 177 17.35 17.34 9.11
N LEU B 178 18.39 16.51 9.12
CA LEU B 178 19.16 16.29 10.34
C LEU B 178 20.10 17.42 10.73
N ALA B 179 20.78 18.01 9.76
CA ALA B 179 21.81 19.01 10.07
C ALA B 179 21.33 20.19 10.89
N PRO B 180 20.17 20.77 10.55
CA PRO B 180 19.69 21.90 11.34
C PRO B 180 19.36 21.53 12.79
N LEU B 181 18.77 20.35 13.00
CA LEU B 181 18.46 19.90 14.36
C LEU B 181 19.75 19.67 15.13
N ALA B 182 20.67 18.96 14.49
CA ALA B 182 21.96 18.60 15.08
C ALA B 182 22.76 19.86 15.43
N LYS B 183 22.70 20.86 14.55
CA LYS B 183 23.33 22.15 14.87
C LYS B 183 22.71 22.84 16.07
N ILE B 184 21.37 22.83 16.18
CA ILE B 184 20.72 23.46 17.32
C ILE B 184 21.11 22.76 18.62
N VAL B 185 21.05 21.44 18.64
CA VAL B 185 21.32 20.66 19.85
C VAL B 185 22.80 20.72 20.25
N HIS B 186 23.68 20.63 19.24
CA HIS B 186 25.12 20.68 19.48
C HIS B 186 25.54 22.05 20.02
N ASP B 187 24.97 23.14 19.47
CA ASP B 187 25.36 24.49 19.91
C ASP B 187 24.91 24.76 21.34
N LYS B 188 23.73 24.27 21.69
CA LYS B 188 23.16 24.57 23.00
C LYS B 188 23.60 23.57 24.07
N PHE B 189 23.65 22.29 23.75
CA PHE B 189 23.92 21.26 24.76
C PHE B 189 25.19 20.45 24.51
N GLY B 190 25.63 20.38 23.25
CA GLY B 190 26.77 19.55 22.90
C GLY B 190 26.31 18.12 22.58
N ILE B 191 26.57 17.67 21.36
CA ILE B 191 26.36 16.28 21.02
C ILE B 191 27.69 15.53 21.20
N VAL B 192 27.73 14.68 22.21
CA VAL B 192 28.88 13.79 22.45
C VAL B 192 28.96 12.74 21.34
N GLU B 193 27.83 12.10 21.06
CA GLU B 193 27.74 11.09 20.01
C GLU B 193 26.27 10.85 19.70
N GLY B 194 25.98 10.48 18.46
CA GLY B 194 24.63 10.22 18.05
C GLY B 194 24.52 9.20 16.93
N LEU B 195 23.36 8.57 16.86
CA LEU B 195 23.04 7.59 15.83
C LEU B 195 21.63 7.86 15.30
N MET B 196 21.53 7.93 13.98
CA MET B 196 20.30 8.32 13.31
C MET B 196 19.74 7.13 12.58
N THR B 197 18.40 7.02 12.61
CA THR B 197 17.66 6.24 11.65
C THR B 197 16.70 7.18 10.94
N THR B 198 16.61 7.05 9.62
CA THR B 198 15.49 7.62 8.88
C THR B 198 14.53 6.53 8.40
N VAL B 199 13.26 6.70 8.74
CA VAL B 199 12.18 5.90 8.19
C VAL B 199 11.73 6.68 6.95
N HIS B 200 12.02 6.15 5.77
CA HIS B 200 12.05 6.95 4.55
C HIS B 200 11.02 6.51 3.51
N ALA B 201 10.37 7.47 2.86
CA ALA B 201 9.47 7.17 1.74
C ALA B 201 10.19 6.40 0.63
N MET B 202 9.40 5.71 -0.20
CA MET B 202 9.87 5.07 -1.42
C MET B 202 10.49 6.05 -2.42
N THR B 203 11.50 5.57 -3.16
CA THR B 203 12.18 6.37 -4.19
C THR B 203 12.30 5.63 -5.54
N ALA B 204 12.69 6.38 -6.58
CA ALA B 204 12.74 5.88 -7.97
C ALA B 204 13.67 4.69 -8.17
N ASN B 205 14.65 4.55 -7.28
CA ASN B 205 15.64 3.48 -7.38
C ASN B 205 15.14 2.13 -6.87
N GLN B 206 13.91 2.11 -6.36
CA GLN B 206 13.29 0.88 -5.90
C GLN B 206 12.41 0.23 -6.98
N LEU B 207 12.02 -1.03 -6.76
CA LEU B 207 11.25 -1.79 -7.76
C LEU B 207 9.86 -2.16 -7.25
N THR B 208 8.92 -2.28 -8.18
CA THR B 208 7.54 -2.55 -7.83
C THR B 208 7.37 -4.00 -7.35
N VAL B 209 8.19 -4.89 -7.90
CA VAL B 209 8.19 -6.29 -7.56
C VAL B 209 9.66 -6.78 -7.51
N ASP B 210 9.86 -7.94 -6.87
CA ASP B 210 11.20 -8.42 -6.58
C ASP B 210 12.03 -8.51 -7.87
N GLY B 211 13.16 -7.82 -7.89
CA GLY B 211 14.08 -7.91 -9.03
C GLY B 211 15.49 -7.43 -8.76
N PRO B 212 16.31 -7.41 -9.82
CA PRO B 212 17.70 -7.04 -9.66
C PRO B 212 17.91 -5.54 -9.69
N SER B 213 18.53 -5.00 -8.66
CA SER B 213 18.89 -3.59 -8.62
C SER B 213 19.89 -3.22 -9.69
N LYS B 214 19.88 -1.95 -10.06
CA LYS B 214 20.83 -1.44 -11.06
C LYS B 214 22.26 -1.64 -10.55
N GLY B 215 23.13 -2.23 -11.36
CA GLY B 215 24.53 -2.45 -10.98
C GLY B 215 24.74 -3.54 -9.94
N GLY B 216 23.68 -4.25 -9.56
CA GLY B 216 23.75 -5.28 -8.53
C GLY B 216 24.14 -4.77 -7.16
N LYS B 217 23.90 -3.50 -6.87
CA LYS B 217 24.42 -2.86 -5.65
C LYS B 217 23.61 -3.13 -4.35
N ASP B 218 22.38 -2.66 -4.31
CA ASP B 218 21.60 -2.63 -3.09
C ASP B 218 20.47 -3.65 -3.28
N TRP B 219 20.75 -4.89 -2.90
CA TRP B 219 19.85 -6.03 -3.16
C TRP B 219 18.50 -5.83 -2.49
N ARG B 220 18.53 -5.31 -1.27
CA ARG B 220 17.32 -5.03 -0.50
C ARG B 220 16.37 -4.07 -1.20
N ALA B 221 16.95 -3.07 -1.86
CA ALA B 221 16.19 -2.04 -2.56
C ALA B 221 15.47 -2.58 -3.80
N GLY B 222 15.86 -3.78 -4.23
CA GLY B 222 15.27 -4.41 -5.40
C GLY B 222 14.11 -5.31 -5.07
N ARG B 223 13.79 -5.39 -3.78
CA ARG B 223 12.64 -6.16 -3.31
C ARG B 223 11.37 -5.33 -3.32
N SER B 224 10.23 -5.99 -3.60
CA SER B 224 8.95 -5.29 -3.79
C SER B 224 8.75 -4.14 -2.78
N ALA B 225 8.69 -2.91 -3.31
CA ALA B 225 8.62 -1.71 -2.47
C ALA B 225 7.36 -1.64 -1.62
N GLY B 226 6.21 -2.02 -2.21
CA GLY B 226 4.92 -1.82 -1.58
C GLY B 226 4.57 -2.75 -0.43
N VAL B 227 5.32 -3.83 -0.26
CA VAL B 227 4.98 -4.81 0.76
C VAL B 227 6.11 -5.10 1.73
N ASN B 228 7.16 -4.27 1.72
CA ASN B 228 8.31 -4.46 2.60
C ASN B 228 8.75 -3.25 3.42
N ILE B 229 9.21 -3.52 4.65
CA ILE B 229 10.11 -2.61 5.36
C ILE B 229 11.49 -3.02 4.89
N ILE B 230 12.26 -2.07 4.35
CA ILE B 230 13.52 -2.38 3.69
C ILE B 230 14.70 -1.59 4.27
N PRO B 231 15.58 -2.27 5.04
CA PRO B 231 16.78 -1.60 5.53
C PRO B 231 17.66 -1.09 4.39
N ALA B 232 18.32 0.02 4.65
CA ALA B 232 19.22 0.63 3.70
C ALA B 232 20.33 1.35 4.43
N SER B 233 21.50 1.33 3.82
CA SER B 233 22.64 2.12 4.24
C SER B 233 22.40 3.54 3.79
N THR B 234 22.91 4.50 4.56
CA THR B 234 22.92 5.91 4.14
C THR B 234 24.11 6.60 4.78
N GLY B 235 24.74 7.50 4.02
CA GLY B 235 25.83 8.34 4.51
C GLY B 235 25.35 9.68 5.09
N ALA B 236 24.03 9.87 5.16
CA ALA B 236 23.46 11.16 5.53
C ALA B 236 23.85 11.67 6.91
N ALA B 237 23.90 10.79 7.91
CA ALA B 237 24.30 11.24 9.27
C ALA B 237 25.79 11.58 9.27
N LYS B 238 26.59 10.74 8.62
CA LYS B 238 28.02 11.00 8.50
C LYS B 238 28.32 12.32 7.76
N ALA B 239 27.57 12.59 6.70
CA ALA B 239 27.65 13.86 5.96
C ALA B 239 27.43 15.09 6.87
N VAL B 240 26.62 14.96 7.91
CA VAL B 240 26.43 16.09 8.82
C VAL B 240 27.77 16.51 9.44
N GLY B 241 28.66 15.55 9.65
CA GLY B 241 30.02 15.85 10.10
C GLY B 241 30.88 16.62 9.12
N LYS B 242 30.44 16.70 7.86
CA LYS B 242 31.08 17.59 6.89
C LYS B 242 30.42 18.97 6.89
N ILE B 243 29.10 19.00 7.11
CA ILE B 243 28.38 20.28 7.20
C ILE B 243 28.78 21.00 8.50
N ILE B 244 28.97 20.21 9.57
CA ILE B 244 29.33 20.69 10.89
C ILE B 244 30.59 19.93 11.35
N PRO B 245 31.79 20.42 10.98
CA PRO B 245 33.03 19.66 11.21
C PRO B 245 33.35 19.23 12.63
N SER B 246 32.81 19.93 13.63
CA SER B 246 33.04 19.52 15.03
C SER B 246 32.32 18.20 15.35
N LEU B 247 31.35 17.83 14.52
CA LEU B 247 30.62 16.59 14.65
C LEU B 247 31.17 15.48 13.74
N ASN B 248 32.23 15.76 13.00
CA ASN B 248 32.88 14.70 12.22
C ASN B 248 33.24 13.53 13.15
N GLY B 249 32.84 12.32 12.76
CA GLY B 249 33.13 11.12 13.53
C GLY B 249 32.18 10.90 14.72
N LYS B 250 31.23 11.80 14.92
CA LYS B 250 30.36 11.74 16.09
C LYS B 250 28.92 11.35 15.74
N LEU B 251 28.70 11.07 14.46
CA LEU B 251 27.37 10.80 13.94
C LEU B 251 27.43 9.82 12.80
N THR B 252 26.57 8.82 12.86
CA THR B 252 26.23 8.07 11.65
C THR B 252 24.86 7.47 11.86
N GLY B 253 24.46 6.59 10.96
CA GLY B 253 23.08 6.12 10.97
C GLY B 253 22.73 5.17 9.83
N MET B 254 21.43 4.91 9.69
CA MET B 254 20.89 3.95 8.74
C MET B 254 19.46 4.34 8.40
N ALA B 255 18.84 3.56 7.53
CA ALA B 255 17.53 3.88 7.01
C ALA B 255 16.66 2.61 6.90
N PHE B 256 15.34 2.81 6.93
CA PHE B 256 14.35 1.80 6.59
C PHE B 256 13.45 2.47 5.56
N ARG B 257 13.35 1.88 4.38
CA ARG B 257 12.44 2.34 3.35
C ARG B 257 11.08 1.70 3.64
N VAL B 258 10.02 2.51 3.63
CA VAL B 258 8.67 2.01 3.88
C VAL B 258 7.68 2.46 2.81
N PRO B 259 6.55 1.73 2.66
CA PRO B 259 5.61 1.96 1.57
C PRO B 259 4.72 3.21 1.71
N VAL B 260 5.35 4.39 1.70
CA VAL B 260 4.66 5.65 1.47
C VAL B 260 5.40 6.29 0.26
N PRO B 261 4.67 7.03 -0.58
CA PRO B 261 5.23 7.57 -1.80
C PRO B 261 6.06 8.84 -1.59
N ASP B 262 5.87 9.51 -0.45
CA ASP B 262 6.63 10.71 -0.11
C ASP B 262 6.50 11.04 1.38
N VAL B 263 7.47 11.80 1.89
CA VAL B 263 7.57 12.21 3.29
C VAL B 263 8.29 11.15 4.11
N SER B 264 9.24 11.61 4.91
CA SER B 264 10.14 10.75 5.68
C SER B 264 10.36 11.35 7.07
N VAL B 265 10.95 10.58 7.98
CA VAL B 265 11.21 11.10 9.32
C VAL B 265 12.56 10.67 9.89
N VAL B 266 13.27 11.63 10.49
CA VAL B 266 14.54 11.40 11.17
C VAL B 266 14.26 11.06 12.64
N ASP B 267 15.03 10.08 13.12
CA ASP B 267 14.97 9.57 14.47
C ASP B 267 16.42 9.63 14.96
N LEU B 268 16.76 10.67 15.72
CA LEU B 268 18.11 10.90 16.21
C LEU B 268 18.21 10.54 17.67
N THR B 269 19.06 9.57 17.98
CA THR B 269 19.34 9.18 19.35
C THR B 269 20.74 9.70 19.70
N CYS B 270 20.83 10.61 20.68
CA CYS B 270 22.11 11.23 20.97
C CYS B 270 22.36 11.46 22.44
N LYS B 271 23.66 11.41 22.77
CA LYS B 271 24.15 11.70 24.09
C LYS B 271 24.53 13.17 24.12
N LEU B 272 23.95 13.90 25.06
CA LEU B 272 24.24 15.33 25.24
C LEU B 272 25.43 15.52 26.19
N ALA B 273 26.18 16.61 26.00
CA ALA B 273 27.35 16.90 26.83
C ALA B 273 26.94 17.64 28.10
N LYS B 274 25.90 18.44 28.02
CA LYS B 274 25.36 19.15 29.19
C LYS B 274 23.96 18.60 29.44
N PRO B 275 23.55 18.47 30.71
CA PRO B 275 22.20 17.95 31.01
C PRO B 275 21.10 18.93 30.58
N ALA B 276 19.93 18.39 30.29
CA ALA B 276 18.84 19.15 29.71
C ALA B 276 17.48 18.61 30.14
N LYS B 277 16.53 19.50 30.33
CA LYS B 277 15.14 19.11 30.41
C LYS B 277 14.64 19.08 28.98
N TYR B 278 13.67 18.24 28.69
CA TYR B 278 13.17 18.18 27.32
C TYR B 278 12.64 19.55 26.84
N GLU B 279 12.02 20.29 27.75
CA GLU B 279 11.50 21.63 27.43
C GLU B 279 12.62 22.59 26.99
N ASP B 280 13.84 22.39 27.48
CA ASP B 280 14.99 23.16 27.04
C ASP B 280 15.30 22.92 25.55
N ILE B 281 15.17 21.68 25.10
CA ILE B 281 15.44 21.33 23.70
C ILE B 281 14.35 21.92 22.83
N VAL B 282 13.10 21.75 23.27
CA VAL B 282 11.93 22.32 22.58
C VAL B 282 12.10 23.83 22.37
N ALA B 283 12.39 24.56 23.46
CA ALA B 283 12.57 26.00 23.40
C ALA B 283 13.71 26.40 22.47
N ALA B 284 14.81 25.64 22.48
CA ALA B 284 15.94 25.91 21.58
C ALA B 284 15.52 25.79 20.12
N VAL B 285 14.78 24.74 19.79
CA VAL B 285 14.28 24.56 18.42
C VAL B 285 13.31 25.67 18.04
N LYS B 286 12.36 26.00 18.91
CA LYS B 286 11.44 27.12 18.65
C LYS B 286 12.20 28.44 18.35
N GLU B 287 13.25 28.72 19.14
CA GLU B 287 14.04 29.93 18.94
C GLU B 287 14.63 29.97 17.52
N ALA B 288 15.27 28.87 17.11
CA ALA B 288 15.87 28.78 15.78
C ALA B 288 14.82 28.83 14.65
N ALA B 289 13.61 28.34 14.90
CA ALA B 289 12.54 28.39 13.90
C ALA B 289 12.00 29.80 13.70
N THR B 290 12.12 30.63 14.73
CA THR B 290 11.45 31.92 14.79
C THR B 290 12.26 33.05 14.17
N SER B 291 13.58 33.02 14.31
CA SER B 291 14.41 34.06 13.70
C SER B 291 15.84 33.60 13.56
N GLY B 292 16.58 34.28 12.69
CA GLY B 292 17.95 33.90 12.38
C GLY B 292 18.02 33.03 11.14
N PRO B 293 19.19 32.43 10.90
CA PRO B 293 19.44 31.77 9.60
C PRO B 293 18.65 30.48 9.36
N MET B 294 18.01 29.93 10.40
CA MET B 294 17.19 28.73 10.22
C MET B 294 15.70 29.01 10.10
N LYS B 295 15.31 30.28 10.17
CA LYS B 295 13.92 30.66 9.89
C LYS B 295 13.59 30.24 8.46
N GLY B 296 12.50 29.51 8.31
CA GLY B 296 12.13 28.95 7.03
C GLY B 296 12.76 27.59 6.75
N ILE B 297 13.68 27.15 7.58
CA ILE B 297 14.40 25.92 7.36
C ILE B 297 13.94 24.88 8.35
N ILE B 298 14.04 25.20 9.63
CA ILE B 298 13.50 24.34 10.69
C ILE B 298 12.20 24.90 11.22
N SER B 299 11.27 24.00 11.49
CA SER B 299 10.05 24.36 12.18
C SER B 299 9.79 23.31 13.25
N TYR B 300 8.58 23.37 13.80
CA TYR B 300 8.19 22.54 14.94
C TYR B 300 6.66 22.36 14.95
N THR B 301 6.21 21.29 15.58
CA THR B 301 4.79 21.10 15.85
C THR B 301 4.62 20.40 17.19
N ASP B 302 3.54 20.71 17.91
CA ASP B 302 3.19 19.96 19.11
C ASP B 302 1.85 19.24 18.90
N GLU B 303 1.49 19.00 17.65
CA GLU B 303 0.20 18.37 17.34
C GLU B 303 0.39 16.89 16.95
N GLU B 304 -0.70 16.15 16.88
CA GLU B 304 -0.60 14.71 16.66
C GLU B 304 -0.48 14.36 15.18
N VAL B 305 0.62 14.79 14.59
CA VAL B 305 0.82 14.72 13.14
C VAL B 305 1.27 13.34 12.68
N VAL B 306 1.04 13.06 11.41
CA VAL B 306 1.52 11.85 10.76
C VAL B 306 2.05 12.28 9.39
N SER B 307 2.63 11.35 8.63
CA SER B 307 3.48 11.72 7.50
C SER B 307 2.77 12.50 6.40
N SER B 308 1.50 12.16 6.13
CA SER B 308 0.77 12.85 5.07
C SER B 308 0.50 14.32 5.38
N ASP B 309 0.56 14.71 6.65
CA ASP B 309 0.42 16.13 7.03
C ASP B 309 1.55 17.01 6.52
N PHE B 310 2.66 16.39 6.13
CA PHE B 310 3.81 17.08 5.55
C PHE B 310 3.96 16.98 4.03
N VAL B 311 2.99 16.37 3.37
CA VAL B 311 2.99 16.41 1.91
C VAL B 311 2.96 17.86 1.47
N HIS B 312 3.91 18.23 0.61
CA HIS B 312 4.08 19.59 0.09
C HIS B 312 4.44 20.64 1.15
N CYS B 313 5.13 20.19 2.20
CA CYS B 313 5.69 21.08 3.21
C CYS B 313 7.10 21.53 2.78
N LYS B 314 7.33 22.84 2.77
CA LYS B 314 8.59 23.47 2.32
C LYS B 314 9.81 23.27 3.24
N PHE B 315 9.56 23.04 4.53
CA PHE B 315 10.62 23.03 5.51
C PHE B 315 11.61 21.89 5.31
N SER B 316 12.84 22.10 5.76
CA SER B 316 13.87 21.06 5.70
C SER B 316 13.67 20.05 6.82
N SER B 317 13.11 20.52 7.93
CA SER B 317 13.09 19.76 9.18
C SER B 317 11.95 20.30 10.06
N VAL B 318 10.98 19.47 10.39
CA VAL B 318 9.92 19.87 11.30
C VAL B 318 9.96 18.99 12.54
N PHE B 319 10.41 19.61 13.63
CA PHE B 319 10.63 18.94 14.90
C PHE B 319 9.31 18.51 15.49
N ASP B 320 9.18 17.22 15.82
CA ASP B 320 7.92 16.69 16.38
C ASP B 320 8.02 16.65 17.89
N ILE B 321 7.44 17.66 18.55
CA ILE B 321 7.64 17.85 20.00
C ILE B 321 7.13 16.64 20.77
N ASN B 322 5.90 16.20 20.47
CA ASN B 322 5.29 15.11 21.26
C ASN B 322 5.84 13.69 20.98
N ALA B 323 6.52 13.49 19.84
CA ALA B 323 7.03 12.16 19.46
C ALA B 323 8.36 11.80 20.15
N GLY B 324 9.09 12.83 20.58
CA GLY B 324 10.39 12.61 21.19
C GLY B 324 10.30 11.97 22.58
N ILE B 325 11.39 11.39 23.02
CA ILE B 325 11.43 10.81 24.36
C ILE B 325 12.86 10.89 24.92
N MET B 326 12.98 11.37 26.16
CA MET B 326 14.25 11.41 26.90
C MET B 326 14.31 10.29 27.92
N LEU B 327 15.38 9.49 27.90
CA LEU B 327 15.54 8.43 28.91
C LEU B 327 15.96 9.07 30.23
N ASN B 328 16.90 10.00 30.14
CA ASN B 328 17.41 10.75 31.30
C ASN B 328 17.94 12.08 30.77
N ASP B 329 18.46 12.93 31.64
CA ASP B 329 18.74 14.33 31.23
C ASP B 329 19.91 14.52 30.24
N THR B 330 20.59 13.43 29.83
CA THR B 330 21.62 13.50 28.79
C THR B 330 21.46 12.50 27.62
N PHE B 331 20.35 11.76 27.56
CA PHE B 331 20.19 10.71 26.55
C PHE B 331 18.76 10.77 26.00
N VAL B 332 18.65 11.08 24.71
CA VAL B 332 17.40 11.56 24.17
C VAL B 332 17.20 11.05 22.74
N LYS B 333 15.93 10.86 22.38
CA LYS B 333 15.52 10.46 21.05
C LYS B 333 14.68 11.59 20.49
N LEU B 334 15.15 12.22 19.42
CA LEU B 334 14.49 13.38 18.83
C LEU B 334 13.94 13.00 17.47
N VAL B 335 12.78 13.56 17.14
CA VAL B 335 12.06 13.17 15.94
C VAL B 335 11.74 14.38 15.07
N SER B 336 12.08 14.31 13.79
CA SER B 336 11.83 15.42 12.84
C SER B 336 11.45 14.97 11.41
N TRP B 337 10.37 15.59 10.92
CA TRP B 337 9.75 15.23 9.67
C TRP B 337 10.35 16.02 8.52
N TYR B 338 10.23 15.44 7.31
CA TYR B 338 10.62 16.13 6.08
C TYR B 338 9.97 15.57 4.83
N ASP B 339 9.45 16.47 4.01
CA ASP B 339 9.01 16.12 2.67
C ASP B 339 10.27 15.97 1.84
N ASN B 340 10.74 14.74 1.68
CA ASN B 340 12.00 14.49 0.98
C ASN B 340 12.02 15.05 -0.43
N GLU B 341 10.86 15.14 -1.08
CA GLU B 341 10.81 15.67 -2.45
C GLU B 341 10.79 17.22 -2.49
N TRP B 342 9.83 17.81 -1.80
CA TRP B 342 9.53 19.23 -1.96
C TRP B 342 10.43 20.13 -1.11
N GLY B 343 10.73 19.69 0.10
CA GLY B 343 11.59 20.48 0.99
C GLY B 343 12.96 20.61 0.36
N TYR B 344 13.52 19.46 -0.02
CA TYR B 344 14.80 19.40 -0.71
C TYR B 344 14.88 20.24 -1.99
N SER B 345 13.82 20.17 -2.82
CA SER B 345 13.82 20.86 -4.10
C SER B 345 13.79 22.37 -3.88
N ASN B 346 13.05 22.81 -2.85
CA ASN B 346 13.11 24.23 -2.48
C ASN B 346 14.52 24.64 -2.03
N ARG B 347 15.14 23.87 -1.13
CA ARG B 347 16.51 24.14 -0.71
C ARG B 347 17.47 24.27 -1.89
N LEU B 348 17.41 23.35 -2.85
CA LEU B 348 18.33 23.40 -4.00
C LEU B 348 18.16 24.71 -4.78
N VAL B 349 16.92 25.13 -5.02
CA VAL B 349 16.66 26.40 -5.70
C VAL B 349 17.17 27.58 -4.87
N GLU B 350 16.99 27.55 -3.56
CA GLU B 350 17.46 28.63 -2.71
C GLU B 350 18.98 28.65 -2.70
N LEU B 351 19.62 27.48 -2.79
CA LEU B 351 21.07 27.40 -2.87
C LEU B 351 21.56 27.95 -4.21
N ALA B 352 20.93 27.55 -5.30
CA ALA B 352 21.33 28.04 -6.63
C ALA B 352 21.23 29.57 -6.66
N HIS B 353 20.15 30.10 -6.10
CA HIS B 353 19.99 31.55 -6.01
C HIS B 353 21.02 32.23 -5.12
N TYR B 354 21.25 31.67 -3.93
CA TYR B 354 22.28 32.21 -3.02
C TYR B 354 23.65 32.28 -3.75
N MET B 355 24.03 31.21 -4.42
CA MET B 355 25.26 31.17 -5.18
C MET B 355 25.32 32.28 -6.24
N SER B 356 24.19 32.54 -6.92
CA SER B 356 24.13 33.52 -7.99
C SER B 356 24.36 34.93 -7.44
N VAL B 357 23.83 35.18 -6.26
CA VAL B 357 24.03 36.47 -5.61
C VAL B 357 25.48 36.64 -5.18
N GLN B 358 26.06 35.65 -4.51
CA GLN B 358 27.47 35.74 -4.10
C GLN B 358 28.41 35.85 -5.31
N ASP B 359 28.08 35.16 -6.40
CA ASP B 359 28.85 35.24 -7.64
C ASP B 359 28.72 36.59 -8.34
N GLY B 360 27.63 37.31 -8.10
CA GLY B 360 27.40 38.62 -8.69
C GLY B 360 28.32 39.70 -8.13
N SER C 21 -1.33 -36.65 32.34
CA SER C 21 -1.56 -35.86 31.10
C SER C 21 -0.26 -35.64 30.30
N MET C 22 0.61 -34.77 30.82
CA MET C 22 1.75 -34.22 30.06
C MET C 22 1.27 -33.47 28.80
N VAL C 23 0.06 -32.92 28.88
CA VAL C 23 -0.53 -32.24 27.74
C VAL C 23 -1.23 -31.00 28.26
N CYS C 24 -0.78 -29.83 27.79
CA CYS C 24 -1.39 -28.56 28.16
C CYS C 24 -2.78 -28.37 27.55
N LYS C 25 -3.78 -28.30 28.42
CA LYS C 25 -5.17 -28.19 27.98
C LYS C 25 -5.58 -26.72 27.94
N LEU C 26 -5.64 -26.18 26.73
CA LEU C 26 -5.74 -24.75 26.48
C LEU C 26 -7.14 -24.31 26.09
N GLY C 27 -7.52 -23.09 26.48
CA GLY C 27 -8.72 -22.41 25.98
C GLY C 27 -8.30 -21.05 25.43
N ILE C 28 -9.04 -20.53 24.44
CA ILE C 28 -8.73 -19.23 23.87
C ILE C 28 -9.93 -18.27 23.99
N ASN C 29 -9.72 -17.13 24.64
CA ASN C 29 -10.74 -16.07 24.71
C ASN C 29 -10.37 -14.97 23.76
N GLY C 30 -11.20 -14.73 22.76
CA GLY C 30 -10.88 -13.76 21.71
C GLY C 30 -10.18 -14.38 20.51
N PHE C 31 -10.98 -14.77 19.53
CA PHE C 31 -10.49 -15.46 18.33
C PHE C 31 -10.08 -14.51 17.22
N GLY C 32 -9.13 -13.62 17.52
CA GLY C 32 -8.64 -12.63 16.58
C GLY C 32 -7.32 -13.00 15.92
N ARG C 33 -6.52 -12.01 15.53
CA ARG C 33 -5.23 -12.31 14.92
C ARG C 33 -4.46 -13.27 15.83
N ILE C 34 -4.24 -12.84 17.08
CA ILE C 34 -3.47 -13.64 18.03
C ILE C 34 -4.22 -14.92 18.40
N GLY C 35 -5.52 -14.85 18.71
CA GLY C 35 -6.29 -16.03 19.08
C GLY C 35 -6.32 -17.16 18.05
N ARG C 36 -6.50 -16.80 16.79
CA ARG C 36 -6.51 -17.79 15.72
C ARG C 36 -5.10 -18.32 15.42
N LEU C 37 -4.05 -17.53 15.71
CA LEU C 37 -2.67 -18.01 15.45
C LEU C 37 -2.09 -18.81 16.63
N VAL C 38 -2.54 -18.47 17.83
CA VAL C 38 -2.30 -19.30 19.01
C VAL C 38 -2.95 -20.66 18.74
N PHE C 39 -4.18 -20.64 18.21
CA PHE C 39 -4.91 -21.85 17.88
C PHE C 39 -4.12 -22.71 16.88
N ARG C 40 -3.61 -22.06 15.84
CA ARG C 40 -2.88 -22.76 14.81
C ARG C 40 -1.61 -23.36 15.38
N ALA C 41 -0.89 -22.57 16.17
CA ALA C 41 0.35 -23.01 16.78
C ALA C 41 0.09 -24.16 17.74
N ALA C 42 -0.95 -24.03 18.55
CA ALA C 42 -1.31 -25.08 19.52
C ALA C 42 -1.71 -26.39 18.81
N MET C 43 -2.37 -26.27 17.67
CA MET C 43 -2.74 -27.44 16.89
C MET C 43 -1.51 -28.12 16.31
N GLU C 44 -0.47 -27.36 15.99
CA GLU C 44 0.77 -27.94 15.46
C GLU C 44 1.57 -28.76 16.49
N ARG C 45 1.37 -28.48 17.78
N ARG C 45 1.35 -28.53 17.78
CA ARG C 45 2.13 -29.09 18.89
CA ARG C 45 2.18 -29.11 18.82
C ARG C 45 1.48 -30.36 19.38
C ARG C 45 1.51 -30.33 19.45
N GLY C 46 2.29 -31.40 19.63
CA GLY C 46 1.77 -32.64 20.18
C GLY C 46 1.41 -32.55 21.65
N ASP C 47 2.00 -31.57 22.34
CA ASP C 47 1.89 -31.48 23.80
C ASP C 47 0.98 -30.35 24.27
N VAL C 48 0.16 -29.83 23.35
CA VAL C 48 -0.86 -28.84 23.67
C VAL C 48 -2.15 -29.20 22.91
N GLU C 49 -3.30 -29.12 23.58
CA GLU C 49 -4.60 -29.29 22.93
C GLU C 49 -5.48 -28.09 23.22
N VAL C 50 -6.27 -27.66 22.24
CA VAL C 50 -7.25 -26.61 22.43
C VAL C 50 -8.57 -27.27 22.67
N LEU C 51 -9.15 -27.10 23.85
CA LEU C 51 -10.42 -27.74 24.16
C LEU C 51 -11.62 -26.80 23.96
N ALA C 52 -11.38 -25.50 23.89
CA ALA C 52 -12.49 -24.55 23.73
C ALA C 52 -12.06 -23.16 23.29
N ILE C 53 -13.02 -22.44 22.71
CA ILE C 53 -12.83 -21.09 22.19
C ILE C 53 -14.04 -20.23 22.52
N ASN C 54 -13.83 -18.96 22.84
CA ASN C 54 -14.92 -18.00 23.10
C ASN C 54 -14.72 -16.70 22.32
N ASP C 55 -15.65 -16.36 21.44
CA ASP C 55 -15.70 -15.03 20.81
C ASP C 55 -17.15 -14.67 20.48
N PRO C 56 -17.71 -13.60 21.07
CA PRO C 56 -19.11 -13.28 20.82
C PRO C 56 -19.35 -12.52 19.52
N PHE C 57 -18.30 -12.10 18.82
CA PHE C 57 -18.47 -11.32 17.59
C PHE C 57 -18.42 -12.17 16.31
N MET C 58 -18.57 -13.49 16.47
CA MET C 58 -18.60 -14.41 15.32
C MET C 58 -19.37 -15.71 15.59
N SER C 59 -20.16 -16.14 14.62
CA SER C 59 -20.82 -17.46 14.61
C SER C 59 -19.84 -18.58 14.22
N LEU C 60 -20.30 -19.83 14.29
CA LEU C 60 -19.49 -20.99 13.87
C LEU C 60 -19.10 -20.93 12.41
N ASP C 61 -20.05 -20.64 11.55
CA ASP C 61 -19.74 -20.51 10.13
C ASP C 61 -18.67 -19.43 9.95
N TYR C 62 -18.80 -18.34 10.69
CA TYR C 62 -17.85 -17.24 10.57
C TYR C 62 -16.47 -17.63 11.09
N MET C 63 -16.44 -18.38 12.19
CA MET C 63 -15.17 -18.87 12.75
C MET C 63 -14.48 -19.81 11.77
N VAL C 64 -15.22 -20.72 11.16
CA VAL C 64 -14.66 -21.60 10.13
C VAL C 64 -14.03 -20.76 9.02
N TYR C 65 -14.77 -19.77 8.52
CA TYR C 65 -14.26 -18.88 7.49
C TYR C 65 -12.96 -18.18 7.91
N LEU C 66 -12.98 -17.50 9.06
CA LEU C 66 -11.82 -16.74 9.53
C LEU C 66 -10.59 -17.60 9.83
N LEU C 67 -10.81 -18.87 10.22
CA LEU C 67 -9.68 -19.78 10.39
C LEU C 67 -9.18 -20.32 9.04
N ARG C 68 -10.07 -20.63 8.12
CA ARG C 68 -9.67 -21.16 6.82
C ARG C 68 -8.77 -20.22 6.05
N TYR C 69 -9.08 -18.93 6.09
CA TYR C 69 -8.42 -17.97 5.24
C TYR C 69 -7.71 -16.90 6.04
N ASP C 70 -6.51 -16.54 5.60
CA ASP C 70 -5.75 -15.49 6.24
C ASP C 70 -4.95 -14.72 5.20
N SER C 71 -5.02 -13.38 5.28
CA SER C 71 -4.39 -12.53 4.29
C SER C 71 -2.87 -12.49 4.42
N VAL C 72 -2.34 -12.97 5.55
CA VAL C 72 -0.90 -12.98 5.79
C VAL C 72 -0.34 -14.41 5.89
N HIS C 73 -0.99 -15.27 6.67
CA HIS C 73 -0.43 -16.57 6.99
C HIS C 73 -0.89 -17.74 6.11
N GLY C 74 -1.63 -17.44 5.03
CA GLY C 74 -2.11 -18.45 4.10
C GLY C 74 -3.31 -19.23 4.61
N HIS C 75 -3.76 -20.19 3.81
CA HIS C 75 -4.86 -21.08 4.20
C HIS C 75 -4.51 -21.87 5.46
N TYR C 76 -5.50 -22.18 6.28
CA TYR C 76 -5.29 -23.11 7.37
C TYR C 76 -4.67 -24.39 6.82
N PRO C 77 -3.61 -24.90 7.46
CA PRO C 77 -2.93 -26.10 6.93
C PRO C 77 -3.63 -27.39 7.37
N GLY C 78 -4.82 -27.66 6.81
CA GLY C 78 -5.70 -28.72 7.30
C GLY C 78 -7.17 -28.42 7.01
N GLU C 79 -8.01 -29.43 7.13
N GLU C 79 -8.00 -29.45 7.14
CA GLU C 79 -9.43 -29.28 6.88
CA GLU C 79 -9.45 -29.32 6.94
C GLU C 79 -10.11 -28.65 8.11
C GLU C 79 -10.07 -28.61 8.14
N VAL C 80 -10.95 -27.65 7.86
CA VAL C 80 -11.70 -26.93 8.91
C VAL C 80 -13.20 -26.97 8.57
N SER C 81 -14.02 -27.33 9.56
CA SER C 81 -15.47 -27.34 9.40
C SER C 81 -16.14 -27.27 10.78
N HIS C 82 -17.47 -27.42 10.82
CA HIS C 82 -18.17 -27.60 12.08
C HIS C 82 -19.20 -28.72 12.00
N LYS C 83 -19.59 -29.20 13.17
CA LYS C 83 -20.54 -30.28 13.30
C LYS C 83 -21.05 -30.30 14.73
N ASP C 84 -22.37 -30.45 14.89
CA ASP C 84 -23.00 -30.58 16.20
C ASP C 84 -22.61 -29.44 17.17
N GLY C 85 -22.44 -28.24 16.62
CA GLY C 85 -22.11 -27.07 17.42
C GLY C 85 -20.62 -26.88 17.71
N LYS C 86 -19.77 -27.79 17.21
CA LYS C 86 -18.35 -27.77 17.52
C LYS C 86 -17.47 -27.51 16.30
N LEU C 87 -16.34 -26.84 16.54
CA LEU C 87 -15.35 -26.62 15.49
C LEU C 87 -14.54 -27.91 15.30
N ILE C 88 -14.47 -28.38 14.06
CA ILE C 88 -13.76 -29.61 13.71
C ILE C 88 -12.53 -29.23 12.90
N VAL C 89 -11.35 -29.52 13.45
CA VAL C 89 -10.07 -29.18 12.81
C VAL C 89 -9.17 -30.40 12.86
N GLY C 90 -8.75 -30.86 11.69
CA GLY C 90 -7.95 -32.07 11.60
C GLY C 90 -8.53 -33.16 12.46
N GLY C 91 -9.79 -33.50 12.21
CA GLY C 91 -10.47 -34.57 12.92
C GLY C 91 -10.70 -34.37 14.42
N LYS C 92 -10.27 -33.24 14.98
CA LYS C 92 -10.44 -32.97 16.40
C LYS C 92 -11.58 -31.99 16.63
N ALA C 93 -12.38 -32.26 17.66
CA ALA C 93 -13.54 -31.43 18.00
C ALA C 93 -13.14 -30.45 19.08
N VAL C 94 -13.53 -29.18 18.92
CA VAL C 94 -13.24 -28.11 19.87
C VAL C 94 -14.54 -27.41 20.25
N THR C 95 -14.80 -27.26 21.54
CA THR C 95 -16.03 -26.62 21.99
C THR C 95 -15.98 -25.12 21.71
N VAL C 96 -17.12 -24.53 21.37
CA VAL C 96 -17.19 -23.10 21.04
C VAL C 96 -18.25 -22.35 21.84
N PHE C 97 -17.85 -21.24 22.45
CA PHE C 97 -18.74 -20.39 23.22
C PHE C 97 -18.84 -18.98 22.59
N ASN C 98 -19.96 -18.29 22.88
CA ASN C 98 -20.20 -16.94 22.38
C ASN C 98 -20.63 -16.00 23.53
N GLU C 99 -19.71 -15.77 24.48
CA GLU C 99 -20.01 -14.99 25.69
C GLU C 99 -19.23 -13.66 25.71
N LYS C 100 -19.88 -12.60 26.21
CA LYS C 100 -19.23 -11.30 26.38
C LYS C 100 -18.44 -11.26 27.68
N GLU C 101 -19.09 -11.65 28.78
CA GLU C 101 -18.51 -11.56 30.12
C GLU C 101 -17.76 -12.85 30.46
N PRO C 102 -16.46 -12.75 30.80
CA PRO C 102 -15.62 -13.90 31.20
C PRO C 102 -16.27 -14.83 32.24
N THR C 103 -16.98 -14.26 33.21
CA THR C 103 -17.60 -15.06 34.27
C THR C 103 -18.57 -16.12 33.74
N ALA C 104 -19.12 -15.90 32.55
CA ALA C 104 -20.16 -16.76 31.98
C ALA C 104 -19.62 -17.95 31.15
N ILE C 105 -18.30 -18.03 30.97
CA ILE C 105 -17.72 -19.04 30.08
C ILE C 105 -17.53 -20.38 30.80
N PRO C 106 -18.14 -21.46 30.29
CA PRO C 106 -17.98 -22.78 30.93
C PRO C 106 -16.64 -23.47 30.60
N TRP C 107 -15.53 -22.90 31.06
CA TRP C 107 -14.20 -23.45 30.77
C TRP C 107 -14.02 -24.84 31.38
N GLY C 108 -14.54 -25.02 32.59
CA GLY C 108 -14.41 -26.30 33.30
C GLY C 108 -15.21 -27.43 32.67
N GLN C 109 -16.34 -27.09 32.03
CA GLN C 109 -17.17 -28.08 31.34
C GLN C 109 -16.50 -28.58 30.07
N ALA C 110 -15.67 -27.75 29.45
CA ALA C 110 -14.83 -28.17 28.33
C ALA C 110 -13.51 -28.82 28.78
N GLY C 111 -13.21 -28.74 30.07
CA GLY C 111 -11.95 -29.26 30.63
C GLY C 111 -10.71 -28.39 30.36
N VAL C 112 -10.92 -27.08 30.12
CA VAL C 112 -9.80 -26.14 29.91
C VAL C 112 -9.07 -25.84 31.21
N HIS C 113 -7.75 -25.87 31.14
CA HIS C 113 -6.88 -25.58 32.29
C HIS C 113 -6.20 -24.20 32.16
N TYR C 114 -5.62 -23.93 31.01
CA TYR C 114 -4.85 -22.72 30.78
C TYR C 114 -5.57 -21.88 29.72
N ILE C 115 -5.78 -20.60 30.01
CA ILE C 115 -6.58 -19.74 29.13
C ILE C 115 -5.72 -18.67 28.52
N CYS C 116 -5.67 -18.64 27.19
CA CYS C 116 -5.06 -17.56 26.44
C CYS C 116 -6.06 -16.41 26.35
N GLU C 117 -5.76 -15.31 27.03
CA GLU C 117 -6.66 -14.17 27.10
C GLU C 117 -6.25 -13.20 25.99
N SER C 118 -6.95 -13.27 24.87
CA SER C 118 -6.52 -12.56 23.67
C SER C 118 -7.60 -11.62 23.12
N THR C 119 -8.40 -11.05 24.03
CA THR C 119 -9.42 -10.07 23.68
C THR C 119 -8.85 -8.64 23.63
N GLY C 120 -7.82 -8.39 24.43
CA GLY C 120 -7.23 -7.07 24.55
C GLY C 120 -7.94 -6.16 25.56
N ILE C 121 -8.91 -6.70 26.28
CA ILE C 121 -9.72 -5.87 27.19
C ILE C 121 -9.81 -6.37 28.63
N PHE C 122 -9.11 -7.46 28.96
CA PHE C 122 -9.13 -8.01 30.32
C PHE C 122 -7.70 -8.14 30.86
N LEU C 123 -7.04 -6.99 30.96
CA LEU C 123 -5.63 -6.90 31.24
C LEU C 123 -5.34 -6.46 32.68
N THR C 124 -6.13 -6.95 33.62
CA THR C 124 -5.84 -6.82 35.06
C THR C 124 -6.18 -8.13 35.75
N LYS C 125 -5.53 -8.36 36.89
CA LYS C 125 -5.78 -9.54 37.71
C LYS C 125 -7.25 -9.66 38.11
N GLU C 126 -7.88 -8.55 38.48
CA GLU C 126 -9.29 -8.57 38.88
C GLU C 126 -10.19 -9.02 37.73
N LYS C 127 -9.92 -8.52 36.52
CA LYS C 127 -10.70 -8.90 35.34
C LYS C 127 -10.42 -10.32 34.88
N ALA C 128 -9.14 -10.71 34.85
CA ALA C 128 -8.76 -12.02 34.32
C ALA C 128 -9.12 -13.17 35.28
N GLN C 129 -9.13 -12.89 36.57
CA GLN C 129 -9.62 -13.84 37.59
C GLN C 129 -11.05 -14.34 37.33
N ALA C 130 -11.86 -13.50 36.69
CA ALA C 130 -13.25 -13.86 36.37
C ALA C 130 -13.33 -15.14 35.51
N HIS C 131 -12.21 -15.55 34.90
CA HIS C 131 -12.13 -16.81 34.15
C HIS C 131 -11.97 -18.08 35.00
N LEU C 132 -11.78 -17.93 36.32
CA LEU C 132 -11.24 -19.02 37.14
C LEU C 132 -12.15 -19.49 38.28
N THR C 133 -13.46 -19.50 38.04
CA THR C 133 -14.46 -19.86 39.07
C THR C 133 -15.18 -21.19 38.83
N ASN C 134 -14.97 -21.81 37.67
CA ASN C 134 -15.67 -23.06 37.34
C ASN C 134 -14.76 -24.22 36.90
N GLY C 135 -13.46 -24.13 37.20
CA GLY C 135 -12.54 -25.26 36.96
C GLY C 135 -11.22 -25.00 36.22
N ALA C 136 -11.11 -23.87 35.52
CA ALA C 136 -9.84 -23.54 34.87
C ALA C 136 -8.80 -23.17 35.93
N LYS C 137 -7.51 -23.27 35.56
CA LYS C 137 -6.40 -23.12 36.51
C LYS C 137 -5.70 -21.77 36.43
N LYS C 138 -5.35 -21.34 35.21
CA LYS C 138 -4.54 -20.14 35.04
C LYS C 138 -4.85 -19.38 33.76
N VAL C 139 -4.57 -18.08 33.79
CA VAL C 139 -4.79 -17.19 32.65
C VAL C 139 -3.47 -16.58 32.17
N ILE C 140 -3.24 -16.65 30.85
CA ILE C 140 -2.12 -15.98 30.23
C ILE C 140 -2.64 -14.84 29.39
N MET C 141 -2.37 -13.60 29.83
CA MET C 141 -2.71 -12.38 29.06
C MET C 141 -1.83 -12.32 27.82
N SER C 142 -2.47 -12.07 26.66
CA SER C 142 -1.77 -11.92 25.38
C SER C 142 -1.34 -10.47 25.13
N ALA C 143 -1.12 -9.72 26.20
CA ALA C 143 -0.56 -8.39 26.10
C ALA C 143 0.00 -8.01 27.48
N PRO C 144 0.78 -6.91 27.54
CA PRO C 144 1.26 -6.39 28.81
C PRO C 144 0.07 -6.02 29.72
N PRO C 145 0.20 -6.25 31.02
CA PRO C 145 -0.90 -5.93 31.93
C PRO C 145 -1.00 -4.44 32.25
N LYS C 146 -2.17 -4.03 32.72
CA LYS C 146 -2.37 -2.66 33.20
C LYS C 146 -2.14 -2.54 34.70
N ASP C 147 -1.89 -3.66 35.36
CA ASP C 147 -1.55 -3.71 36.79
C ASP C 147 -0.21 -4.43 36.96
N ASP C 148 0.05 -4.98 38.14
CA ASP C 148 1.36 -5.57 38.44
C ASP C 148 1.45 -7.06 38.15
N THR C 149 0.50 -7.61 37.39
CA THR C 149 0.54 -8.99 36.94
C THR C 149 1.91 -9.32 36.34
N PRO C 150 2.55 -10.42 36.77
CA PRO C 150 3.88 -10.71 36.25
C PRO C 150 3.92 -11.01 34.74
N MET C 151 4.91 -10.44 34.06
CA MET C 151 5.18 -10.75 32.66
C MET C 151 6.37 -11.71 32.52
N PHE C 152 6.30 -12.56 31.50
CA PHE C 152 7.37 -13.50 31.22
C PHE C 152 7.68 -13.51 29.75
N VAL C 153 8.96 -13.65 29.43
CA VAL C 153 9.42 -13.76 28.06
C VAL C 153 10.19 -15.06 27.97
N MET C 154 9.67 -16.01 27.19
CA MET C 154 10.33 -17.30 27.04
C MET C 154 11.78 -17.10 26.60
N GLY C 155 12.68 -17.87 27.22
CA GLY C 155 14.10 -17.74 26.97
C GLY C 155 14.80 -16.62 27.74
N VAL C 156 14.05 -15.74 28.40
CA VAL C 156 14.66 -14.63 29.15
C VAL C 156 14.37 -14.72 30.67
N ASN C 157 13.10 -14.77 31.08
CA ASN C 157 12.80 -14.86 32.50
C ASN C 157 11.74 -15.87 32.88
N ASN C 158 11.38 -16.79 31.99
CA ASN C 158 10.33 -17.76 32.32
C ASN C 158 10.70 -18.68 33.49
N ASP C 159 11.99 -18.80 33.81
CA ASP C 159 12.40 -19.56 35.02
C ASP C 159 12.00 -18.85 36.31
N GLN C 160 11.54 -17.61 36.23
CA GLN C 160 11.05 -16.90 37.39
C GLN C 160 9.61 -17.28 37.72
N TYR C 161 8.92 -17.88 36.76
CA TYR C 161 7.52 -18.28 36.97
C TYR C 161 7.40 -19.23 38.16
N LYS C 162 6.37 -19.01 38.96
CA LYS C 162 6.02 -19.90 40.07
C LYS C 162 4.61 -20.40 39.88
N SER C 163 4.34 -21.58 40.41
CA SER C 163 3.04 -22.23 40.24
C SER C 163 1.92 -21.51 40.99
N SER C 164 2.29 -20.61 41.90
CA SER C 164 1.33 -19.74 42.59
C SER C 164 0.92 -18.52 41.75
N ASP C 165 1.63 -18.25 40.67
CA ASP C 165 1.26 -17.19 39.74
C ASP C 165 0.04 -17.60 38.92
N VAL C 166 -1.14 -17.39 39.48
CA VAL C 166 -2.41 -17.79 38.86
C VAL C 166 -2.73 -16.98 37.60
N ILE C 167 -2.32 -15.72 37.56
CA ILE C 167 -2.51 -14.87 36.39
C ILE C 167 -1.15 -14.34 35.95
N VAL C 168 -0.87 -14.48 34.67
CA VAL C 168 0.41 -14.05 34.09
C VAL C 168 0.18 -13.37 32.76
N SER C 169 1.24 -12.76 32.24
CA SER C 169 1.23 -12.12 30.93
C SER C 169 2.45 -12.55 30.12
N ASN C 170 2.26 -12.69 28.81
CA ASN C 170 3.34 -13.00 27.87
C ASN C 170 4.00 -11.75 27.30
N ALA C 171 3.78 -10.61 27.95
CA ALA C 171 4.34 -9.32 27.50
C ALA C 171 3.83 -8.93 26.11
N SER C 172 4.63 -8.22 25.33
CA SER C 172 4.25 -7.85 23.95
C SER C 172 5.16 -8.50 22.92
N CYS C 173 4.78 -8.40 21.66
CA CYS C 173 5.61 -8.87 20.55
C CYS C 173 6.96 -8.16 20.58
N THR C 174 6.89 -6.84 20.78
CA THR C 174 8.07 -5.99 20.75
C THR C 174 8.98 -6.33 21.92
N THR C 175 8.41 -6.46 23.13
CA THR C 175 9.20 -6.91 24.28
C THR C 175 9.84 -8.30 24.09
N ASN C 176 9.16 -9.22 23.41
CA ASN C 176 9.74 -10.56 23.13
C ASN C 176 10.88 -10.49 22.11
N CYS C 177 10.86 -9.46 21.26
CA CYS C 177 11.93 -9.25 20.30
C CYS C 177 13.11 -8.58 20.97
N LEU C 178 12.85 -7.51 21.73
CA LEU C 178 13.93 -6.75 22.34
C LEU C 178 14.61 -7.48 23.50
N ALA C 179 13.82 -8.11 24.38
CA ALA C 179 14.39 -8.67 25.61
C ALA C 179 15.52 -9.71 25.40
N PRO C 180 15.35 -10.68 24.49
CA PRO C 180 16.45 -11.61 24.26
C PRO C 180 17.72 -10.92 23.79
N LEU C 181 17.60 -9.96 22.89
CA LEU C 181 18.76 -9.22 22.40
C LEU C 181 19.42 -8.42 23.51
N ALA C 182 18.59 -7.72 24.30
CA ALA C 182 19.10 -6.89 25.40
C ALA C 182 19.81 -7.77 26.42
N LYS C 183 19.27 -8.95 26.71
CA LYS C 183 19.92 -9.85 27.66
C LYS C 183 21.32 -10.25 27.20
N ILE C 184 21.44 -10.66 25.95
CA ILE C 184 22.72 -11.08 25.42
C ILE C 184 23.74 -9.94 25.49
N VAL C 185 23.34 -8.75 25.04
CA VAL C 185 24.25 -7.60 24.98
C VAL C 185 24.63 -7.13 26.38
N HIS C 186 23.65 -7.06 27.27
CA HIS C 186 23.89 -6.66 28.65
C HIS C 186 24.77 -7.67 29.39
N ASP C 187 24.52 -8.96 29.25
CA ASP C 187 25.35 -9.97 29.94
C ASP C 187 26.81 -9.96 29.46
N LYS C 188 27.03 -9.79 28.16
CA LYS C 188 28.36 -9.88 27.58
C LYS C 188 29.12 -8.55 27.63
N PHE C 189 28.44 -7.44 27.38
CA PHE C 189 29.13 -6.12 27.33
C PHE C 189 28.64 -5.06 28.32
N GLY C 190 27.41 -5.22 28.81
CA GLY C 190 26.80 -4.25 29.71
C GLY C 190 26.16 -3.10 28.94
N ILE C 191 24.86 -2.91 29.16
CA ILE C 191 24.15 -1.76 28.61
C ILE C 191 24.15 -0.70 29.69
N VAL C 192 24.77 0.45 29.38
CA VAL C 192 24.74 1.61 30.27
C VAL C 192 23.39 2.31 30.11
N GLU C 193 22.96 2.44 28.86
CA GLU C 193 21.68 3.05 28.51
C GLU C 193 21.32 2.74 27.06
N GLY C 194 20.03 2.76 26.75
CA GLY C 194 19.57 2.47 25.43
C GLY C 194 18.23 3.08 25.10
N LEU C 195 18.03 3.41 23.83
CA LEU C 195 16.76 3.90 23.35
C LEU C 195 16.37 3.06 22.15
N MET C 196 15.10 2.64 22.12
CA MET C 196 14.59 1.74 21.08
C MET C 196 13.54 2.42 20.19
N THR C 197 13.59 2.13 18.89
CA THR C 197 12.44 2.32 18.01
C THR C 197 11.98 0.99 17.41
N THR C 198 10.68 0.77 17.41
CA THR C 198 10.13 -0.27 16.57
C THR C 198 9.46 0.35 15.32
N VAL C 199 9.86 -0.14 14.15
CA VAL C 199 9.12 0.12 12.93
C VAL C 199 8.15 -1.05 12.81
N HIS C 200 6.87 -0.73 12.94
CA HIS C 200 5.87 -1.71 13.27
C HIS C 200 4.76 -1.80 12.23
N ALA C 201 4.42 -3.05 11.91
CA ALA C 201 3.29 -3.32 11.04
C ALA C 201 1.98 -2.77 11.64
N MET C 202 1.01 -2.60 10.75
CA MET C 202 -0.32 -2.15 11.14
C MET C 202 -0.99 -3.19 12.02
N THR C 203 -1.81 -2.72 12.96
CA THR C 203 -2.60 -3.62 13.79
C THR C 203 -4.10 -3.29 13.75
N ALA C 204 -4.89 -4.14 14.40
CA ALA C 204 -6.35 -4.08 14.33
C ALA C 204 -6.98 -2.79 14.92
N ASN C 205 -6.24 -2.09 15.77
CA ASN C 205 -6.73 -0.86 16.40
C ASN C 205 -6.60 0.39 15.52
N GLN C 206 -5.90 0.26 14.40
CA GLN C 206 -5.79 1.35 13.45
C GLN C 206 -7.01 1.39 12.51
N LEU C 207 -7.10 2.47 11.72
CA LEU C 207 -8.26 2.69 10.86
C LEU C 207 -7.81 2.78 9.41
N THR C 208 -8.69 2.37 8.51
CA THR C 208 -8.43 2.35 7.08
C THR C 208 -8.40 3.75 6.44
N VAL C 209 -9.26 4.65 6.94
CA VAL C 209 -9.31 6.06 6.55
C VAL C 209 -9.38 6.93 7.83
N ASP C 210 -9.03 8.21 7.71
CA ASP C 210 -8.96 9.10 8.88
C ASP C 210 -10.28 9.08 9.63
N GLY C 211 -10.21 8.76 10.92
CA GLY C 211 -11.37 8.85 11.82
C GLY C 211 -11.03 8.83 13.31
N PRO C 212 -12.06 8.82 14.15
CA PRO C 212 -11.78 8.93 15.57
C PRO C 212 -11.33 7.60 16.15
N SER C 213 -10.18 7.60 16.82
CA SER C 213 -9.73 6.43 17.60
C SER C 213 -10.73 6.16 18.71
N LYS C 214 -10.96 4.88 19.00
CA LYS C 214 -11.80 4.47 20.15
C LYS C 214 -11.22 5.06 21.47
N GLY C 215 -12.10 5.65 22.28
CA GLY C 215 -11.69 6.31 23.53
C GLY C 215 -11.16 7.74 23.34
N GLY C 216 -10.76 8.08 22.11
CA GLY C 216 -10.24 9.41 21.79
C GLY C 216 -8.86 9.67 22.37
N LYS C 217 -8.01 8.65 22.35
CA LYS C 217 -6.77 8.64 23.12
C LYS C 217 -5.53 8.87 22.23
N ASP C 218 -5.40 7.98 21.25
CA ASP C 218 -4.24 7.95 20.37
C ASP C 218 -4.70 8.48 19.02
N TRP C 219 -4.74 9.81 18.90
CA TRP C 219 -5.27 10.45 17.69
C TRP C 219 -4.53 10.05 16.41
N ARG C 220 -3.22 9.90 16.52
CA ARG C 220 -2.42 9.52 15.38
C ARG C 220 -2.83 8.13 14.87
N ALA C 221 -3.22 7.24 15.79
CA ALA C 221 -3.64 5.88 15.44
C ALA C 221 -4.95 5.86 14.65
N GLY C 222 -5.71 6.96 14.73
CA GLY C 222 -6.96 7.12 13.95
C GLY C 222 -6.79 7.60 12.51
N ARG C 223 -5.58 7.93 12.10
CA ARG C 223 -5.32 8.41 10.76
C ARG C 223 -5.07 7.26 9.80
N SER C 224 -5.39 7.46 8.52
CA SER C 224 -5.40 6.38 7.54
C SER C 224 -4.14 5.55 7.62
N ALA C 225 -4.27 4.25 7.85
CA ALA C 225 -3.13 3.36 8.11
C ALA C 225 -2.25 3.13 6.88
N GLY C 226 -2.88 2.97 5.73
CA GLY C 226 -2.17 2.61 4.50
C GLY C 226 -1.32 3.70 3.85
N VAL C 227 -1.53 4.96 4.23
CA VAL C 227 -0.84 6.05 3.55
C VAL C 227 0.00 6.92 4.48
N ASN C 228 0.22 6.46 5.71
CA ASN C 228 0.91 7.24 6.72
C ASN C 228 1.99 6.47 7.45
N ILE C 229 3.09 7.15 7.76
CA ILE C 229 3.98 6.76 8.83
C ILE C 229 3.43 7.45 10.09
N ILE C 230 3.17 6.66 11.13
CA ILE C 230 2.39 7.09 12.28
C ILE C 230 3.15 6.84 13.57
N PRO C 231 3.67 7.91 14.20
CA PRO C 231 4.33 7.71 15.47
C PRO C 231 3.40 7.17 16.53
N ALA C 232 3.93 6.34 17.42
CA ALA C 232 3.16 5.79 18.52
C ALA C 232 4.04 5.61 19.74
N SER C 233 3.41 5.68 20.90
CA SER C 233 4.06 5.40 22.17
C SER C 233 4.06 3.92 22.34
N THR C 234 5.08 3.41 23.03
CA THR C 234 5.09 2.02 23.44
C THR C 234 5.83 1.87 24.75
N GLY C 235 5.29 1.00 25.60
CA GLY C 235 5.92 0.69 26.87
C GLY C 235 6.90 -0.48 26.74
N ALA C 236 6.96 -1.10 25.57
CA ALA C 236 7.70 -2.35 25.37
C ALA C 236 9.14 -2.32 25.84
N ALA C 237 9.82 -1.18 25.69
CA ALA C 237 11.24 -1.07 26.06
C ALA C 237 11.41 -0.93 27.55
N LYS C 238 10.58 -0.08 28.16
CA LYS C 238 10.56 0.03 29.63
C LYS C 238 10.20 -1.33 30.29
N ALA C 239 9.31 -2.09 29.65
CA ALA C 239 8.89 -3.41 30.16
C ALA C 239 10.05 -4.41 30.21
N VAL C 240 11.05 -4.25 29.35
CA VAL C 240 12.24 -5.08 29.42
C VAL C 240 12.91 -4.95 30.80
N GLY C 241 12.78 -3.75 31.39
CA GLY C 241 13.24 -3.50 32.76
C GLY C 241 12.56 -4.33 33.83
N LYS C 242 11.37 -4.85 33.55
CA LYS C 242 10.70 -5.81 34.41
C LYS C 242 11.14 -7.25 34.12
N ILE C 243 11.49 -7.51 32.88
CA ILE C 243 11.95 -8.84 32.45
C ILE C 243 13.42 -9.03 32.83
N ILE C 244 14.20 -7.95 32.73
CA ILE C 244 15.64 -7.93 33.07
C ILE C 244 15.84 -6.80 34.10
N PRO C 245 15.61 -7.11 35.39
CA PRO C 245 15.52 -6.09 36.45
C PRO C 245 16.69 -5.11 36.51
N SER C 246 17.90 -5.57 36.21
CA SER C 246 19.06 -4.68 36.26
C SER C 246 18.99 -3.59 35.18
N LEU C 247 18.13 -3.74 34.17
CA LEU C 247 17.95 -2.71 33.14
C LEU C 247 16.77 -1.80 33.42
N ASN C 248 16.10 -1.97 34.54
CA ASN C 248 15.04 -1.03 34.95
C ASN C 248 15.62 0.37 34.99
N GLY C 249 15.02 1.28 34.25
CA GLY C 249 15.46 2.68 34.22
C GLY C 249 16.47 2.95 33.14
N LYS C 250 16.91 1.93 32.42
CA LYS C 250 18.02 2.07 31.45
C LYS C 250 17.61 1.98 29.99
N LEU C 251 16.32 1.71 29.76
CA LEU C 251 15.79 1.52 28.43
C LEU C 251 14.42 2.18 28.30
N THR C 252 14.16 2.80 27.16
CA THR C 252 12.80 3.13 26.77
C THR C 252 12.76 3.32 25.26
N GLY C 253 11.64 3.77 24.74
CA GLY C 253 11.50 3.84 23.31
C GLY C 253 10.16 4.30 22.80
N MET C 254 9.99 4.11 21.50
CA MET C 254 8.82 4.57 20.77
C MET C 254 8.66 3.73 19.53
N ALA C 255 7.61 4.03 18.76
CA ALA C 255 7.30 3.28 17.56
C ALA C 255 6.83 4.18 16.41
N PHE C 256 7.01 3.68 15.19
CA PHE C 256 6.38 4.20 13.99
C PHE C 256 5.64 3.04 13.35
N ARG C 257 4.33 3.20 13.22
CA ARG C 257 3.47 2.26 12.51
C ARG C 257 3.56 2.61 11.02
N VAL C 258 3.79 1.61 10.17
CA VAL C 258 3.97 1.81 8.72
C VAL C 258 3.11 0.81 7.93
N PRO C 259 2.83 1.11 6.66
CA PRO C 259 1.88 0.30 5.90
C PRO C 259 2.35 -1.11 5.44
N VAL C 260 2.56 -2.02 6.38
CA VAL C 260 2.63 -3.44 6.08
C VAL C 260 1.71 -4.15 7.06
N PRO C 261 1.08 -5.26 6.63
CA PRO C 261 0.07 -5.99 7.40
C PRO C 261 0.63 -6.82 8.53
N ASP C 262 1.92 -7.13 8.47
CA ASP C 262 2.61 -7.90 9.50
C ASP C 262 4.13 -7.83 9.31
N VAL C 263 4.84 -8.14 10.39
CA VAL C 263 6.29 -8.12 10.50
C VAL C 263 6.75 -6.72 10.91
N SER C 264 7.58 -6.68 11.95
CA SER C 264 8.09 -5.44 12.48
C SER C 264 9.58 -5.60 12.77
N VAL C 265 10.24 -4.49 13.11
CA VAL C 265 11.67 -4.52 13.37
C VAL C 265 12.09 -3.60 14.52
N VAL C 266 12.94 -4.12 15.38
CA VAL C 266 13.45 -3.36 16.53
C VAL C 266 14.78 -2.72 16.13
N ASP C 267 14.92 -1.45 16.52
CA ASP C 267 16.07 -0.63 16.22
C ASP C 267 16.54 -0.12 17.59
N LEU C 268 17.54 -0.79 18.16
CA LEU C 268 18.02 -0.49 19.50
C LEU C 268 19.34 0.28 19.43
N THR C 269 19.35 1.49 19.99
CA THR C 269 20.54 2.29 20.08
C THR C 269 21.00 2.27 21.53
N CYS C 270 22.17 1.68 21.78
CA CYS C 270 22.69 1.59 23.13
C CYS C 270 24.18 1.86 23.30
N LYS C 271 24.51 2.33 24.51
CA LYS C 271 25.86 2.57 24.95
C LYS C 271 26.29 1.34 25.75
N LEU C 272 27.44 0.78 25.39
CA LEU C 272 28.02 -0.38 26.08
C LEU C 272 29.01 0.07 27.16
N ALA C 273 29.10 -0.69 28.26
CA ALA C 273 30.06 -0.43 29.35
C ALA C 273 31.45 -0.93 29.03
N LYS C 274 31.51 -1.90 28.13
CA LYS C 274 32.75 -2.59 27.76
C LYS C 274 32.91 -2.40 26.25
N PRO C 275 34.11 -1.97 25.80
CA PRO C 275 34.37 -1.88 24.35
C PRO C 275 34.20 -3.21 23.62
N ALA C 276 33.69 -3.14 22.39
CA ALA C 276 33.42 -4.33 21.57
C ALA C 276 33.66 -4.06 20.09
N LYS C 277 34.23 -5.02 19.39
CA LYS C 277 34.18 -5.04 17.94
C LYS C 277 32.77 -5.50 17.57
N TYR C 278 32.24 -5.06 16.44
CA TYR C 278 30.91 -5.51 16.02
C TYR C 278 30.82 -7.04 15.91
N GLU C 279 31.88 -7.66 15.43
CA GLU C 279 31.97 -9.12 15.32
C GLU C 279 31.88 -9.83 16.70
N ASP C 280 32.24 -9.13 17.77
CA ASP C 280 32.08 -9.66 19.12
C ASP C 280 30.60 -9.77 19.48
N ILE C 281 29.80 -8.80 19.04
CA ILE C 281 28.37 -8.82 19.28
C ILE C 281 27.71 -9.88 18.39
N VAL C 282 28.13 -9.94 17.13
CA VAL C 282 27.64 -10.99 16.21
C VAL C 282 27.85 -12.38 16.84
N ALA C 283 29.07 -12.63 17.32
CA ALA C 283 29.42 -13.94 17.91
C ALA C 283 28.59 -14.26 19.16
N ALA C 284 28.35 -13.27 20.02
CA ALA C 284 27.53 -13.48 21.20
C ALA C 284 26.12 -13.85 20.80
N VAL C 285 25.59 -13.24 19.75
CA VAL C 285 24.21 -13.53 19.31
C VAL C 285 24.14 -14.95 18.73
N LYS C 286 25.15 -15.31 17.94
CA LYS C 286 25.20 -16.66 17.36
C LYS C 286 25.31 -17.75 18.42
N GLU C 287 26.12 -17.52 19.45
CA GLU C 287 26.23 -18.47 20.56
C GLU C 287 24.86 -18.67 21.22
N ALA C 288 24.14 -17.57 21.49
CA ALA C 288 22.83 -17.63 22.17
C ALA C 288 21.79 -18.32 21.31
N ALA C 289 21.87 -18.12 20.00
CA ALA C 289 20.97 -18.77 19.04
C ALA C 289 21.21 -20.27 18.91
N THR C 290 22.45 -20.70 19.15
CA THR C 290 22.89 -22.04 18.80
C THR C 290 22.57 -23.08 19.89
N SER C 291 22.86 -22.77 21.14
CA SER C 291 22.52 -23.67 22.23
C SER C 291 22.13 -22.88 23.48
N GLY C 292 21.46 -23.56 24.41
CA GLY C 292 20.98 -22.90 25.62
C GLY C 292 19.54 -22.41 25.52
N PRO C 293 19.11 -21.62 26.51
CA PRO C 293 17.68 -21.29 26.69
C PRO C 293 17.08 -20.35 25.64
N MET C 294 17.89 -19.72 24.80
CA MET C 294 17.38 -18.87 23.74
C MET C 294 17.40 -19.59 22.40
N LYS C 295 17.79 -20.85 22.40
CA LYS C 295 17.70 -21.65 21.18
C LYS C 295 16.23 -21.73 20.81
N GLY C 296 15.90 -21.42 19.55
CA GLY C 296 14.50 -21.35 19.11
C GLY C 296 13.80 -20.02 19.43
N ILE C 297 14.51 -19.13 20.12
CA ILE C 297 13.93 -17.86 20.56
C ILE C 297 14.58 -16.75 19.78
N ILE C 298 15.91 -16.68 19.87
CA ILE C 298 16.68 -15.74 19.08
C ILE C 298 17.36 -16.46 17.95
N SER C 299 17.44 -15.80 16.82
CA SER C 299 18.21 -16.28 15.69
C SER C 299 18.92 -15.10 15.07
N TYR C 300 19.53 -15.34 13.91
CA TYR C 300 20.32 -14.34 13.24
C TYR C 300 20.30 -14.60 11.74
N THR C 301 20.58 -13.56 10.96
CA THR C 301 20.85 -13.70 9.52
C THR C 301 21.97 -12.74 9.11
N ASP C 302 22.75 -13.13 8.11
CA ASP C 302 23.72 -12.22 7.48
C ASP C 302 23.39 -11.96 6.01
N GLU C 303 22.13 -12.13 5.68
CA GLU C 303 21.66 -11.98 4.31
C GLU C 303 20.83 -10.72 4.16
N GLU C 304 20.62 -10.32 2.92
CA GLU C 304 20.03 -9.02 2.59
C GLU C 304 18.50 -9.05 2.67
N VAL C 305 18.00 -9.31 3.87
CA VAL C 305 16.60 -9.63 4.07
C VAL C 305 15.71 -8.39 4.13
N VAL C 306 14.41 -8.60 3.90
CA VAL C 306 13.43 -7.55 4.05
C VAL C 306 12.28 -8.14 4.87
N SER C 307 11.33 -7.30 5.31
CA SER C 307 10.29 -7.73 6.25
C SER C 307 9.51 -8.96 5.79
N SER C 308 9.18 -9.02 4.50
CA SER C 308 8.36 -10.15 4.01
C SER C 308 9.06 -11.48 4.18
N ASP C 309 10.37 -11.47 4.37
CA ASP C 309 11.11 -12.71 4.60
C ASP C 309 10.83 -13.32 5.96
N PHE C 310 10.20 -12.56 6.85
CA PHE C 310 9.92 -13.05 8.20
C PHE C 310 8.45 -13.38 8.37
N VAL C 311 7.69 -13.31 7.28
CA VAL C 311 6.28 -13.65 7.36
C VAL C 311 6.21 -15.13 7.70
N HIS C 312 5.56 -15.43 8.82
CA HIS C 312 5.41 -16.79 9.34
C HIS C 312 6.74 -17.35 9.84
N CYS C 313 7.59 -16.48 10.38
CA CYS C 313 8.80 -16.89 11.09
C CYS C 313 8.51 -17.02 12.59
N LYS C 314 8.81 -18.20 13.14
CA LYS C 314 8.53 -18.55 14.54
C LYS C 314 9.36 -17.83 15.60
N PHE C 315 10.52 -17.30 15.23
CA PHE C 315 11.45 -16.74 16.20
C PHE C 315 10.89 -15.47 16.86
N SER C 316 11.26 -15.26 18.11
CA SER C 316 10.94 -14.02 18.82
C SER C 316 11.74 -12.85 18.25
N SER C 317 12.94 -13.15 17.73
CA SER C 317 13.93 -12.11 17.44
C SER C 317 14.97 -12.64 16.45
N VAL C 318 15.10 -12.01 15.29
CA VAL C 318 16.12 -12.41 14.32
C VAL C 318 17.06 -11.22 14.09
N PHE C 319 18.27 -11.35 14.63
CA PHE C 319 19.29 -10.30 14.56
C PHE C 319 19.76 -10.13 13.11
N ASP C 320 19.69 -8.91 12.62
CA ASP C 320 20.04 -8.62 11.23
C ASP C 320 21.49 -8.14 11.27
N ILE C 321 22.41 -9.05 10.95
CA ILE C 321 23.83 -8.77 11.10
C ILE C 321 24.26 -7.58 10.24
N ASN C 322 23.91 -7.60 8.96
CA ASN C 322 24.39 -6.56 8.03
C ASN C 322 23.70 -5.21 8.10
N ALA C 323 22.56 -5.13 8.78
CA ALA C 323 21.84 -3.87 8.94
C ALA C 323 22.39 -2.98 10.08
N GLY C 324 23.04 -3.57 11.07
CA GLY C 324 23.48 -2.81 12.25
C GLY C 324 24.66 -1.89 11.95
N ILE C 325 24.91 -0.96 12.85
CA ILE C 325 26.04 -0.05 12.66
C ILE C 325 26.57 0.47 13.99
N MET C 326 27.89 0.45 14.13
CA MET C 326 28.59 1.00 15.29
C MET C 326 29.22 2.31 14.93
N LEU C 327 28.96 3.33 15.73
CA LEU C 327 29.68 4.59 15.61
C LEU C 327 31.11 4.41 16.07
N ASN C 328 31.27 3.74 17.21
CA ASN C 328 32.55 3.52 17.88
C ASN C 328 32.44 2.26 18.75
N ASP C 329 33.49 1.88 19.47
CA ASP C 329 33.46 0.57 20.16
C ASP C 329 32.52 0.47 21.38
N THR C 330 31.84 1.57 21.74
CA THR C 330 30.84 1.52 22.80
C THR C 330 29.45 2.07 22.44
N PHE C 331 29.22 2.47 21.20
CA PHE C 331 27.96 3.08 20.81
C PHE C 331 27.45 2.51 19.50
N VAL C 332 26.34 1.77 19.58
CA VAL C 332 25.95 0.90 18.49
C VAL C 332 24.44 0.90 18.27
N LYS C 333 24.07 0.65 17.01
CA LYS C 333 22.68 0.50 16.59
C LYS C 333 22.47 -0.94 16.07
N LEU C 334 21.60 -1.67 16.75
CA LEU C 334 21.34 -3.08 16.49
C LEU C 334 19.91 -3.27 15.96
N VAL C 335 19.78 -4.15 14.97
CA VAL C 335 18.52 -4.36 14.26
C VAL C 335 18.04 -5.80 14.45
N SER C 336 16.77 -5.97 14.82
CA SER C 336 16.22 -7.33 14.98
C SER C 336 14.76 -7.45 14.56
N TRP C 337 14.51 -8.42 13.68
CA TRP C 337 13.19 -8.63 13.08
C TRP C 337 12.31 -9.52 13.93
N TYR C 338 10.98 -9.33 13.79
CA TYR C 338 9.99 -10.21 14.42
C TYR C 338 8.66 -10.25 13.70
N ASP C 339 8.14 -11.47 13.48
CA ASP C 339 6.77 -11.63 13.06
C ASP C 339 5.93 -11.37 14.29
N ASN C 340 5.48 -10.12 14.40
CA ASN C 340 4.71 -9.67 15.57
C ASN C 340 3.51 -10.58 15.84
N GLU C 341 2.93 -11.17 14.80
CA GLU C 341 1.80 -12.08 14.96
C GLU C 341 2.22 -13.51 15.31
N TRP C 342 3.01 -14.13 14.44
CA TRP C 342 3.30 -15.58 14.54
C TRP C 342 4.31 -15.91 15.66
N GLY C 343 5.39 -15.12 15.77
CA GLY C 343 6.40 -15.37 16.80
C GLY C 343 5.76 -15.29 18.18
N TYR C 344 5.14 -14.16 18.46
CA TYR C 344 4.44 -13.98 19.73
C TYR C 344 3.46 -15.10 20.06
N SER C 345 2.65 -15.48 19.07
CA SER C 345 1.64 -16.51 19.27
C SER C 345 2.25 -17.86 19.66
N ASN C 346 3.35 -18.23 19.00
CA ASN C 346 4.08 -19.43 19.39
C ASN C 346 4.66 -19.33 20.79
N ARG C 347 5.22 -18.17 21.11
CA ARG C 347 5.77 -17.94 22.45
C ARG C 347 4.68 -18.16 23.50
N LEU C 348 3.49 -17.65 23.25
CA LEU C 348 2.41 -17.77 24.24
C LEU C 348 2.02 -19.23 24.49
N VAL C 349 1.94 -20.01 23.41
CA VAL C 349 1.63 -21.43 23.54
C VAL C 349 2.74 -22.11 24.33
N GLU C 350 3.98 -21.77 23.99
CA GLU C 350 5.13 -22.32 24.69
C GLU C 350 5.14 -21.97 26.17
N LEU C 351 4.71 -20.76 26.52
CA LEU C 351 4.64 -20.35 27.95
C LEU C 351 3.53 -21.13 28.65
N ALA C 352 2.37 -21.26 28.00
CA ALA C 352 1.27 -22.06 28.55
C ALA C 352 1.73 -23.49 28.81
N HIS C 353 2.48 -24.06 27.87
CA HIS C 353 2.97 -25.44 28.03
C HIS C 353 4.03 -25.51 29.11
N TYR C 354 4.89 -24.50 29.18
CA TYR C 354 5.90 -24.43 30.22
C TYR C 354 5.26 -24.43 31.61
N MET C 355 4.20 -23.65 31.78
CA MET C 355 3.52 -23.54 33.07
C MET C 355 2.87 -24.87 33.42
N SER C 356 2.26 -25.51 32.43
CA SER C 356 1.60 -26.79 32.66
C SER C 356 2.59 -27.87 33.13
N VAL C 357 3.76 -27.91 32.51
CA VAL C 357 4.82 -28.84 32.95
C VAL C 357 5.23 -28.50 34.37
N GLN C 358 5.59 -27.25 34.61
CA GLN C 358 6.03 -26.80 35.95
C GLN C 358 4.99 -27.08 37.03
N ASP C 359 3.72 -26.85 36.70
CA ASP C 359 2.63 -27.12 37.63
C ASP C 359 2.43 -28.63 37.88
N GLY C 360 2.82 -29.47 36.93
CA GLY C 360 2.70 -30.93 37.07
C GLY C 360 3.78 -31.56 37.96
N MET D 22 -29.61 31.46 -1.89
CA MET D 22 -29.94 32.61 -0.98
C MET D 22 -28.95 32.56 0.20
N VAL D 23 -29.35 31.96 1.31
CA VAL D 23 -28.36 31.33 2.19
C VAL D 23 -28.98 30.04 2.72
N CYS D 24 -28.40 28.93 2.30
CA CYS D 24 -28.80 27.64 2.83
C CYS D 24 -28.21 27.48 4.22
N LYS D 25 -29.10 27.37 5.22
CA LYS D 25 -28.66 27.21 6.60
C LYS D 25 -28.54 25.73 6.97
N LEU D 26 -27.30 25.25 6.99
CA LEU D 26 -27.00 23.83 7.05
C LEU D 26 -26.54 23.36 8.41
N GLY D 27 -26.92 22.13 8.77
CA GLY D 27 -26.36 21.42 9.93
C GLY D 27 -25.81 20.08 9.48
N ILE D 28 -24.81 19.56 10.20
CA ILE D 28 -24.19 18.29 9.84
C ILE D 28 -24.27 17.31 11.02
N ASN D 29 -24.87 16.14 10.79
CA ASN D 29 -24.89 15.05 11.77
C ASN D 29 -23.90 13.98 11.35
N GLY D 30 -22.91 13.73 12.21
CA GLY D 30 -21.82 12.82 11.88
C GLY D 30 -20.69 13.55 11.15
N PHE D 31 -19.59 13.78 11.85
CA PHE D 31 -18.49 14.59 11.33
C PHE D 31 -17.37 13.70 10.80
N GLY D 32 -17.72 12.82 9.86
CA GLY D 32 -16.79 11.83 9.33
C GLY D 32 -16.14 12.29 8.04
N ARG D 33 -15.74 11.34 7.20
CA ARG D 33 -15.17 11.72 5.90
C ARG D 33 -16.15 12.66 5.23
N ILE D 34 -17.40 12.23 5.11
CA ILE D 34 -18.38 13.01 4.36
C ILE D 34 -18.78 14.29 5.15
N GLY D 35 -19.14 14.14 6.42
CA GLY D 35 -19.44 15.33 7.24
C GLY D 35 -18.38 16.44 7.19
N ARG D 36 -17.11 16.06 7.31
CA ARG D 36 -16.04 17.05 7.34
C ARG D 36 -15.81 17.69 5.98
N LEU D 37 -15.98 16.91 4.90
CA LEU D 37 -15.83 17.44 3.55
C LEU D 37 -17.06 18.22 3.09
N VAL D 38 -18.24 17.82 3.54
CA VAL D 38 -19.42 18.61 3.32
C VAL D 38 -19.21 19.97 3.99
N PHE D 39 -18.66 19.95 5.21
CA PHE D 39 -18.36 21.17 5.95
C PHE D 39 -17.44 22.12 5.16
N ARG D 40 -16.36 21.56 4.66
CA ARG D 40 -15.39 22.29 3.87
C ARG D 40 -16.02 22.84 2.59
N ALA D 41 -16.81 22.03 1.87
CA ALA D 41 -17.50 22.49 0.67
C ALA D 41 -18.48 23.63 1.00
N ALA D 42 -19.21 23.46 2.10
CA ALA D 42 -20.17 24.45 2.53
C ALA D 42 -19.48 25.79 2.88
N MET D 43 -18.35 25.70 3.59
CA MET D 43 -17.56 26.89 3.92
C MET D 43 -17.04 27.61 2.67
N GLU D 44 -16.74 26.87 1.61
CA GLU D 44 -16.27 27.49 0.38
C GLU D 44 -17.35 28.27 -0.37
N ARG D 45 -18.61 27.84 -0.24
N ARG D 45 -18.61 27.87 -0.23
CA ARG D 45 -19.75 28.46 -0.91
CA ARG D 45 -19.67 28.50 -0.99
C ARG D 45 -20.17 29.73 -0.20
C ARG D 45 -20.25 29.69 -0.23
N GLY D 46 -20.50 30.77 -0.96
CA GLY D 46 -21.03 32.00 -0.37
C GLY D 46 -22.51 31.90 -0.01
N ASP D 47 -23.20 30.92 -0.57
CA ASP D 47 -24.64 30.82 -0.43
C ASP D 47 -25.09 29.66 0.45
N VAL D 48 -24.15 29.10 1.22
CA VAL D 48 -24.46 28.09 2.23
C VAL D 48 -23.67 28.46 3.48
N GLU D 49 -24.29 28.31 4.65
CA GLU D 49 -23.59 28.49 5.94
C GLU D 49 -23.79 27.24 6.81
N VAL D 50 -22.76 26.83 7.51
CA VAL D 50 -22.89 25.75 8.48
C VAL D 50 -23.11 26.35 9.85
N LEU D 51 -24.28 26.14 10.42
CA LEU D 51 -24.64 26.73 11.71
C LEU D 51 -24.42 25.76 12.87
N ALA D 52 -24.42 24.46 12.62
CA ALA D 52 -24.19 23.47 13.70
C ALA D 52 -23.60 22.14 13.23
N ILE D 53 -22.91 21.47 14.14
CA ILE D 53 -22.34 20.15 13.92
C ILE D 53 -22.70 19.26 15.10
N ASN D 54 -22.97 17.97 14.86
CA ASN D 54 -23.19 16.98 15.93
C ASN D 54 -22.42 15.69 15.67
N ASP D 55 -21.53 15.32 16.59
CA ASP D 55 -20.88 14.01 16.59
C ASP D 55 -20.44 13.63 18.01
N PRO D 56 -21.05 12.58 18.59
CA PRO D 56 -20.75 12.19 19.97
C PRO D 56 -19.44 11.40 20.18
N PHE D 57 -18.73 11.05 19.11
CA PHE D 57 -17.50 10.26 19.23
C PHE D 57 -16.24 11.13 19.14
N MET D 58 -16.39 12.44 19.36
CA MET D 58 -15.25 13.34 19.33
C MET D 58 -15.52 14.63 20.10
N SER D 59 -14.56 15.04 20.93
CA SER D 59 -14.59 16.33 21.63
C SER D 59 -14.30 17.52 20.69
N LEU D 60 -14.37 18.74 21.22
CA LEU D 60 -14.04 19.94 20.46
C LEU D 60 -12.59 19.97 19.97
N ASP D 61 -11.65 19.74 20.88
CA ASP D 61 -10.23 19.66 20.51
C ASP D 61 -10.06 18.61 19.41
N TYR D 62 -10.76 17.48 19.54
CA TYR D 62 -10.62 16.41 18.57
C TYR D 62 -11.20 16.85 17.22
N MET D 63 -12.37 17.48 17.25
CA MET D 63 -12.94 18.00 16.01
C MET D 63 -11.98 18.95 15.31
N VAL D 64 -11.35 19.82 16.09
CA VAL D 64 -10.40 20.78 15.56
C VAL D 64 -9.27 20.03 14.83
N TYR D 65 -8.79 18.97 15.46
CA TYR D 65 -7.71 18.16 14.88
C TYR D 65 -8.11 17.48 13.56
N LEU D 66 -9.26 16.80 13.56
CA LEU D 66 -9.71 16.06 12.37
C LEU D 66 -10.10 16.99 11.23
N LEU D 67 -10.46 18.23 11.55
CA LEU D 67 -10.73 19.18 10.52
C LEU D 67 -9.43 19.80 9.99
N ARG D 68 -8.48 20.08 10.88
CA ARG D 68 -7.19 20.61 10.45
C ARG D 68 -6.41 19.72 9.50
N TYR D 69 -6.40 18.42 9.75
CA TYR D 69 -5.51 17.53 9.02
C TYR D 69 -6.31 16.47 8.28
N ASP D 70 -5.90 16.19 7.05
CA ASP D 70 -6.52 15.13 6.26
C ASP D 70 -5.46 14.41 5.46
N SER D 71 -5.52 13.08 5.46
CA SER D 71 -4.51 12.25 4.81
C SER D 71 -4.67 12.26 3.29
N VAL D 72 -5.85 12.65 2.80
CA VAL D 72 -6.12 12.72 1.37
C VAL D 72 -6.25 14.16 0.88
N HIS D 73 -7.03 14.97 1.56
CA HIS D 73 -7.41 16.28 1.04
C HIS D 73 -6.57 17.44 1.56
N GLY D 74 -5.47 17.14 2.26
CA GLY D 74 -4.55 18.17 2.72
C GLY D 74 -5.06 18.96 3.92
N HIS D 75 -4.35 20.00 4.31
CA HIS D 75 -4.72 20.81 5.47
C HIS D 75 -6.01 21.57 5.19
N TYR D 76 -6.83 21.81 6.21
CA TYR D 76 -7.97 22.70 6.02
C TYR D 76 -7.46 24.03 5.51
N PRO D 77 -8.09 24.60 4.46
CA PRO D 77 -7.62 25.86 3.87
C PRO D 77 -8.11 27.11 4.66
N GLY D 78 -7.50 27.34 5.82
CA GLY D 78 -7.97 28.37 6.75
C GLY D 78 -7.66 27.96 8.18
N GLU D 79 -7.72 28.92 9.09
N GLU D 79 -7.74 28.93 9.08
CA GLU D 79 -7.41 28.66 10.49
CA GLU D 79 -7.47 28.71 10.51
C GLU D 79 -8.61 28.00 11.16
C GLU D 79 -8.65 27.97 11.13
N VAL D 80 -8.35 26.96 11.93
CA VAL D 80 -9.38 26.25 12.70
C VAL D 80 -9.02 26.31 14.19
N SER D 81 -9.99 26.65 15.03
CA SER D 81 -9.79 26.64 16.46
C SER D 81 -11.13 26.54 17.14
N HIS D 82 -11.15 26.69 18.46
CA HIS D 82 -12.41 26.76 19.19
C HIS D 82 -12.36 27.82 20.30
N LYS D 83 -13.54 28.27 20.72
CA LYS D 83 -13.66 29.30 21.71
C LYS D 83 -15.07 29.27 22.27
N ASP D 84 -15.19 29.39 23.60
CA ASP D 84 -16.48 29.46 24.25
C ASP D 84 -17.40 28.30 23.87
N GLY D 85 -16.82 27.13 23.62
CA GLY D 85 -17.58 25.93 23.27
C GLY D 85 -17.98 25.81 21.79
N LYS D 86 -17.56 26.77 20.96
CA LYS D 86 -17.89 26.76 19.54
C LYS D 86 -16.67 26.53 18.66
N LEU D 87 -16.91 25.96 17.48
CA LEU D 87 -15.85 25.79 16.48
C LEU D 87 -15.69 27.11 15.72
N ILE D 88 -14.45 27.52 15.49
CA ILE D 88 -14.17 28.81 14.84
C ILE D 88 -13.38 28.54 13.55
N VAL D 89 -14.01 28.75 12.40
CA VAL D 89 -13.38 28.49 11.11
C VAL D 89 -13.45 29.72 10.23
N GLY D 90 -12.28 30.26 9.90
CA GLY D 90 -12.19 31.45 9.08
C GLY D 90 -13.04 32.57 9.62
N GLY D 91 -12.84 32.90 10.89
CA GLY D 91 -13.62 33.95 11.55
C GLY D 91 -15.06 33.61 11.96
N LYS D 92 -15.62 32.51 11.47
CA LYS D 92 -17.03 32.16 11.72
C LYS D 92 -17.20 31.17 12.86
N ALA D 93 -18.24 31.38 13.68
CA ALA D 93 -18.55 30.52 14.81
C ALA D 93 -19.58 29.48 14.40
N VAL D 94 -19.34 28.23 14.75
CA VAL D 94 -20.27 27.15 14.48
C VAL D 94 -20.57 26.41 15.77
N THR D 95 -21.86 26.22 16.06
CA THR D 95 -22.28 25.55 17.29
C THR D 95 -22.00 24.06 17.19
N VAL D 96 -21.67 23.44 18.32
CA VAL D 96 -21.35 22.00 18.34
C VAL D 96 -22.13 21.21 19.40
N PHE D 97 -22.63 20.03 19.02
CA PHE D 97 -23.34 19.12 19.92
C PHE D 97 -22.71 17.72 19.91
N ASN D 98 -22.96 16.93 20.96
CA ASN D 98 -22.41 15.57 21.07
C ASN D 98 -23.47 14.52 21.46
N GLU D 99 -24.54 14.45 20.70
CA GLU D 99 -25.70 13.60 21.03
C GLU D 99 -25.69 12.32 20.21
N LYS D 100 -25.92 11.19 20.86
CA LYS D 100 -26.06 9.91 20.14
C LYS D 100 -27.38 9.86 19.35
N GLU D 101 -28.43 10.44 19.94
CA GLU D 101 -29.80 10.29 19.46
C GLU D 101 -30.29 11.57 18.78
N PRO D 102 -30.70 11.48 17.50
CA PRO D 102 -31.19 12.65 16.73
C PRO D 102 -32.20 13.54 17.44
N THR D 103 -33.17 12.95 18.12
CA THR D 103 -34.24 13.71 18.77
C THR D 103 -33.74 14.73 19.80
N ALA D 104 -32.52 14.52 20.31
CA ALA D 104 -31.95 15.35 21.36
C ALA D 104 -31.04 16.48 20.86
N ILE D 105 -31.03 16.71 19.54
CA ILE D 105 -30.16 17.75 18.96
C ILE D 105 -30.93 19.05 18.70
N PRO D 106 -30.61 20.13 19.46
CA PRO D 106 -31.39 21.35 19.32
C PRO D 106 -31.01 22.16 18.07
N TRP D 107 -31.45 21.68 16.90
CA TRP D 107 -31.10 22.30 15.63
C TRP D 107 -31.78 23.65 15.48
N GLY D 108 -33.03 23.74 15.92
CA GLY D 108 -33.79 24.99 15.86
C GLY D 108 -33.16 26.12 16.66
N GLN D 109 -32.51 25.76 17.77
CA GLN D 109 -31.81 26.74 18.64
C GLN D 109 -30.49 27.20 18.02
N ALA D 110 -29.98 26.43 17.08
CA ALA D 110 -28.82 26.84 16.28
C ALA D 110 -29.25 27.54 14.98
N GLY D 111 -30.54 27.51 14.67
CA GLY D 111 -31.07 28.07 13.42
C GLY D 111 -30.87 27.23 12.15
N VAL D 112 -30.53 25.95 12.31
CA VAL D 112 -30.38 25.03 11.17
C VAL D 112 -31.69 24.71 10.45
N HIS D 113 -31.65 24.75 9.12
CA HIS D 113 -32.81 24.44 8.28
C HIS D 113 -32.70 23.06 7.60
N TYR D 114 -31.55 22.81 6.97
CA TYR D 114 -31.30 21.60 6.20
C TYR D 114 -30.21 20.78 6.87
N ILE D 115 -30.47 19.49 7.09
CA ILE D 115 -29.51 18.65 7.79
C ILE D 115 -28.87 17.61 6.89
N CYS D 116 -27.54 17.62 6.85
CA CYS D 116 -26.77 16.59 6.19
C CYS D 116 -26.67 15.42 7.16
N GLU D 117 -27.30 14.32 6.82
CA GLU D 117 -27.34 13.16 7.71
C GLU D 117 -26.24 12.21 7.27
N SER D 118 -25.06 12.40 7.84
CA SER D 118 -23.85 11.67 7.44
C SER D 118 -23.25 10.74 8.51
N THR D 119 -24.12 10.11 9.29
CA THR D 119 -23.70 9.10 10.27
C THR D 119 -23.68 7.70 9.66
N GLY D 120 -24.56 7.47 8.69
CA GLY D 120 -24.65 6.18 8.01
C GLY D 120 -25.60 5.19 8.66
N ILE D 121 -26.32 5.64 9.69
CA ILE D 121 -27.18 4.72 10.47
C ILE D 121 -28.62 5.22 10.66
N PHE D 122 -28.97 6.33 10.02
CA PHE D 122 -30.34 6.84 10.09
C PHE D 122 -30.90 6.98 8.67
N LEU D 123 -30.95 5.85 7.98
CA LEU D 123 -31.26 5.81 6.56
C LEU D 123 -32.69 5.33 6.26
N THR D 124 -33.61 5.63 7.17
CA THR D 124 -35.04 5.50 6.93
C THR D 124 -35.72 6.82 7.26
N LYS D 125 -36.87 7.07 6.64
CA LYS D 125 -37.73 8.21 6.95
C LYS D 125 -38.06 8.29 8.44
N GLU D 126 -38.39 7.16 9.07
CA GLU D 126 -38.77 7.18 10.50
C GLU D 126 -37.64 7.71 11.36
N LYS D 127 -36.42 7.29 11.05
CA LYS D 127 -35.25 7.67 11.83
C LYS D 127 -34.82 9.11 11.54
N ALA D 128 -34.70 9.47 10.26
CA ALA D 128 -34.29 10.83 9.88
C ALA D 128 -35.32 11.88 10.31
N GLN D 129 -36.59 11.49 10.32
CA GLN D 129 -37.68 12.35 10.80
C GLN D 129 -37.40 12.93 12.18
N ALA D 130 -36.74 12.14 13.04
CA ALA D 130 -36.45 12.54 14.42
C ALA D 130 -35.64 13.84 14.53
N HIS D 131 -34.95 14.23 13.45
CA HIS D 131 -34.21 15.49 13.41
C HIS D 131 -35.09 16.74 13.33
N LEU D 132 -36.39 16.56 13.08
CA LEU D 132 -37.24 17.66 12.65
C LEU D 132 -38.36 18.03 13.61
N THR D 133 -38.14 17.90 14.92
CA THR D 133 -39.20 18.21 15.89
C THR D 133 -38.97 19.50 16.68
N ASN D 134 -37.86 20.19 16.45
CA ASN D 134 -37.55 21.42 17.19
C ASN D 134 -37.19 22.66 16.32
N GLY D 135 -37.45 22.59 15.01
CA GLY D 135 -37.33 23.78 14.15
C GLY D 135 -36.68 23.60 12.80
N ALA D 136 -35.95 22.51 12.61
CA ALA D 136 -35.32 22.23 11.32
C ALA D 136 -36.41 21.82 10.31
N LYS D 137 -36.09 22.00 9.01
CA LYS D 137 -37.08 21.87 7.94
C LYS D 137 -36.97 20.54 7.17
N LYS D 138 -35.77 20.17 6.74
CA LYS D 138 -35.57 18.97 5.93
C LYS D 138 -34.24 18.25 6.18
N VAL D 139 -34.18 16.98 5.80
CA VAL D 139 -33.00 16.13 5.96
C VAL D 139 -32.56 15.54 4.61
N ILE D 140 -31.26 15.66 4.33
CA ILE D 140 -30.61 15.00 3.21
C ILE D 140 -29.70 13.87 3.69
N MET D 141 -30.08 12.62 3.43
CA MET D 141 -29.25 11.46 3.74
C MET D 141 -28.04 11.44 2.83
N SER D 142 -26.86 11.21 3.41
CA SER D 142 -25.62 11.08 2.64
C SER D 142 -25.39 9.62 2.20
N ALA D 143 -26.46 8.87 1.99
CA ALA D 143 -26.36 7.53 1.44
C ALA D 143 -27.69 7.14 0.84
N PRO D 144 -27.73 6.05 0.07
CA PRO D 144 -28.98 5.53 -0.42
C PRO D 144 -29.86 5.07 0.76
N PRO D 145 -31.16 5.41 0.72
CA PRO D 145 -32.07 5.02 1.81
C PRO D 145 -32.31 3.53 1.88
N LYS D 146 -32.66 3.05 3.07
CA LYS D 146 -33.07 1.67 3.27
C LYS D 146 -34.56 1.49 3.00
N ASP D 147 -35.26 2.59 2.75
CA ASP D 147 -36.69 2.57 2.42
C ASP D 147 -36.95 3.31 1.09
N ASP D 148 -38.17 3.81 0.90
CA ASP D 148 -38.58 4.51 -0.33
C ASP D 148 -38.37 6.03 -0.31
N THR D 149 -37.55 6.53 0.61
CA THR D 149 -37.16 7.93 0.58
C THR D 149 -36.63 8.26 -0.83
N PRO D 150 -37.05 9.39 -1.41
CA PRO D 150 -36.60 9.73 -2.76
C PRO D 150 -35.12 10.11 -2.84
N MET D 151 -34.42 9.59 -3.86
CA MET D 151 -33.03 9.94 -4.11
C MET D 151 -32.95 10.93 -5.27
N PHE D 152 -32.03 11.88 -5.15
CA PHE D 152 -31.77 12.86 -6.21
C PHE D 152 -30.29 12.88 -6.53
N VAL D 153 -30.00 13.06 -7.81
CA VAL D 153 -28.65 13.20 -8.31
C VAL D 153 -28.64 14.54 -9.03
N MET D 154 -27.84 15.49 -8.54
CA MET D 154 -27.80 16.79 -9.18
C MET D 154 -27.39 16.66 -10.63
N GLY D 155 -28.06 17.41 -11.50
CA GLY D 155 -27.83 17.38 -12.93
C GLY D 155 -28.57 16.26 -13.64
N VAL D 156 -29.18 15.33 -12.91
CA VAL D 156 -29.93 14.22 -13.54
C VAL D 156 -31.45 14.26 -13.25
N ASN D 157 -31.84 14.29 -11.98
CA ASN D 157 -33.26 14.28 -11.66
C ASN D 157 -33.67 15.25 -10.55
N ASN D 158 -32.80 16.20 -10.20
CA ASN D 158 -33.12 17.10 -9.10
C ASN D 158 -34.31 18.01 -9.41
N ASP D 159 -34.63 18.20 -10.68
CA ASP D 159 -35.87 18.92 -11.02
C ASP D 159 -37.15 18.16 -10.60
N GLN D 160 -36.99 16.92 -10.16
CA GLN D 160 -38.12 16.14 -9.64
C GLN D 160 -38.42 16.41 -8.19
N TYR D 161 -37.49 17.03 -7.47
CA TYR D 161 -37.71 17.36 -6.06
C TYR D 161 -38.90 18.30 -5.87
N LYS D 162 -39.68 18.06 -4.83
CA LYS D 162 -40.77 18.94 -4.44
C LYS D 162 -40.55 19.42 -3.03
N SER D 163 -41.11 20.58 -2.71
CA SER D 163 -40.95 21.16 -1.38
C SER D 163 -41.68 20.37 -0.28
N SER D 164 -42.52 19.41 -0.66
CA SER D 164 -43.13 18.49 0.30
C SER D 164 -42.25 17.27 0.61
N ASP D 165 -41.14 17.10 -0.12
CA ASP D 165 -40.17 16.04 0.17
C ASP D 165 -39.30 16.40 1.37
N VAL D 166 -39.79 16.08 2.57
CA VAL D 166 -39.15 16.48 3.82
C VAL D 166 -37.85 15.73 4.08
N ILE D 167 -37.82 14.44 3.75
CA ILE D 167 -36.64 13.61 3.88
C ILE D 167 -36.25 13.15 2.49
N VAL D 168 -34.98 13.35 2.13
CA VAL D 168 -34.49 13.00 0.82
C VAL D 168 -33.12 12.38 0.99
N SER D 169 -32.62 11.78 -0.08
CA SER D 169 -31.29 11.19 -0.12
C SER D 169 -30.54 11.71 -1.34
N ASN D 170 -29.23 11.89 -1.20
CA ASN D 170 -28.35 12.28 -2.32
C ASN D 170 -27.72 11.04 -2.98
N ALA D 171 -28.32 9.87 -2.76
CA ALA D 171 -27.81 8.60 -3.31
C ALA D 171 -26.39 8.27 -2.82
N SER D 172 -25.64 7.56 -3.65
CA SER D 172 -24.25 7.22 -3.33
C SER D 172 -23.28 7.94 -4.26
N CYS D 173 -22.00 7.87 -3.95
CA CYS D 173 -20.95 8.38 -4.83
C CYS D 173 -20.98 7.73 -6.23
N THR D 174 -21.12 6.41 -6.23
CA THR D 174 -21.12 5.62 -7.46
C THR D 174 -22.33 5.96 -8.33
N THR D 175 -23.50 6.09 -7.70
CA THR D 175 -24.72 6.48 -8.43
C THR D 175 -24.61 7.89 -9.04
N ASN D 176 -23.99 8.81 -8.30
CA ASN D 176 -23.66 10.13 -8.85
C ASN D 176 -22.65 10.09 -10.00
N CYS D 177 -21.77 9.10 -10.02
CA CYS D 177 -20.85 8.95 -11.13
C CYS D 177 -21.55 8.36 -12.34
N LEU D 178 -22.27 7.26 -12.14
CA LEU D 178 -22.87 6.51 -13.22
C LEU D 178 -24.11 7.20 -13.83
N ALA D 179 -24.98 7.75 -13.00
CA ALA D 179 -26.27 8.28 -13.52
C ALA D 179 -26.09 9.35 -14.62
N PRO D 180 -25.17 10.30 -14.44
CA PRO D 180 -25.02 11.28 -15.50
C PRO D 180 -24.52 10.66 -16.80
N LEU D 181 -23.56 9.74 -16.73
CA LEU D 181 -23.07 9.04 -17.94
C LEU D 181 -24.17 8.23 -18.59
N ALA D 182 -24.92 7.48 -17.76
CA ALA D 182 -26.04 6.70 -18.28
C ALA D 182 -27.12 7.58 -18.93
N LYS D 183 -27.38 8.77 -18.38
CA LYS D 183 -28.44 9.60 -18.95
C LYS D 183 -28.05 10.03 -20.35
N ILE D 184 -26.81 10.50 -20.50
CA ILE D 184 -26.30 10.95 -21.78
C ILE D 184 -26.34 9.83 -22.83
N VAL D 185 -25.85 8.65 -22.48
CA VAL D 185 -25.82 7.54 -23.44
C VAL D 185 -27.26 7.05 -23.81
N HIS D 186 -28.10 6.91 -22.79
CA HIS D 186 -29.49 6.48 -22.99
C HIS D 186 -30.25 7.50 -23.85
N ASP D 187 -30.09 8.79 -23.55
CA ASP D 187 -30.75 9.86 -24.33
C ASP D 187 -30.32 9.93 -25.79
N LYS D 188 -29.04 9.70 -26.08
CA LYS D 188 -28.49 9.85 -27.42
C LYS D 188 -28.55 8.56 -28.24
N PHE D 189 -28.31 7.42 -27.60
CA PHE D 189 -28.23 6.13 -28.29
C PHE D 189 -29.21 5.06 -27.79
N GLY D 190 -29.69 5.20 -26.55
CA GLY D 190 -30.60 4.23 -25.95
C GLY D 190 -29.77 3.10 -25.39
N ILE D 191 -29.87 2.87 -24.09
CA ILE D 191 -29.25 1.70 -23.46
C ILE D 191 -30.27 0.55 -23.48
N VAL D 192 -29.91 -0.54 -24.12
CA VAL D 192 -30.76 -1.73 -24.14
C VAL D 192 -30.60 -2.50 -22.82
N GLU D 193 -29.34 -2.66 -22.42
CA GLU D 193 -29.00 -3.26 -21.14
C GLU D 193 -27.57 -2.93 -20.77
N GLY D 194 -27.28 -2.86 -19.48
CA GLY D 194 -25.93 -2.54 -19.04
C GLY D 194 -25.57 -3.21 -17.74
N LEU D 195 -24.30 -3.54 -17.59
CA LEU D 195 -23.74 -4.08 -16.34
C LEU D 195 -22.52 -3.26 -15.96
N MET D 196 -22.46 -2.88 -14.69
CA MET D 196 -21.43 -1.95 -14.18
C MET D 196 -20.50 -2.60 -13.17
N THR D 197 -19.23 -2.28 -13.23
CA THR D 197 -18.31 -2.52 -12.11
C THR D 197 -17.71 -1.20 -11.64
N THR D 198 -17.69 -0.99 -10.32
CA THR D 198 -16.86 0.07 -9.78
C THR D 198 -15.63 -0.52 -9.08
N VAL D 199 -14.45 -0.07 -9.51
CA VAL D 199 -13.20 -0.36 -8.84
C VAL D 199 -13.06 0.78 -7.84
N HIS D 200 -13.22 0.46 -6.56
CA HIS D 200 -13.54 1.47 -5.58
C HIS D 200 -12.46 1.59 -4.53
N ALA D 201 -12.23 2.82 -4.09
CA ALA D 201 -11.32 3.12 -2.99
C ALA D 201 -11.82 2.49 -1.69
N MET D 202 -10.92 2.33 -0.72
CA MET D 202 -11.23 1.81 0.61
C MET D 202 -12.09 2.79 1.39
N THR D 203 -12.93 2.27 2.27
CA THR D 203 -13.82 3.11 3.09
C THR D 203 -13.76 2.74 4.57
N ALA D 204 -14.43 3.53 5.38
CA ALA D 204 -14.37 3.43 6.85
C ALA D 204 -14.89 2.10 7.43
N ASN D 205 -15.79 1.43 6.70
CA ASN D 205 -16.35 0.13 7.13
C ASN D 205 -15.41 -1.07 6.95
N GLN D 206 -14.31 -0.87 6.22
CA GLN D 206 -13.31 -1.93 6.07
C GLN D 206 -12.31 -1.95 7.25
N LEU D 207 -11.52 -3.00 7.31
CA LEU D 207 -10.60 -3.24 8.42
C LEU D 207 -9.14 -3.24 7.95
N THR D 208 -8.25 -2.85 8.85
CA THR D 208 -6.81 -2.79 8.58
C THR D 208 -6.19 -4.19 8.46
N VAL D 209 -6.64 -5.10 9.33
CA VAL D 209 -6.26 -6.50 9.28
C VAL D 209 -7.51 -7.41 9.34
N ASP D 210 -7.37 -8.68 8.98
CA ASP D 210 -8.48 -9.63 8.95
C ASP D 210 -9.20 -9.68 10.27
N GLY D 211 -10.49 -9.35 10.26
CA GLY D 211 -11.33 -9.45 11.47
C GLY D 211 -12.82 -9.51 11.14
N PRO D 212 -13.66 -9.54 12.19
CA PRO D 212 -15.08 -9.70 11.92
C PRO D 212 -15.72 -8.40 11.46
N SER D 213 -16.45 -8.45 10.34
CA SER D 213 -17.21 -7.28 9.90
C SER D 213 -18.31 -7.02 10.94
N LYS D 214 -18.71 -5.77 11.09
CA LYS D 214 -19.82 -5.41 12.03
C LYS D 214 -21.12 -6.11 11.60
N GLY D 215 -21.86 -6.63 12.58
CA GLY D 215 -23.08 -7.40 12.30
C GLY D 215 -22.86 -8.71 11.55
N GLY D 216 -21.61 -9.02 11.22
CA GLY D 216 -21.30 -10.17 10.35
C GLY D 216 -21.90 -10.06 8.96
N LYS D 217 -22.18 -8.83 8.52
CA LYS D 217 -22.81 -8.61 7.22
C LYS D 217 -22.01 -9.26 6.08
N ASP D 218 -20.87 -8.65 5.81
CA ASP D 218 -20.15 -8.78 4.55
C ASP D 218 -18.76 -9.26 4.91
N TRP D 219 -18.53 -10.57 4.88
CA TRP D 219 -17.26 -11.13 5.36
C TRP D 219 -16.03 -10.65 4.59
N ARG D 220 -16.18 -10.43 3.29
CA ARG D 220 -15.07 -9.99 2.49
C ARG D 220 -14.56 -8.60 2.93
N ALA D 221 -15.47 -7.72 3.34
CA ALA D 221 -15.12 -6.36 3.82
C ALA D 221 -14.26 -6.39 5.08
N GLY D 222 -14.32 -7.50 5.81
CA GLY D 222 -13.57 -7.69 7.04
C GLY D 222 -12.14 -8.13 6.85
N ARG D 223 -11.74 -8.35 5.60
CA ARG D 223 -10.40 -8.82 5.28
C ARG D 223 -9.49 -7.62 5.02
N SER D 224 -8.21 -7.80 5.33
CA SER D 224 -7.24 -6.71 5.31
C SER D 224 -7.37 -5.84 4.07
N ALA D 225 -7.69 -4.57 4.29
CA ALA D 225 -7.95 -3.65 3.17
C ALA D 225 -6.71 -3.44 2.31
N GLY D 226 -5.58 -3.17 2.95
CA GLY D 226 -4.35 -2.77 2.26
C GLY D 226 -3.73 -3.80 1.33
N VAL D 227 -4.07 -5.07 1.50
CA VAL D 227 -3.41 -6.14 0.74
C VAL D 227 -4.32 -7.00 -0.14
N ASN D 228 -5.58 -6.59 -0.28
CA ASN D 228 -6.58 -7.37 -1.00
C ASN D 228 -7.37 -6.57 -2.03
N ILE D 229 -7.69 -7.25 -3.14
CA ILE D 229 -8.78 -6.88 -4.02
C ILE D 229 -9.99 -7.62 -3.42
N ILE D 230 -11.04 -6.88 -3.11
CA ILE D 230 -12.18 -7.38 -2.32
C ILE D 230 -13.50 -7.16 -3.06
N PRO D 231 -14.10 -8.24 -3.59
CA PRO D 231 -15.39 -8.08 -4.22
C PRO D 231 -16.43 -7.57 -3.23
N ALA D 232 -17.40 -6.82 -3.75
CA ALA D 232 -18.45 -6.26 -2.93
C ALA D 232 -19.71 -6.04 -3.74
N SER D 233 -20.85 -6.23 -3.08
CA SER D 233 -22.16 -5.88 -3.64
C SER D 233 -22.36 -4.38 -3.60
N THR D 234 -23.19 -3.89 -4.51
CA THR D 234 -23.59 -2.49 -4.52
C THR D 234 -24.94 -2.34 -5.22
N GLY D 235 -25.86 -1.58 -4.62
CA GLY D 235 -27.14 -1.27 -5.26
C GLY D 235 -27.07 -0.07 -6.21
N ALA D 236 -25.87 0.48 -6.41
CA ALA D 236 -25.72 1.78 -7.05
C ALA D 236 -26.15 1.82 -8.52
N ALA D 237 -25.93 0.74 -9.29
CA ALA D 237 -26.35 0.71 -10.69
C ALA D 237 -27.85 0.52 -10.81
N LYS D 238 -28.38 -0.35 -9.95
CA LYS D 238 -29.82 -0.53 -9.86
C LYS D 238 -30.54 0.77 -9.45
N ALA D 239 -29.93 1.51 -8.51
CA ALA D 239 -30.42 2.82 -8.08
C ALA D 239 -30.55 3.83 -9.24
N VAL D 240 -29.69 3.72 -10.25
CA VAL D 240 -29.81 4.57 -11.44
C VAL D 240 -31.18 4.39 -12.09
N GLY D 241 -31.71 3.17 -12.01
CA GLY D 241 -33.09 2.87 -12.39
C GLY D 241 -34.17 3.68 -11.69
N LYS D 242 -33.88 4.16 -10.48
CA LYS D 242 -34.81 5.06 -9.78
C LYS D 242 -34.60 6.52 -10.16
N ILE D 243 -33.36 6.89 -10.44
CA ILE D 243 -33.01 8.23 -10.87
C ILE D 243 -33.52 8.44 -12.29
N ILE D 244 -33.33 7.39 -13.12
CA ILE D 244 -33.71 7.40 -14.52
C ILE D 244 -34.69 6.24 -14.73
N PRO D 245 -35.98 6.46 -14.43
CA PRO D 245 -36.99 5.41 -14.42
C PRO D 245 -37.02 4.48 -15.63
N SER D 246 -36.79 4.99 -16.84
CA SER D 246 -36.79 4.12 -18.03
C SER D 246 -35.69 3.06 -18.03
N LEU D 247 -34.71 3.16 -17.14
CA LEU D 247 -33.65 2.18 -17.00
C LEU D 247 -33.87 1.22 -15.85
N ASN D 248 -34.99 1.34 -15.16
CA ASN D 248 -35.33 0.36 -14.14
C ASN D 248 -35.32 -1.05 -14.75
N GLY D 249 -34.59 -1.97 -14.13
CA GLY D 249 -34.45 -3.34 -14.62
C GLY D 249 -33.45 -3.51 -15.76
N LYS D 250 -32.78 -2.43 -16.17
CA LYS D 250 -31.86 -2.48 -17.32
C LYS D 250 -30.38 -2.33 -16.92
N LEU D 251 -30.14 -2.01 -15.66
CA LEU D 251 -28.80 -1.82 -15.15
C LEU D 251 -28.64 -2.51 -13.81
N THR D 252 -27.51 -3.16 -13.62
CA THR D 252 -27.03 -3.48 -12.29
C THR D 252 -25.52 -3.62 -12.30
N GLY D 253 -24.96 -4.12 -11.23
CA GLY D 253 -23.52 -4.26 -11.17
C GLY D 253 -22.98 -4.69 -9.82
N MET D 254 -21.69 -4.47 -9.63
CA MET D 254 -20.97 -4.83 -8.39
C MET D 254 -19.69 -4.03 -8.30
N ALA D 255 -18.93 -4.28 -7.24
CA ALA D 255 -17.70 -3.53 -6.96
C ALA D 255 -16.51 -4.42 -6.59
N PHE D 256 -15.32 -3.89 -6.82
CA PHE D 256 -14.08 -4.42 -6.22
C PHE D 256 -13.44 -3.28 -5.44
N ARG D 257 -13.23 -3.49 -4.15
CA ARG D 257 -12.55 -2.54 -3.29
C ARG D 257 -11.05 -2.85 -3.40
N VAL D 258 -10.25 -1.81 -3.64
CA VAL D 258 -8.81 -1.96 -3.87
C VAL D 258 -8.01 -0.97 -3.01
N PRO D 259 -6.72 -1.24 -2.80
CA PRO D 259 -5.95 -0.46 -1.81
C PRO D 259 -5.51 0.96 -2.21
N VAL D 260 -6.47 1.85 -2.46
CA VAL D 260 -6.19 3.28 -2.47
C VAL D 260 -7.16 3.96 -1.48
N PRO D 261 -6.73 5.07 -0.86
CA PRO D 261 -7.51 5.69 0.21
C PRO D 261 -8.69 6.54 -0.28
N ASP D 262 -8.67 6.92 -1.56
CA ASP D 262 -9.76 7.72 -2.19
C ASP D 262 -9.61 7.66 -3.73
N VAL D 263 -10.69 8.02 -4.40
CA VAL D 263 -10.86 7.98 -5.86
C VAL D 263 -11.23 6.58 -6.36
N SER D 264 -12.30 6.54 -7.16
CA SER D 264 -12.82 5.29 -7.69
C SER D 264 -13.10 5.48 -9.15
N VAL D 265 -13.46 4.40 -9.83
CA VAL D 265 -13.76 4.47 -11.25
C VAL D 265 -14.92 3.53 -11.67
N VAL D 266 -15.85 4.08 -12.46
CA VAL D 266 -16.97 3.30 -13.02
C VAL D 266 -16.55 2.73 -14.36
N ASP D 267 -16.92 1.46 -14.54
CA ASP D 267 -16.66 0.66 -15.72
C ASP D 267 -18.04 0.15 -16.15
N LEU D 268 -18.61 0.78 -17.18
CA LEU D 268 -19.97 0.43 -17.62
C LEU D 268 -19.93 -0.29 -18.95
N THR D 269 -20.44 -1.51 -18.97
CA THR D 269 -20.54 -2.29 -20.19
C THR D 269 -22.01 -2.31 -20.60
N CYS D 270 -22.32 -1.72 -21.76
CA CYS D 270 -23.72 -1.65 -22.21
C CYS D 270 -23.92 -1.87 -23.69
N LYS D 271 -25.09 -2.39 -24.02
CA LYS D 271 -25.55 -2.57 -25.38
C LYS D 271 -26.38 -1.32 -25.72
N LEU D 272 -26.10 -0.71 -26.88
CA LEU D 272 -26.80 0.49 -27.38
C LEU D 272 -27.93 0.08 -28.30
N ALA D 273 -29.03 0.84 -28.30
CA ALA D 273 -30.17 0.55 -29.21
C ALA D 273 -29.89 1.04 -30.64
N LYS D 274 -29.05 2.06 -30.73
CA LYS D 274 -28.74 2.76 -31.97
C LYS D 274 -27.22 2.60 -32.16
N PRO D 275 -26.76 2.28 -33.38
CA PRO D 275 -25.33 2.19 -33.63
C PRO D 275 -24.61 3.52 -33.51
N ALA D 276 -23.40 3.46 -32.98
CA ALA D 276 -22.57 4.65 -32.76
C ALA D 276 -21.11 4.35 -33.09
N LYS D 277 -20.43 5.34 -33.65
CA LYS D 277 -18.98 5.40 -33.61
C LYS D 277 -18.59 5.89 -32.23
N TYR D 278 -17.44 5.45 -31.71
CA TYR D 278 -16.97 5.91 -30.41
C TYR D 278 -16.89 7.43 -30.32
N GLU D 279 -16.49 8.09 -31.40
CA GLU D 279 -16.41 9.56 -31.43
C GLU D 279 -17.78 10.23 -31.18
N ASP D 280 -18.86 9.58 -31.61
CA ASP D 280 -20.21 10.07 -31.35
C ASP D 280 -20.52 10.06 -29.83
N ILE D 281 -20.03 9.04 -29.13
CA ILE D 281 -20.26 9.00 -27.69
C ILE D 281 -19.44 10.08 -26.99
N VAL D 282 -18.18 10.24 -27.39
CA VAL D 282 -17.31 11.29 -26.85
C VAL D 282 -17.95 12.67 -27.05
N ALA D 283 -18.43 12.93 -28.26
CA ALA D 283 -19.05 14.22 -28.58
C ALA D 283 -20.26 14.50 -27.70
N ALA D 284 -21.08 13.49 -27.44
CA ALA D 284 -22.27 13.64 -26.63
C ALA D 284 -21.89 13.97 -25.18
N VAL D 285 -20.85 13.32 -24.66
CA VAL D 285 -20.38 13.61 -23.30
C VAL D 285 -19.84 15.03 -23.25
N LYS D 286 -18.95 15.36 -24.17
CA LYS D 286 -18.39 16.71 -24.24
C LYS D 286 -19.50 17.79 -24.30
N GLU D 287 -20.53 17.53 -25.07
CA GLU D 287 -21.64 18.48 -25.19
C GLU D 287 -22.31 18.68 -23.83
N ALA D 288 -22.55 17.59 -23.12
CA ALA D 288 -23.24 17.64 -21.83
C ALA D 288 -22.37 18.32 -20.76
N ALA D 289 -21.06 18.21 -20.92
CA ALA D 289 -20.11 18.80 -19.99
C ALA D 289 -19.98 20.30 -20.18
N THR D 290 -20.27 20.77 -21.40
CA THR D 290 -19.98 22.15 -21.80
C THR D 290 -21.13 23.13 -21.45
N SER D 291 -22.37 22.70 -21.64
CA SER D 291 -23.51 23.55 -21.26
C SER D 291 -24.76 22.73 -20.96
N GLY D 292 -25.64 23.31 -20.16
CA GLY D 292 -26.84 22.62 -19.71
C GLY D 292 -26.75 22.18 -18.26
N PRO D 293 -27.69 21.33 -17.82
CA PRO D 293 -27.78 20.91 -16.42
C PRO D 293 -26.64 20.05 -15.87
N MET D 294 -25.82 19.44 -16.73
CA MET D 294 -24.67 18.65 -16.26
C MET D 294 -23.34 19.38 -16.33
N LYS D 295 -23.37 20.66 -16.67
CA LYS D 295 -22.20 21.52 -16.60
C LYS D 295 -21.76 21.59 -15.14
N GLY D 296 -20.50 21.28 -14.86
CA GLY D 296 -20.03 21.20 -13.47
C GLY D 296 -20.35 19.85 -12.80
N ILE D 297 -21.04 18.96 -13.51
CA ILE D 297 -21.40 17.64 -12.96
C ILE D 297 -20.60 16.55 -13.67
N ILE D 298 -20.70 16.54 -14.99
CA ILE D 298 -19.94 15.61 -15.79
C ILE D 298 -18.82 16.38 -16.45
N SER D 299 -17.68 15.71 -16.65
CA SER D 299 -16.58 16.28 -17.41
C SER D 299 -15.89 15.15 -18.15
N TYR D 300 -14.78 15.46 -18.79
CA TYR D 300 -14.07 14.49 -19.62
C TYR D 300 -12.58 14.82 -19.63
N THR D 301 -11.81 13.84 -20.06
CA THR D 301 -10.40 14.00 -20.32
C THR D 301 -10.01 13.07 -21.46
N ASP D 302 -9.07 13.50 -22.30
CA ASP D 302 -8.42 12.62 -23.29
C ASP D 302 -6.94 12.44 -22.97
N GLU D 303 -6.60 12.61 -21.70
CA GLU D 303 -5.21 12.47 -21.27
C GLU D 303 -5.03 11.16 -20.51
N GLU D 304 -3.77 10.78 -20.30
CA GLU D 304 -3.40 9.47 -19.76
C GLU D 304 -3.44 9.47 -18.23
N VAL D 305 -4.64 9.70 -17.71
CA VAL D 305 -4.83 9.97 -16.29
C VAL D 305 -4.83 8.68 -15.46
N VAL D 306 -4.55 8.84 -14.18
CA VAL D 306 -4.68 7.77 -13.21
C VAL D 306 -5.40 8.33 -11.99
N SER D 307 -5.73 7.47 -11.04
CA SER D 307 -6.69 7.85 -9.99
C SER D 307 -6.25 9.04 -9.15
N SER D 308 -4.96 9.15 -8.85
CA SER D 308 -4.51 10.27 -8.01
C SER D 308 -4.74 11.61 -8.69
N ASP D 309 -4.92 11.61 -10.00
CA ASP D 309 -5.18 12.84 -10.74
C ASP D 309 -6.56 13.43 -10.43
N PHE D 310 -7.43 12.64 -9.79
CA PHE D 310 -8.75 13.11 -9.39
C PHE D 310 -8.88 13.35 -7.89
N VAL D 311 -7.77 13.31 -7.14
CA VAL D 311 -7.86 13.65 -5.73
C VAL D 311 -8.28 15.11 -5.64
N HIS D 312 -9.37 15.35 -4.92
CA HIS D 312 -9.94 16.69 -4.76
C HIS D 312 -10.52 17.28 -6.04
N CYS D 313 -11.03 16.40 -6.91
CA CYS D 313 -11.75 16.81 -8.10
C CYS D 313 -13.24 16.89 -7.77
N LYS D 314 -13.85 18.02 -8.10
CA LYS D 314 -15.21 18.30 -7.69
C LYS D 314 -16.30 17.61 -8.52
N PHE D 315 -15.98 17.15 -9.73
CA PHE D 315 -17.02 16.61 -10.64
C PHE D 315 -17.61 15.31 -10.10
N SER D 316 -18.85 15.04 -10.46
CA SER D 316 -19.50 13.77 -10.13
C SER D 316 -18.96 12.64 -10.99
N SER D 317 -18.52 12.97 -12.20
CA SER D 317 -18.18 11.96 -13.22
C SER D 317 -17.24 12.57 -14.27
N VAL D 318 -16.04 12.00 -14.41
CA VAL D 318 -15.11 12.43 -15.45
C VAL D 318 -14.88 11.31 -16.46
N PHE D 319 -15.44 11.49 -17.66
CA PHE D 319 -15.39 10.46 -18.68
C PHE D 319 -13.96 10.32 -19.23
N ASP D 320 -13.44 9.09 -19.23
CA ASP D 320 -12.04 8.86 -19.64
C ASP D 320 -12.06 8.45 -21.10
N ILE D 321 -11.82 9.40 -21.99
CA ILE D 321 -12.00 9.17 -23.42
C ILE D 321 -11.13 8.00 -23.88
N ASN D 322 -9.83 8.04 -23.57
CA ASN D 322 -8.91 7.00 -24.07
C ASN D 322 -8.96 5.66 -23.37
N ALA D 323 -9.60 5.56 -22.19
CA ALA D 323 -9.65 4.29 -21.46
C ALA D 323 -10.74 3.36 -22.01
N GLY D 324 -11.76 3.93 -22.65
CA GLY D 324 -12.90 3.12 -23.09
C GLY D 324 -12.62 2.31 -24.34
N ILE D 325 -13.45 1.32 -24.61
CA ILE D 325 -13.29 0.47 -25.79
C ILE D 325 -14.64 -0.03 -26.33
N MET D 326 -14.80 0.02 -27.65
CA MET D 326 -15.96 -0.56 -28.31
C MET D 326 -15.57 -1.86 -29.00
N LEU D 327 -16.32 -2.92 -28.72
CA LEU D 327 -16.19 -4.15 -29.47
C LEU D 327 -16.73 -3.95 -30.88
N ASN D 328 -17.88 -3.30 -30.98
CA ASN D 328 -18.59 -3.08 -32.24
C ASN D 328 -19.54 -1.90 -32.03
N ASP D 329 -20.30 -1.52 -33.06
CA ASP D 329 -21.00 -0.23 -33.00
C ASP D 329 -22.23 -0.20 -32.09
N THR D 330 -22.55 -1.31 -31.43
CA THR D 330 -23.58 -1.32 -30.39
C THR D 330 -23.12 -1.88 -29.03
N PHE D 331 -21.85 -2.24 -28.87
CA PHE D 331 -21.43 -2.89 -27.64
C PHE D 331 -20.10 -2.31 -27.15
N VAL D 332 -20.14 -1.67 -25.99
CA VAL D 332 -19.11 -0.71 -25.60
C VAL D 332 -18.88 -0.74 -24.10
N LYS D 333 -17.66 -0.44 -23.71
CA LYS D 333 -17.23 -0.35 -22.33
C LYS D 333 -16.75 1.08 -22.06
N LEU D 334 -17.47 1.78 -21.19
CA LEU D 334 -17.23 3.19 -20.89
C LEU D 334 -16.62 3.36 -19.50
N VAL D 335 -15.65 4.26 -19.39
CA VAL D 335 -14.92 4.48 -18.14
C VAL D 335 -15.07 5.91 -17.62
N SER D 336 -15.44 6.05 -16.34
CA SER D 336 -15.60 7.39 -15.75
C SER D 336 -15.13 7.46 -14.29
N TRP D 337 -14.26 8.44 -14.00
CA TRP D 337 -13.67 8.63 -12.68
C TRP D 337 -14.54 9.43 -11.74
N TYR D 338 -14.31 9.22 -10.43
CA TYR D 338 -14.91 10.06 -9.39
C TYR D 338 -14.18 10.02 -8.06
N ASP D 339 -13.93 11.22 -7.51
CA ASP D 339 -13.49 11.33 -6.14
C ASP D 339 -14.72 11.04 -5.29
N ASN D 340 -14.81 9.80 -4.83
CA ASN D 340 -15.98 9.34 -4.06
C ASN D 340 -16.26 10.20 -2.84
N GLU D 341 -15.23 10.77 -2.23
CA GLU D 341 -15.37 11.64 -1.08
C GLU D 341 -15.81 13.08 -1.43
N TRP D 342 -15.03 13.74 -2.28
CA TRP D 342 -15.13 15.19 -2.49
C TRP D 342 -16.25 15.54 -3.48
N GLY D 343 -16.34 14.78 -4.57
CA GLY D 343 -17.39 14.99 -5.56
C GLY D 343 -18.75 14.88 -4.90
N TYR D 344 -18.97 13.74 -4.24
CA TYR D 344 -20.22 13.49 -3.52
C TYR D 344 -20.54 14.58 -2.49
N SER D 345 -19.54 14.98 -1.70
CA SER D 345 -19.76 15.98 -0.67
C SER D 345 -20.19 17.33 -1.26
N ASN D 346 -19.59 17.72 -2.39
CA ASN D 346 -20.01 18.94 -3.11
C ASN D 346 -21.42 18.86 -3.68
N ARG D 347 -21.78 17.69 -4.21
CA ARG D 347 -23.13 17.46 -4.72
C ARG D 347 -24.15 17.57 -3.60
N LEU D 348 -23.84 17.02 -2.45
CA LEU D 348 -24.79 17.06 -1.33
C LEU D 348 -25.07 18.50 -0.91
N VAL D 349 -24.02 19.31 -0.83
CA VAL D 349 -24.20 20.72 -0.44
C VAL D 349 -25.03 21.45 -1.51
N GLU D 350 -24.74 21.16 -2.77
CA GLU D 350 -25.49 21.74 -3.88
C GLU D 350 -26.96 21.33 -3.88
N LEU D 351 -27.24 20.08 -3.49
CA LEU D 351 -28.62 19.62 -3.34
C LEU D 351 -29.29 20.36 -2.19
N ALA D 352 -28.58 20.55 -1.08
CA ALA D 352 -29.17 21.30 0.05
C ALA D 352 -29.49 22.72 -0.38
N HIS D 353 -28.57 23.34 -1.10
CA HIS D 353 -28.79 24.71 -1.56
C HIS D 353 -29.93 24.77 -2.58
N TYR D 354 -29.99 23.80 -3.48
CA TYR D 354 -31.06 23.70 -4.47
C TYR D 354 -32.42 23.60 -3.79
N MET D 355 -32.52 22.75 -2.78
CA MET D 355 -33.79 22.63 -2.04
C MET D 355 -34.16 23.96 -1.38
N SER D 356 -33.16 24.64 -0.81
CA SER D 356 -33.43 25.89 -0.10
C SER D 356 -33.98 26.97 -1.03
N VAL D 357 -33.48 27.02 -2.27
CA VAL D 357 -33.96 27.97 -3.25
C VAL D 357 -35.40 27.64 -3.62
N GLN D 358 -35.63 26.37 -3.93
CA GLN D 358 -36.96 25.92 -4.37
C GLN D 358 -37.99 26.15 -3.27
N ASP D 359 -37.62 25.88 -2.03
CA ASP D 359 -38.52 26.06 -0.88
C ASP D 359 -38.83 27.53 -0.59
N GLY D 360 -38.03 28.46 -1.11
CA GLY D 360 -38.30 29.90 -0.93
C GLY D 360 -37.83 30.40 0.43
#